data_6GG0
#
_entry.id   6GG0
#
_cell.length_a   1.00
_cell.length_b   1.00
_cell.length_c   1.00
_cell.angle_alpha   90.00
_cell.angle_beta   90.00
_cell.angle_gamma   90.00
#
_symmetry.space_group_name_H-M   'P 1'
#
loop_
_entity.id
_entity.type
_entity.pdbx_description
1 polymer 'Capsid protein VP1'
2 polymer 'Heavy chain'
3 polymer 'light chain'
#
loop_
_entity_poly.entity_id
_entity_poly.type
_entity_poly.pdbx_seq_one_letter_code
_entity_poly.pdbx_strand_id
1 'polypeptide(L)'
;MAPTKRKGECPGAAPKKPKEPVQVPKLLIKGGVEVLEVKTGVDAITEVECFLNPEMGDPDENLRGFSLKLSAENDFSSDS
PERKMLPCYSTARIPLPNLNEDLTCGNLLMWEAVTVQTEVIGITSMLNLHAGSQKVHEHGGGKPIQGSNFHFFAVGGDPL
EMQGVLMNYRTKYPDGTITPKNPTAQSQVMNTDHKAYLDKNNAYPVECWVPDPSRNENTRYFGTFTGGENVPPVLHVTNT
ATTVLLDEQGVGPLCKADSLYVSAADICGLFTNSSGTQQWRGLARYFKIRLRKRSVKNPYPISFLLSDLINRRTQRVDGQ
PMYGMESQVEEVRVFDGTERLPGDPDMIRYIDKQGQLQTKML
;
1,2,3,4,5,6
2 'polypeptide(L)'
;QVQLQESGPGLVKPSQTLSLTCTVSGGSISGGGYYWSWIRQHPGKGLEFIGYIYYNRGTYYNPALKSRLTISVDTSKNDF
SLKLSSVSAADTAVYYCARCVLGGYGSDAFDRWGQGTTVTVSSG
;
H
3 'polypeptide(L)'
;EIVLTQSPVTLSLSPGERAILSCRASQSVSSHLAWYQQKPGQAPRLLIYDASSRANGIPARFSGSGSGTDFTLTISSLAP
EDFAVYYCQQRSSWPPSLTFGGGTKVEIR
;
L
#
# COMPACT_ATOMS: atom_id res chain seq x y z
N PRO A 15 -27.20 4.59 -34.99
CA PRO A 15 -27.16 4.79 -33.54
C PRO A 15 -26.17 5.88 -33.17
N LYS A 16 -25.32 5.61 -32.18
CA LYS A 16 -24.31 6.56 -31.72
C LYS A 16 -23.02 6.33 -32.50
N LYS A 17 -22.32 7.42 -32.82
CA LYS A 17 -21.12 7.50 -33.62
C LYS A 17 -19.88 7.71 -32.75
N PRO A 18 -18.85 6.88 -32.91
CA PRO A 18 -17.59 7.11 -32.20
C PRO A 18 -16.88 8.36 -32.71
N LYS A 19 -16.07 8.94 -31.83
CA LYS A 19 -15.49 10.25 -32.05
C LYS A 19 -14.37 10.20 -33.08
N GLU A 20 -13.81 11.36 -33.37
CA GLU A 20 -12.57 11.45 -34.13
C GLU A 20 -11.38 11.30 -33.21
N PRO A 21 -10.22 10.89 -33.73
CA PRO A 21 -9.02 10.79 -32.89
C PRO A 21 -8.54 12.14 -32.37
N VAL A 22 -7.59 12.06 -31.43
CA VAL A 22 -7.04 13.25 -30.77
C VAL A 22 -5.57 13.41 -31.18
N GLN A 23 -5.16 14.64 -31.46
CA GLN A 23 -3.86 14.91 -32.07
C GLN A 23 -2.72 14.62 -31.11
N VAL A 24 -1.71 13.90 -31.60
CA VAL A 24 -0.47 13.65 -30.85
C VAL A 24 0.67 14.14 -31.73
N PRO A 25 1.85 14.47 -31.18
CA PRO A 25 2.93 14.96 -32.04
C PRO A 25 3.53 13.87 -32.90
N LYS A 26 3.77 14.22 -34.17
CA LYS A 26 4.13 13.26 -35.21
C LYS A 26 5.56 12.77 -35.04
N LEU A 27 5.76 11.46 -35.16
CA LEU A 27 7.10 10.91 -35.21
C LEU A 27 7.68 11.08 -36.61
N LEU A 28 8.96 11.42 -36.70
CA LEU A 28 9.58 11.74 -37.98
C LEU A 28 10.73 10.81 -38.35
N ILE A 29 11.53 10.37 -37.40
CA ILE A 29 12.77 9.66 -37.74
C ILE A 29 13.18 8.85 -36.53
N LYS A 30 13.97 7.81 -36.75
CA LYS A 30 14.53 6.98 -35.67
C LYS A 30 15.66 6.14 -36.26
N GLY A 31 16.69 5.89 -35.46
CA GLY A 31 17.70 4.95 -35.87
C GLY A 31 18.78 4.82 -34.81
N GLY A 32 20.00 4.61 -35.28
CA GLY A 32 21.15 4.57 -34.39
C GLY A 32 21.63 5.95 -34.00
N VAL A 33 22.90 6.07 -33.64
CA VAL A 33 23.41 7.36 -33.19
C VAL A 33 23.60 8.32 -34.37
N GLU A 34 23.59 7.80 -35.59
CA GLU A 34 23.77 8.63 -36.76
C GLU A 34 22.50 9.31 -37.23
N VAL A 35 21.48 9.44 -36.37
CA VAL A 35 20.40 10.36 -36.69
C VAL A 35 20.80 11.78 -36.29
N LEU A 36 21.85 11.90 -35.51
CA LEU A 36 22.35 13.18 -35.02
C LEU A 36 23.10 13.98 -36.08
N GLU A 37 22.96 13.64 -37.35
CA GLU A 37 23.59 14.38 -38.43
C GLU A 37 22.56 15.10 -39.29
N VAL A 38 21.29 14.71 -39.22
CA VAL A 38 20.28 15.22 -40.13
C VAL A 38 19.84 16.61 -39.68
N LYS A 39 19.75 17.54 -40.64
CA LYS A 39 19.19 18.86 -40.37
C LYS A 39 17.72 18.75 -40.00
N THR A 40 17.29 19.59 -39.08
CA THR A 40 15.95 19.57 -38.51
C THR A 40 15.27 20.92 -38.75
N GLY A 41 13.98 20.98 -38.40
CA GLY A 41 13.22 22.20 -38.53
C GLY A 41 13.53 23.21 -37.43
N VAL A 42 12.52 23.98 -37.07
CA VAL A 42 12.65 24.90 -35.95
C VAL A 42 12.16 24.25 -34.67
N ASP A 43 10.97 23.66 -34.70
CA ASP A 43 10.42 23.02 -33.51
C ASP A 43 10.60 21.51 -33.53
N ALA A 44 11.84 21.04 -33.46
CA ALA A 44 12.13 19.62 -33.55
C ALA A 44 12.65 19.11 -32.21
N ILE A 45 11.88 18.24 -31.58
CA ILE A 45 12.02 17.93 -30.17
C ILE A 45 12.48 16.50 -30.04
N THR A 46 13.79 16.31 -29.86
CA THR A 46 14.37 14.97 -29.82
C THR A 46 14.10 14.31 -28.50
N GLU A 47 14.48 13.04 -28.39
CA GLU A 47 14.44 12.27 -27.14
C GLU A 47 15.60 11.29 -27.19
N VAL A 48 16.74 11.66 -26.63
CA VAL A 48 17.96 10.90 -26.81
C VAL A 48 18.13 9.89 -25.70
N GLU A 49 18.06 8.61 -26.04
CA GLU A 49 18.23 7.52 -25.10
C GLU A 49 19.68 7.07 -25.15
N CYS A 50 20.32 6.90 -23.99
CA CYS A 50 21.72 6.51 -24.00
C CYS A 50 22.04 5.68 -22.76
N PHE A 51 23.31 5.29 -22.66
CA PHE A 51 23.78 4.31 -21.69
C PHE A 51 25.11 4.81 -21.15
N LEU A 52 25.46 4.35 -19.94
CA LEU A 52 26.78 4.59 -19.35
C LEU A 52 27.15 3.41 -18.48
N ASN A 53 28.37 2.93 -18.65
CA ASN A 53 28.83 1.81 -17.84
C ASN A 53 29.26 2.31 -16.46
N PRO A 54 29.40 1.39 -15.50
CA PRO A 54 30.19 1.71 -14.31
C PRO A 54 31.65 1.39 -14.51
N GLU A 55 32.49 2.07 -13.75
CA GLU A 55 33.94 1.83 -13.76
C GLU A 55 34.36 1.69 -12.30
N MET A 56 34.51 0.44 -11.88
CA MET A 56 34.64 0.07 -10.47
C MET A 56 36.03 -0.42 -10.10
N GLY A 57 36.95 -0.49 -11.05
CA GLY A 57 38.29 -0.93 -10.74
C GLY A 57 38.83 -2.01 -11.66
N ASP A 58 37.99 -2.97 -12.06
CA ASP A 58 38.24 -3.98 -13.08
C ASP A 58 39.50 -4.81 -12.85
N PRO A 59 39.47 -5.78 -11.93
CA PRO A 59 40.70 -6.48 -11.54
C PRO A 59 41.37 -7.30 -12.64
N ASP A 60 40.63 -8.09 -13.42
CA ASP A 60 41.21 -8.75 -14.59
C ASP A 60 40.19 -8.73 -15.72
N GLU A 61 40.57 -9.31 -16.85
CA GLU A 61 39.64 -9.37 -17.97
C GLU A 61 38.65 -10.52 -17.84
N ASN A 62 38.84 -11.40 -16.86
CA ASN A 62 37.95 -12.52 -16.62
C ASN A 62 36.71 -12.12 -15.86
N LEU A 63 36.59 -10.84 -15.50
CA LEU A 63 35.50 -10.36 -14.65
C LEU A 63 35.45 -8.84 -14.78
N ARG A 64 34.30 -8.31 -15.16
CA ARG A 64 34.12 -6.90 -15.40
C ARG A 64 33.00 -6.37 -14.53
N GLY A 65 33.34 -5.51 -13.57
CA GLY A 65 32.35 -4.83 -12.76
C GLY A 65 32.59 -4.86 -11.27
N PHE A 66 33.56 -5.62 -10.77
CA PHE A 66 33.82 -5.66 -9.34
C PHE A 66 34.92 -4.68 -8.98
N SER A 67 35.41 -4.82 -7.75
CA SER A 67 36.61 -4.18 -7.24
C SER A 67 37.54 -5.27 -6.72
N LEU A 68 38.77 -4.89 -6.43
CA LEU A 68 39.73 -5.86 -5.92
C LEU A 68 39.67 -5.85 -4.38
N LYS A 69 40.22 -6.91 -3.79
CA LYS A 69 40.18 -7.16 -2.35
C LYS A 69 40.75 -6.00 -1.55
N LEU A 70 39.94 -5.50 -0.61
CA LEU A 70 40.19 -4.23 0.03
C LEU A 70 41.24 -4.34 1.13
N SER A 71 42.02 -3.28 1.29
CA SER A 71 43.01 -3.21 2.35
C SER A 71 42.32 -2.94 3.68
N ALA A 72 42.87 -3.52 4.75
CA ALA A 72 42.19 -3.58 6.03
C ALA A 72 42.55 -2.43 6.98
N GLU A 73 43.81 -2.36 7.40
CA GLU A 73 44.21 -1.54 8.54
C GLU A 73 45.48 -0.75 8.25
N ASN A 74 45.50 -0.03 7.13
CA ASN A 74 46.59 0.91 6.89
C ASN A 74 46.52 2.07 7.87
N ASP A 75 47.68 2.40 8.43
CA ASP A 75 47.78 3.44 9.44
C ASP A 75 47.64 4.82 8.83
N PHE A 76 47.22 5.78 9.66
CA PHE A 76 47.05 7.16 9.22
C PHE A 76 48.37 7.83 8.85
N SER A 77 49.49 7.28 9.31
CA SER A 77 50.78 7.84 8.92
C SER A 77 51.25 7.29 7.58
N SER A 78 51.41 5.97 7.49
CA SER A 78 51.78 5.33 6.24
C SER A 78 50.54 4.66 5.64
N ASP A 79 50.05 5.27 4.57
CA ASP A 79 48.74 4.98 4.00
C ASP A 79 48.92 4.72 2.52
N SER A 80 48.58 3.51 2.07
CA SER A 80 48.97 3.05 0.73
C SER A 80 47.83 2.31 0.03
N PRO A 81 46.99 3.02 -0.71
CA PRO A 81 46.05 2.36 -1.62
C PRO A 81 46.68 2.19 -3.00
N GLU A 82 45.91 1.59 -3.90
CA GLU A 82 46.28 1.40 -5.30
C GLU A 82 45.05 1.61 -6.19
N ARG A 83 45.24 1.47 -7.51
CA ARG A 83 44.16 1.82 -8.43
C ARG A 83 43.04 0.80 -8.44
N LYS A 84 43.36 -0.48 -8.27
CA LYS A 84 42.39 -1.54 -8.48
C LYS A 84 41.36 -1.68 -7.39
N MET A 85 41.42 -0.88 -6.32
CA MET A 85 40.52 -1.03 -5.19
C MET A 85 39.65 0.20 -4.95
N LEU A 86 39.67 1.18 -5.84
CA LEU A 86 38.96 2.43 -5.57
C LEU A 86 37.99 2.74 -6.70
N PRO A 87 36.71 2.98 -6.40
CA PRO A 87 35.79 3.40 -7.45
C PRO A 87 36.09 4.82 -7.92
N CYS A 88 35.65 5.13 -9.13
CA CYS A 88 35.85 6.42 -9.75
C CYS A 88 34.58 6.84 -10.47
N TYR A 89 34.44 8.15 -10.67
CA TYR A 89 33.33 8.68 -11.44
C TYR A 89 33.42 8.23 -12.88
N SER A 90 32.27 7.96 -13.49
CA SER A 90 32.21 7.49 -14.86
C SER A 90 31.50 8.52 -15.72
N THR A 91 32.01 8.76 -16.93
CA THR A 91 31.47 9.81 -17.77
C THR A 91 31.75 9.54 -19.23
N ALA A 92 31.11 10.36 -20.06
CA ALA A 92 31.29 10.40 -21.51
C ALA A 92 30.61 11.67 -21.99
N ARG A 93 30.53 11.82 -23.30
CA ARG A 93 29.90 12.97 -23.92
C ARG A 93 29.02 12.52 -25.07
N ILE A 94 28.22 13.44 -25.60
CA ILE A 94 27.31 13.16 -26.71
C ILE A 94 27.41 14.32 -27.69
N PRO A 95 27.80 14.08 -28.95
CA PRO A 95 27.85 15.16 -29.94
C PRO A 95 26.48 15.62 -30.41
N LEU A 96 26.39 16.81 -30.91
CA LEU A 96 25.20 17.42 -31.45
C LEU A 96 25.50 18.09 -32.78
N PRO A 97 24.48 18.38 -33.61
CA PRO A 97 24.75 19.15 -34.82
C PRO A 97 24.98 20.61 -34.48
N ASN A 98 25.77 21.26 -35.30
CA ASN A 98 25.89 22.71 -35.23
C ASN A 98 24.61 23.29 -35.82
N LEU A 99 23.93 24.12 -35.06
CA LEU A 99 22.84 24.88 -35.63
C LEU A 99 23.28 26.23 -36.16
N ASN A 100 24.57 26.47 -36.26
CA ASN A 100 25.07 27.76 -36.71
C ASN A 100 25.80 27.57 -38.04
N GLU A 101 25.06 27.77 -39.12
CA GLU A 101 25.63 27.81 -40.45
C GLU A 101 25.20 29.05 -41.21
N ASP A 102 24.26 29.80 -40.68
CA ASP A 102 23.67 30.95 -41.37
C ASP A 102 23.71 32.15 -40.43
N LEU A 103 24.84 32.85 -40.42
CA LEU A 103 24.97 34.05 -39.57
C LEU A 103 24.55 35.30 -40.33
N THR A 104 23.36 35.24 -40.92
CA THR A 104 22.78 36.36 -41.64
C THR A 104 21.69 37.04 -40.86
N CYS A 105 20.78 36.25 -40.27
CA CYS A 105 19.64 36.79 -39.53
C CYS A 105 19.99 37.21 -38.10
N GLY A 106 21.26 37.26 -37.73
CA GLY A 106 21.66 37.94 -36.52
C GLY A 106 21.60 37.15 -35.24
N ASN A 107 20.53 36.37 -35.04
CA ASN A 107 20.33 35.66 -33.79
C ASN A 107 21.19 34.41 -33.73
N LEU A 108 20.92 33.52 -32.79
CA LEU A 108 21.78 32.37 -32.57
C LEU A 108 20.92 31.27 -31.95
N LEU A 109 20.99 30.07 -32.52
CA LEU A 109 20.26 28.95 -31.95
C LEU A 109 21.17 28.10 -31.09
N MET A 110 20.61 27.52 -30.03
CA MET A 110 21.41 26.75 -29.09
C MET A 110 20.50 25.75 -28.40
N TRP A 111 21.04 24.57 -28.11
CA TRP A 111 20.22 23.49 -27.56
C TRP A 111 19.86 23.76 -26.10
N GLU A 112 19.04 22.86 -25.56
CA GLU A 112 18.50 23.00 -24.21
C GLU A 112 18.09 21.65 -23.69
N ALA A 113 18.62 21.23 -22.54
CA ALA A 113 18.07 20.06 -21.87
C ALA A 113 16.82 20.49 -21.09
N VAL A 114 15.80 19.64 -21.04
CA VAL A 114 14.56 19.95 -20.35
C VAL A 114 14.22 18.91 -19.29
N THR A 115 14.03 17.66 -19.68
CA THR A 115 13.49 16.66 -18.77
C THR A 115 14.36 15.41 -18.80
N VAL A 116 14.94 15.07 -17.67
CA VAL A 116 15.68 13.83 -17.54
C VAL A 116 14.75 12.79 -16.96
N GLN A 117 14.92 11.55 -17.41
CA GLN A 117 14.21 10.38 -16.89
C GLN A 117 15.28 9.32 -16.65
N THR A 118 15.52 8.99 -15.39
CA THR A 118 16.59 8.08 -15.05
C THR A 118 16.04 6.75 -14.57
N GLU A 119 16.92 5.76 -14.55
CA GLU A 119 16.68 4.38 -14.15
C GLU A 119 18.00 3.66 -14.09
N VAL A 120 18.18 2.79 -13.11
CA VAL A 120 19.32 1.90 -13.03
C VAL A 120 18.98 0.62 -13.78
N ILE A 121 19.87 0.16 -14.66
CA ILE A 121 19.68 -1.11 -15.36
C ILE A 121 20.36 -2.21 -14.57
N GLY A 122 19.63 -3.28 -14.30
CA GLY A 122 20.22 -4.47 -13.73
C GLY A 122 19.95 -4.68 -12.27
N ILE A 123 18.79 -4.24 -11.78
CA ILE A 123 18.53 -4.22 -10.36
C ILE A 123 18.38 -5.62 -9.75
N THR A 124 18.10 -6.63 -10.56
CA THR A 124 17.96 -7.97 -10.05
C THR A 124 19.23 -8.77 -10.18
N SER A 125 20.38 -8.10 -10.24
CA SER A 125 21.67 -8.77 -10.19
C SER A 125 21.86 -9.52 -8.88
N MET A 126 21.38 -8.96 -7.78
CA MET A 126 21.74 -9.40 -6.43
C MET A 126 21.08 -10.70 -6.01
N LEU A 127 20.29 -11.34 -6.87
CA LEU A 127 19.56 -12.50 -6.41
C LEU A 127 20.33 -13.81 -6.61
N ASN A 128 21.61 -13.76 -6.99
CA ASN A 128 22.39 -14.99 -7.13
C ASN A 128 22.93 -15.37 -5.76
N LEU A 129 22.09 -16.00 -4.94
CA LEU A 129 22.48 -16.34 -3.60
C LEU A 129 23.05 -17.75 -3.49
N HIS A 130 23.06 -18.50 -4.59
CA HIS A 130 23.72 -19.79 -4.65
C HIS A 130 25.10 -19.70 -5.24
N ALA A 131 25.68 -18.50 -5.31
CA ALA A 131 27.01 -18.31 -5.88
C ALA A 131 28.06 -18.50 -4.80
N GLY A 132 29.30 -18.13 -5.11
CA GLY A 132 30.37 -18.20 -4.15
C GLY A 132 30.41 -17.00 -3.23
N SER A 133 29.31 -16.73 -2.53
CA SER A 133 29.26 -15.66 -1.55
C SER A 133 29.60 -16.21 -0.16
N GLN A 134 29.44 -15.35 0.84
CA GLN A 134 29.59 -15.75 2.22
C GLN A 134 28.40 -16.60 2.65
N LYS A 135 28.67 -17.65 3.43
CA LYS A 135 27.60 -18.40 4.07
C LYS A 135 26.96 -17.54 5.16
N VAL A 136 25.64 -17.59 5.28
CA VAL A 136 24.98 -16.72 6.26
C VAL A 136 24.69 -17.44 7.58
N HIS A 137 24.26 -18.71 7.55
CA HIS A 137 24.19 -19.52 8.76
C HIS A 137 24.38 -20.98 8.36
N GLU A 138 24.06 -21.89 9.29
CA GLU A 138 24.65 -23.23 9.31
C GLU A 138 24.27 -24.08 8.11
N HIS A 139 23.03 -23.98 7.66
CA HIS A 139 22.62 -24.67 6.45
C HIS A 139 21.74 -23.83 5.54
N GLY A 140 21.76 -22.51 5.71
CA GLY A 140 21.02 -21.64 4.84
C GLY A 140 21.78 -21.32 3.56
N GLY A 141 21.30 -20.32 2.86
CA GLY A 141 21.88 -19.91 1.60
C GLY A 141 23.09 -19.03 1.79
N GLY A 142 23.36 -18.22 0.78
CA GLY A 142 24.47 -17.30 0.83
C GLY A 142 24.07 -15.96 1.39
N LYS A 143 25.06 -15.20 1.85
CA LYS A 143 24.81 -13.85 2.29
C LYS A 143 24.52 -12.96 1.10
N PRO A 144 23.40 -12.28 1.06
CA PRO A 144 23.16 -11.33 -0.03
C PRO A 144 24.00 -10.08 0.13
N ILE A 145 23.95 -9.21 -0.87
CA ILE A 145 24.79 -8.02 -0.87
C ILE A 145 24.15 -6.98 0.04
N GLN A 146 24.92 -6.49 1.01
CA GLN A 146 24.44 -5.41 1.85
C GLN A 146 25.62 -4.53 2.27
N GLY A 147 25.40 -3.23 2.25
CA GLY A 147 26.42 -2.26 2.51
C GLY A 147 25.98 -0.89 2.05
N SER A 148 26.87 0.09 2.17
CA SER A 148 26.52 1.47 1.86
C SER A 148 26.37 1.67 0.37
N ASN A 149 25.88 2.84 0.00
CA ASN A 149 25.56 3.11 -1.39
C ASN A 149 25.60 4.61 -1.66
N PHE A 150 25.81 4.94 -2.92
CA PHE A 150 25.81 6.32 -3.38
C PHE A 150 25.27 6.33 -4.80
N HIS A 151 24.45 7.32 -5.13
CA HIS A 151 23.81 7.38 -6.43
C HIS A 151 23.78 8.81 -6.93
N PHE A 152 24.23 9.02 -8.17
CA PHE A 152 24.53 10.35 -8.65
C PHE A 152 24.51 10.38 -10.16
N PHE A 153 23.83 11.39 -10.72
CA PHE A 153 23.99 11.75 -12.11
C PHE A 153 24.00 13.27 -12.20
N ALA A 154 24.17 13.77 -13.42
CA ALA A 154 24.24 15.20 -13.67
C ALA A 154 24.06 15.47 -15.14
N VAL A 155 23.20 16.44 -15.47
CA VAL A 155 22.90 16.77 -16.84
C VAL A 155 23.27 18.22 -17.10
N GLY A 156 24.26 18.44 -17.95
CA GLY A 156 24.66 19.80 -18.25
C GLY A 156 25.49 19.87 -19.50
N GLY A 157 25.45 21.05 -20.12
CA GLY A 157 26.21 21.31 -21.33
C GLY A 157 27.62 21.77 -21.11
N ASP A 158 28.08 21.76 -19.88
CA ASP A 158 29.42 22.15 -19.47
C ASP A 158 29.95 21.05 -18.58
N PRO A 159 31.27 20.94 -18.40
CA PRO A 159 31.81 19.88 -17.54
C PRO A 159 31.42 20.08 -16.09
N LEU A 160 31.39 18.97 -15.36
CA LEU A 160 30.96 18.97 -13.96
C LEU A 160 32.10 19.45 -13.08
N GLU A 161 31.97 20.65 -12.53
CA GLU A 161 33.06 21.30 -11.82
C GLU A 161 33.05 20.87 -10.36
N MET A 162 33.82 19.83 -10.03
CA MET A 162 33.75 19.23 -8.71
C MET A 162 34.74 19.90 -7.76
N GLN A 163 34.72 19.45 -6.51
CA GLN A 163 35.36 20.13 -5.38
C GLN A 163 36.17 19.12 -4.59
N GLY A 164 37.26 19.56 -3.96
CA GLY A 164 38.17 18.63 -3.30
C GLY A 164 38.18 18.62 -1.79
N VAL A 165 37.65 17.54 -1.19
CA VAL A 165 37.71 17.26 0.24
C VAL A 165 38.03 15.78 0.37
N LEU A 166 38.92 15.42 1.30
CA LEU A 166 39.24 14.01 1.46
C LEU A 166 39.65 13.65 2.88
N MET A 167 39.37 12.40 3.23
CA MET A 167 39.83 11.78 4.46
C MET A 167 41.35 11.69 4.50
N ASN A 168 41.94 12.07 5.65
CA ASN A 168 43.29 11.68 6.06
C ASN A 168 44.35 12.11 5.05
N TYR A 169 44.61 13.43 5.00
CA TYR A 169 45.33 14.02 3.88
C TYR A 169 46.79 13.57 3.75
N ARG A 170 47.30 12.80 4.69
CA ARG A 170 48.68 12.36 4.63
C ARG A 170 48.82 10.98 4.00
N THR A 171 48.02 10.69 2.99
CA THR A 171 48.03 9.40 2.30
C THR A 171 48.71 9.50 0.93
N LYS A 172 48.97 8.33 0.34
CA LYS A 172 49.51 8.23 -1.01
C LYS A 172 48.39 7.96 -2.00
N TYR A 173 48.56 8.41 -3.20
CA TYR A 173 47.68 7.96 -4.27
C TYR A 173 48.48 7.37 -5.43
N PRO A 174 47.95 6.39 -6.12
CA PRO A 174 48.66 5.80 -7.26
C PRO A 174 48.65 6.66 -8.51
N ASP A 175 49.16 6.10 -9.61
CA ASP A 175 49.60 6.92 -10.74
C ASP A 175 48.43 7.37 -11.61
N GLY A 176 47.50 6.47 -11.91
CA GLY A 176 46.52 6.76 -12.94
C GLY A 176 45.40 7.69 -12.52
N THR A 177 45.39 8.13 -11.27
CA THR A 177 44.31 8.95 -10.75
C THR A 177 44.78 10.38 -10.52
N ILE A 178 43.97 11.34 -10.91
CA ILE A 178 44.23 12.74 -10.60
C ILE A 178 43.58 13.09 -9.26
N THR A 179 44.41 13.22 -8.24
CA THR A 179 44.03 13.48 -6.86
C THR A 179 44.61 14.83 -6.48
N PRO A 180 43.91 15.62 -5.64
CA PRO A 180 44.18 17.06 -5.60
C PRO A 180 45.53 17.44 -5.02
N LYS A 181 45.86 18.71 -5.16
CA LYS A 181 47.24 19.17 -5.11
C LYS A 181 47.62 19.55 -3.69
N ASN A 182 48.75 19.00 -3.22
CA ASN A 182 49.53 19.49 -2.08
C ASN A 182 48.73 19.53 -0.79
N PRO A 183 48.46 18.39 -0.17
CA PRO A 183 47.49 18.35 0.93
C PRO A 183 48.00 19.01 2.20
N THR A 184 47.17 19.89 2.76
CA THR A 184 47.47 20.65 3.96
C THR A 184 46.56 20.20 5.09
N ALA A 185 46.67 20.88 6.23
CA ALA A 185 45.85 20.55 7.39
C ALA A 185 44.38 20.86 7.16
N GLN A 186 44.08 21.82 6.29
CA GLN A 186 42.69 22.06 5.95
C GLN A 186 42.29 21.41 4.63
N SER A 187 43.07 20.45 4.13
CA SER A 187 42.56 19.54 3.12
C SER A 187 41.71 18.43 3.74
N GLN A 188 41.71 18.35 5.06
CA GLN A 188 40.82 17.43 5.76
C GLN A 188 39.38 17.94 5.75
N VAL A 189 39.22 19.25 5.63
CA VAL A 189 37.91 19.89 5.72
C VAL A 189 37.82 20.77 4.49
N MET A 190 36.76 21.56 4.36
CA MET A 190 36.56 22.45 3.21
C MET A 190 37.72 23.41 3.02
N ASN A 191 38.23 23.48 1.80
CA ASN A 191 39.28 24.41 1.42
C ASN A 191 39.02 24.88 0.00
N THR A 192 39.20 26.17 -0.23
CA THR A 192 38.92 26.76 -1.54
C THR A 192 39.94 26.34 -2.58
N ASP A 193 41.14 25.96 -2.16
CA ASP A 193 42.29 25.85 -3.04
C ASP A 193 42.35 24.57 -3.86
N HIS A 194 41.23 23.86 -4.05
CA HIS A 194 41.24 22.58 -4.73
C HIS A 194 40.14 22.46 -5.78
N LYS A 195 39.99 23.49 -6.61
CA LYS A 195 39.03 23.43 -7.70
C LYS A 195 39.56 22.56 -8.83
N ALA A 196 38.65 21.94 -9.57
CA ALA A 196 39.04 21.12 -10.71
C ALA A 196 37.86 21.00 -11.67
N TYR A 197 38.10 20.36 -12.80
CA TYR A 197 37.10 20.08 -13.81
C TYR A 197 37.10 18.59 -14.12
N LEU A 198 35.90 18.03 -14.23
CA LEU A 198 35.74 16.66 -14.73
C LEU A 198 36.08 16.67 -16.21
N ASP A 199 37.09 15.89 -16.59
CA ASP A 199 37.46 15.78 -18.00
C ASP A 199 37.85 14.37 -18.42
N LYS A 200 37.75 13.38 -17.54
CA LYS A 200 38.28 12.07 -17.85
C LYS A 200 37.61 11.03 -16.98
N ASN A 201 36.98 10.05 -17.62
CA ASN A 201 36.46 8.89 -16.91
C ASN A 201 37.60 8.05 -16.33
N ASN A 202 37.29 7.36 -15.23
CA ASN A 202 38.21 6.52 -14.47
C ASN A 202 39.45 7.30 -14.02
N ALA A 203 39.28 8.57 -13.70
CA ALA A 203 40.41 9.40 -13.32
C ALA A 203 40.24 10.12 -12.00
N TYR A 204 39.04 10.52 -11.63
CA TYR A 204 38.79 11.15 -10.34
C TYR A 204 38.20 10.09 -9.42
N PRO A 205 38.93 9.62 -8.42
CA PRO A 205 38.35 8.62 -7.51
C PRO A 205 37.31 9.25 -6.60
N VAL A 206 36.26 8.47 -6.33
CA VAL A 206 35.06 9.05 -5.73
C VAL A 206 35.20 9.37 -4.25
N GLU A 207 36.22 8.87 -3.57
CA GLU A 207 36.24 9.17 -2.14
C GLU A 207 36.85 10.54 -1.86
N CYS A 208 37.39 11.22 -2.87
CA CYS A 208 38.11 12.47 -2.64
C CYS A 208 37.48 13.68 -3.30
N TRP A 209 36.30 13.57 -3.90
CA TRP A 209 35.74 14.66 -4.69
C TRP A 209 34.22 14.66 -4.56
N VAL A 210 33.67 15.84 -4.28
CA VAL A 210 32.22 16.05 -4.27
C VAL A 210 31.98 17.18 -5.28
N PRO A 211 30.76 17.46 -5.72
CA PRO A 211 30.57 18.61 -6.60
C PRO A 211 30.58 19.92 -5.83
N ASP A 212 31.17 20.93 -6.44
CA ASP A 212 31.19 22.27 -5.86
C ASP A 212 29.80 22.88 -5.96
N PRO A 213 29.21 23.32 -4.86
CA PRO A 213 27.93 24.03 -4.95
C PRO A 213 28.06 25.48 -5.37
N SER A 214 29.25 26.06 -5.29
CA SER A 214 29.38 27.48 -5.47
C SER A 214 29.52 27.91 -6.91
N ARG A 215 29.73 26.98 -7.82
CA ARG A 215 30.09 27.34 -9.19
C ARG A 215 29.08 26.89 -10.22
N ASN A 216 28.47 25.71 -10.05
CA ASN A 216 27.79 25.02 -11.14
C ASN A 216 26.47 25.72 -11.49
N GLU A 217 26.60 26.89 -12.10
CA GLU A 217 25.45 27.71 -12.42
C GLU A 217 24.83 27.35 -13.76
N ASN A 218 25.26 26.25 -14.38
CA ASN A 218 24.70 25.78 -15.63
C ASN A 218 24.63 24.26 -15.68
N THR A 219 24.59 23.60 -14.53
CA THR A 219 24.59 22.15 -14.48
C THR A 219 23.73 21.69 -13.31
N ARG A 220 22.78 20.80 -13.59
CA ARG A 220 21.93 20.21 -12.57
C ARG A 220 22.53 18.88 -12.17
N TYR A 221 22.31 18.47 -10.93
CA TYR A 221 22.67 17.13 -10.48
C TYR A 221 21.75 16.69 -9.34
N PHE A 222 21.85 15.43 -8.95
CA PHE A 222 21.04 14.86 -7.89
C PHE A 222 21.82 13.76 -7.20
N GLY A 223 21.79 13.74 -5.87
CA GLY A 223 22.53 12.73 -5.15
C GLY A 223 21.92 12.45 -3.80
N THR A 224 21.74 11.16 -3.51
CA THR A 224 21.18 10.71 -2.24
C THR A 224 22.09 9.66 -1.63
N PHE A 225 22.78 10.03 -0.56
CA PHE A 225 23.81 9.19 0.04
C PHE A 225 23.30 8.55 1.32
N THR A 226 23.66 7.28 1.52
CA THR A 226 23.36 6.58 2.76
C THR A 226 24.62 5.81 3.16
N GLY A 227 25.38 6.36 4.10
CA GLY A 227 26.44 5.60 4.72
C GLY A 227 25.90 4.61 5.73
N GLY A 228 26.60 3.50 5.87
CA GLY A 228 26.19 2.48 6.81
C GLY A 228 27.00 1.23 6.63
N GLU A 229 26.91 0.35 7.62
CA GLU A 229 27.64 -0.91 7.57
C GLU A 229 26.95 -1.91 6.66
N ASN A 230 25.72 -2.26 6.99
CA ASN A 230 25.01 -3.35 6.33
C ASN A 230 23.56 -2.94 6.06
N VAL A 231 23.37 -1.74 5.55
CA VAL A 231 22.04 -1.20 5.30
C VAL A 231 21.45 -1.90 4.08
N PRO A 232 20.13 -1.96 3.94
CA PRO A 232 19.56 -2.59 2.75
C PRO A 232 19.59 -1.63 1.57
N PRO A 233 20.12 -2.08 0.43
CA PRO A 233 20.04 -1.26 -0.78
C PRO A 233 18.62 -1.28 -1.34
N VAL A 234 18.13 -0.11 -1.69
CA VAL A 234 16.74 0.05 -2.11
C VAL A 234 16.75 0.61 -3.52
N LEU A 235 16.19 -0.15 -4.46
CA LEU A 235 16.14 0.24 -5.86
C LEU A 235 14.68 0.28 -6.30
N HIS A 236 14.38 1.20 -7.19
CA HIS A 236 13.00 1.46 -7.60
C HIS A 236 12.96 1.61 -9.12
N VAL A 237 12.25 0.70 -9.79
CA VAL A 237 12.19 0.69 -11.24
C VAL A 237 10.80 1.12 -11.67
N THR A 238 10.73 2.03 -12.64
CA THR A 238 9.47 2.66 -13.04
C THR A 238 9.63 3.27 -14.42
N ASN A 239 8.80 2.87 -15.39
CA ASN A 239 8.81 3.56 -16.67
C ASN A 239 7.73 4.63 -16.77
N THR A 240 7.35 5.23 -15.65
CA THR A 240 6.64 6.50 -15.62
C THR A 240 7.31 7.51 -14.71
N ALA A 241 8.59 7.34 -14.39
CA ALA A 241 9.29 8.31 -13.56
C ALA A 241 9.59 9.57 -14.36
N THR A 242 9.82 10.67 -13.66
CA THR A 242 9.97 11.97 -14.28
C THR A 242 10.88 12.79 -13.38
N THR A 243 11.72 13.64 -13.98
CA THR A 243 12.46 14.66 -13.24
C THR A 243 12.64 15.87 -14.14
N VAL A 244 12.23 17.04 -13.65
CA VAL A 244 12.28 18.26 -14.45
C VAL A 244 13.55 19.01 -14.11
N LEU A 245 14.29 19.44 -15.13
CA LEU A 245 15.57 20.10 -14.97
C LEU A 245 15.52 21.60 -15.08
N LEU A 246 14.34 22.19 -15.28
CA LEU A 246 14.25 23.63 -15.37
C LEU A 246 14.47 24.28 -14.00
N ASP A 247 14.77 25.57 -14.03
CA ASP A 247 14.91 26.35 -12.81
C ASP A 247 13.59 27.03 -12.47
N GLU A 248 13.65 28.01 -11.56
CA GLU A 248 12.49 28.82 -11.25
C GLU A 248 12.20 29.84 -12.35
N GLN A 249 13.15 30.05 -13.26
CA GLN A 249 12.94 31.00 -14.33
C GLN A 249 12.48 30.35 -15.63
N GLY A 250 12.92 29.14 -15.92
CA GLY A 250 12.54 28.48 -17.15
C GLY A 250 13.64 28.30 -18.17
N VAL A 251 14.90 28.24 -17.74
CA VAL A 251 16.00 27.87 -18.62
C VAL A 251 16.57 26.57 -18.12
N GLY A 252 17.10 25.77 -19.04
CA GLY A 252 17.69 24.52 -18.68
C GLY A 252 19.19 24.60 -18.82
N PRO A 253 19.88 23.49 -18.64
CA PRO A 253 21.33 23.48 -18.89
C PRO A 253 21.63 23.59 -20.37
N LEU A 254 22.08 24.77 -20.79
CA LEU A 254 22.30 25.01 -22.20
C LEU A 254 23.58 24.34 -22.66
N CYS A 255 23.65 24.03 -23.94
CA CYS A 255 24.85 23.45 -24.52
C CYS A 255 25.57 24.55 -25.29
N LYS A 256 26.37 25.34 -24.57
CA LYS A 256 27.15 26.39 -25.21
C LYS A 256 28.22 25.80 -26.12
N ALA A 257 28.94 24.80 -25.61
CA ALA A 257 29.78 23.97 -26.45
C ALA A 257 28.89 22.90 -27.08
N ASP A 258 29.23 22.47 -28.29
CA ASP A 258 28.43 21.45 -28.97
C ASP A 258 28.82 20.07 -28.47
N SER A 259 28.31 19.78 -27.27
CA SER A 259 28.35 18.47 -26.65
C SER A 259 27.30 18.47 -25.55
N LEU A 260 27.15 17.34 -24.89
CA LEU A 260 26.27 17.23 -23.73
C LEU A 260 26.98 16.37 -22.70
N TYR A 261 27.37 16.97 -21.59
CA TYR A 261 28.23 16.31 -20.62
C TYR A 261 27.36 15.57 -19.61
N VAL A 262 27.48 14.25 -19.61
CA VAL A 262 26.70 13.39 -18.73
C VAL A 262 27.69 12.54 -17.95
N SER A 263 27.51 12.49 -16.63
CA SER A 263 28.39 11.69 -15.78
C SER A 263 27.56 11.02 -14.72
N ALA A 264 27.98 9.82 -14.34
CA ALA A 264 27.20 9.02 -13.41
C ALA A 264 28.13 8.15 -12.59
N ALA A 265 27.71 7.85 -11.38
CA ALA A 265 28.48 7.01 -10.46
C ALA A 265 27.49 6.34 -9.53
N ASP A 266 27.53 5.00 -9.47
CA ASP A 266 26.53 4.23 -8.74
C ASP A 266 27.21 3.05 -8.06
N ILE A 267 26.92 2.87 -6.77
CA ILE A 267 27.34 1.71 -5.99
C ILE A 267 26.08 1.10 -5.40
N CYS A 268 25.95 -0.22 -5.50
CA CYS A 268 24.86 -0.90 -4.81
C CYS A 268 25.18 -1.21 -3.37
N GLY A 269 26.35 -1.73 -3.08
CA GLY A 269 26.67 -2.22 -1.76
C GLY A 269 27.72 -3.30 -1.87
N LEU A 270 28.20 -3.74 -0.72
CA LEU A 270 29.39 -4.57 -0.66
C LEU A 270 29.02 -6.03 -0.77
N PHE A 271 29.30 -6.61 -1.94
CA PHE A 271 29.31 -8.06 -2.12
C PHE A 271 30.38 -8.63 -1.20
N THR A 272 30.14 -9.82 -0.67
CA THR A 272 31.12 -10.48 0.18
C THR A 272 31.45 -11.84 -0.40
N ASN A 273 32.73 -12.16 -0.50
CA ASN A 273 33.16 -13.42 -1.08
C ASN A 273 32.99 -14.56 -0.08
N SER A 274 33.53 -15.72 -0.45
CA SER A 274 33.29 -16.93 0.32
C SER A 274 34.07 -16.97 1.63
N SER A 275 35.36 -16.66 1.61
CA SER A 275 36.22 -16.85 2.76
C SER A 275 36.38 -15.60 3.62
N GLY A 276 35.41 -14.69 3.59
CA GLY A 276 35.48 -13.50 4.41
C GLY A 276 35.98 -12.25 3.72
N THR A 277 35.92 -12.19 2.39
CA THR A 277 36.45 -11.04 1.66
C THR A 277 35.32 -10.17 1.11
N GLN A 278 35.34 -8.88 1.44
CA GLN A 278 34.43 -7.90 0.85
C GLN A 278 35.05 -7.29 -0.40
N GLN A 279 34.18 -6.77 -1.27
CA GLN A 279 34.60 -5.98 -2.42
C GLN A 279 33.42 -5.15 -2.90
N TRP A 280 33.72 -4.02 -3.52
CA TRP A 280 32.72 -3.07 -3.97
C TRP A 280 31.97 -3.61 -5.18
N ARG A 281 30.87 -2.94 -5.54
CA ARG A 281 30.03 -3.37 -6.65
C ARG A 281 29.21 -2.18 -7.15
N GLY A 282 29.10 -2.04 -8.47
CA GLY A 282 28.29 -1.01 -9.08
C GLY A 282 27.53 -1.53 -10.28
N LEU A 283 26.70 -0.65 -10.85
CA LEU A 283 25.88 -0.98 -12.01
C LEU A 283 25.76 0.24 -12.92
N ALA A 284 24.98 0.07 -14.00
CA ALA A 284 24.88 1.07 -15.05
C ALA A 284 23.80 2.08 -14.73
N ARG A 285 23.45 2.88 -15.74
CA ARG A 285 22.47 3.94 -15.56
C ARG A 285 21.88 4.35 -16.90
N TYR A 286 20.55 4.40 -16.96
CA TYR A 286 19.83 4.83 -18.15
C TYR A 286 19.67 6.34 -18.16
N PHE A 287 19.48 6.90 -19.34
CA PHE A 287 19.14 8.30 -19.48
C PHE A 287 18.13 8.50 -20.58
N LYS A 288 17.44 9.63 -20.53
CA LYS A 288 16.57 10.06 -21.62
C LYS A 288 16.43 11.57 -21.48
N ILE A 289 17.04 12.32 -22.39
CA ILE A 289 17.07 13.76 -22.30
C ILE A 289 16.27 14.34 -23.45
N ARG A 290 15.25 15.11 -23.14
CA ARG A 290 14.52 15.84 -24.15
C ARG A 290 15.28 17.11 -24.48
N LEU A 291 15.16 17.58 -25.72
CA LEU A 291 15.80 18.80 -26.17
C LEU A 291 14.76 19.73 -26.78
N ARG A 292 15.13 20.99 -26.97
CA ARG A 292 14.29 21.99 -27.61
C ARG A 292 15.16 23.18 -27.96
N LYS A 293 14.84 23.87 -29.06
CA LYS A 293 15.70 24.89 -29.62
C LYS A 293 15.41 26.26 -28.99
N ARG A 294 16.41 26.81 -28.30
CA ARG A 294 16.35 28.15 -27.74
C ARG A 294 17.02 29.14 -28.67
N SER A 295 16.42 30.33 -28.78
CA SER A 295 17.01 31.42 -29.57
C SER A 295 17.56 32.45 -28.59
N VAL A 296 18.89 32.56 -28.55
CA VAL A 296 19.58 33.34 -27.54
C VAL A 296 20.20 34.57 -28.18
N LYS A 297 20.82 35.43 -27.37
CA LYS A 297 21.55 36.57 -27.87
C LYS A 297 22.91 36.14 -28.42
N ASN A 298 23.76 37.12 -28.75
CA ASN A 298 25.08 36.80 -29.27
C ASN A 298 26.12 37.37 -28.33
N PRO A 299 26.83 36.55 -27.57
CA PRO A 299 27.84 37.08 -26.63
C PRO A 299 29.19 37.33 -27.27
N TYR A 300 29.38 36.96 -28.53
CA TYR A 300 30.67 37.18 -29.18
C TYR A 300 31.05 38.64 -29.50
N PRO A 301 30.14 39.60 -29.77
CA PRO A 301 30.62 40.99 -29.86
C PRO A 301 31.30 41.52 -28.62
N ILE A 302 30.65 41.53 -27.47
CA ILE A 302 31.28 42.04 -26.28
C ILE A 302 32.02 40.93 -25.55
N SER A 303 33.34 40.91 -25.72
CA SER A 303 34.20 39.93 -25.08
C SER A 303 35.31 40.65 -24.32
N PHE A 304 34.95 41.69 -23.59
CA PHE A 304 35.94 42.50 -22.87
C PHE A 304 35.99 42.03 -21.41
N LEU A 305 36.24 40.73 -21.27
CA LEU A 305 36.44 40.10 -19.97
C LEU A 305 37.85 39.55 -19.91
N LEU A 306 38.51 39.80 -18.79
CA LEU A 306 39.95 39.56 -18.66
C LEU A 306 40.27 38.09 -18.57
N SER A 307 41.53 37.75 -18.89
CA SER A 307 41.99 36.37 -18.93
C SER A 307 42.11 35.83 -17.51
N ASP A 308 40.98 35.39 -16.96
CA ASP A 308 40.90 34.92 -15.58
C ASP A 308 41.03 33.40 -15.51
N LEU A 309 41.77 32.94 -14.49
CA LEU A 309 42.31 31.58 -14.48
C LEU A 309 41.32 30.58 -13.91
N ILE A 310 40.88 30.79 -12.67
CA ILE A 310 39.80 30.00 -12.08
C ILE A 310 38.69 31.00 -11.80
N ASN A 311 38.59 32.00 -12.69
CA ASN A 311 37.55 33.01 -12.90
C ASN A 311 37.02 33.71 -11.65
N ARG A 312 37.83 33.75 -10.58
CA ARG A 312 37.69 34.74 -9.53
C ARG A 312 39.06 35.36 -9.32
N ARG A 313 40.09 34.53 -9.47
CA ARG A 313 41.46 34.98 -9.61
C ARG A 313 41.56 35.93 -10.80
N THR A 314 42.22 37.05 -10.59
CA THR A 314 42.36 38.07 -11.62
C THR A 314 43.69 37.96 -12.33
N GLN A 315 44.18 36.72 -12.47
CA GLN A 315 45.45 36.37 -13.11
C GLN A 315 46.62 37.09 -12.45
N ARG A 316 46.84 36.71 -11.19
CA ARG A 316 47.71 37.47 -10.30
C ARG A 316 49.17 37.38 -10.71
N VAL A 317 49.81 38.55 -10.81
CA VAL A 317 51.23 38.67 -11.09
C VAL A 317 51.91 39.28 -9.87
N ASP A 318 52.95 38.60 -9.36
CA ASP A 318 53.65 39.11 -8.19
C ASP A 318 54.40 40.40 -8.50
N GLY A 319 55.05 40.45 -9.66
CA GLY A 319 55.48 41.69 -10.26
C GLY A 319 56.49 42.56 -9.53
N GLN A 320 56.54 43.81 -9.96
CA GLN A 320 57.47 44.78 -9.40
C GLN A 320 56.75 45.62 -8.33
N PRO A 321 57.45 46.07 -7.29
CA PRO A 321 56.74 46.73 -6.17
C PRO A 321 56.27 48.15 -6.47
N MET A 322 55.05 48.29 -6.99
CA MET A 322 54.53 49.59 -7.39
C MET A 322 53.65 50.26 -6.32
N TYR A 323 53.74 49.89 -5.04
CA TYR A 323 53.07 50.64 -3.97
C TYR A 323 53.79 50.36 -2.66
N GLY A 324 53.71 51.32 -1.75
CA GLY A 324 54.37 51.21 -0.46
C GLY A 324 55.54 52.17 -0.34
N MET A 325 56.40 51.86 0.63
CA MET A 325 57.58 52.70 0.84
C MET A 325 58.70 52.41 -0.12
N GLU A 326 58.58 51.33 -0.90
CA GLU A 326 59.57 50.94 -1.89
C GLU A 326 59.09 51.16 -3.31
N SER A 327 58.03 51.95 -3.48
CA SER A 327 57.38 52.09 -4.77
C SER A 327 58.24 52.88 -5.73
N GLN A 328 58.16 52.52 -7.01
CA GLN A 328 58.97 53.14 -8.04
C GLN A 328 58.19 54.02 -8.99
N VAL A 329 57.02 54.53 -8.60
CA VAL A 329 56.51 55.73 -9.26
C VAL A 329 57.26 56.92 -8.67
N GLU A 330 57.55 57.92 -9.50
CA GLU A 330 58.29 59.08 -9.02
C GLU A 330 57.78 60.40 -9.55
N GLU A 331 56.95 60.39 -10.57
CA GLU A 331 56.48 61.63 -11.18
C GLU A 331 55.05 61.40 -11.62
N VAL A 332 54.10 61.75 -10.76
CA VAL A 332 52.68 61.51 -11.02
C VAL A 332 51.98 62.85 -11.11
N ARG A 333 51.30 63.10 -12.21
CA ARG A 333 50.57 64.33 -12.41
C ARG A 333 49.11 64.01 -12.63
N VAL A 334 48.24 65.01 -12.45
CA VAL A 334 46.83 64.92 -12.80
C VAL A 334 46.49 66.25 -13.46
N PHE A 335 45.77 66.22 -14.57
CA PHE A 335 45.35 67.43 -15.25
C PHE A 335 43.84 67.50 -15.26
N ASP A 336 43.30 68.70 -15.52
CA ASP A 336 41.86 68.90 -15.71
C ASP A 336 41.64 70.28 -16.30
N GLY A 337 40.71 70.36 -17.25
CA GLY A 337 40.05 71.59 -17.60
C GLY A 337 40.93 72.65 -18.24
N THR A 338 40.32 73.80 -18.48
CA THR A 338 40.99 74.96 -19.05
C THR A 338 41.61 75.78 -17.94
N GLU A 339 42.91 75.96 -18.01
CA GLU A 339 43.69 76.69 -17.01
C GLU A 339 44.74 77.52 -17.72
N ARG A 340 44.61 78.84 -17.55
CA ARG A 340 45.47 79.86 -18.16
C ARG A 340 46.93 79.48 -18.19
N LEU A 341 47.75 80.28 -18.87
CA LEU A 341 49.16 79.91 -18.95
C LEU A 341 49.96 80.39 -17.74
N PRO A 342 50.52 79.49 -16.95
CA PRO A 342 51.33 79.91 -15.82
C PRO A 342 52.76 80.19 -16.22
N GLY A 343 53.26 81.33 -15.75
CA GLY A 343 54.58 81.80 -16.05
C GLY A 343 55.69 81.17 -15.24
N ASP A 344 55.42 80.05 -14.60
CA ASP A 344 56.43 79.31 -13.85
C ASP A 344 56.20 77.85 -14.20
N PRO A 345 57.23 77.09 -14.59
CA PRO A 345 56.98 75.70 -14.96
C PRO A 345 56.84 74.74 -13.79
N ASP A 346 57.36 75.06 -12.61
CA ASP A 346 57.38 74.11 -11.51
C ASP A 346 56.28 74.35 -10.49
N MET A 347 55.13 74.85 -10.94
CA MET A 347 54.07 75.24 -10.03
C MET A 347 53.44 74.03 -9.36
N ILE A 348 53.80 73.80 -8.10
CA ILE A 348 53.34 72.65 -7.33
C ILE A 348 51.98 73.00 -6.74
N ARG A 349 50.97 72.21 -7.08
CA ARG A 349 49.68 72.34 -6.44
C ARG A 349 49.32 71.02 -5.77
N TYR A 350 48.55 71.10 -4.69
CA TYR A 350 47.96 69.92 -4.07
C TYR A 350 46.70 70.34 -3.32
N ILE A 351 45.87 69.36 -3.01
CA ILE A 351 44.61 69.56 -2.29
C ILE A 351 44.91 69.36 -0.82
N ASP A 352 44.59 70.36 0.01
CA ASP A 352 45.01 70.33 1.40
C ASP A 352 44.21 69.35 2.25
N LYS A 353 42.94 69.62 2.51
CA LYS A 353 41.93 68.69 3.01
C LYS A 353 40.64 68.81 2.22
N GLN A 354 40.25 70.02 1.85
CA GLN A 354 39.07 70.23 1.01
C GLN A 354 39.25 71.28 -0.08
N GLY A 355 40.21 72.20 0.05
CA GLY A 355 40.37 73.30 -0.88
C GLY A 355 41.59 73.10 -1.77
N GLN A 356 42.04 74.21 -2.33
CA GLN A 356 43.15 74.17 -3.29
C GLN A 356 44.24 75.16 -2.87
N LEU A 357 45.21 74.67 -2.10
CA LEU A 357 46.40 75.47 -1.88
C LEU A 357 47.31 75.43 -3.10
N GLN A 358 48.34 76.26 -3.04
CA GLN A 358 49.25 76.45 -4.16
C GLN A 358 50.57 76.93 -3.61
N THR A 359 51.53 76.06 -3.49
CA THR A 359 52.86 76.48 -3.05
C THR A 359 53.69 76.72 -4.30
N LYS A 360 54.91 77.24 -4.12
CA LYS A 360 55.75 77.60 -5.26
C LYS A 360 57.19 77.14 -5.13
N MET A 361 57.46 76.15 -4.28
CA MET A 361 58.79 75.57 -4.21
C MET A 361 59.15 74.80 -5.47
N PRO B 15 -48.06 11.26 2.36
CA PRO B 15 -46.65 10.87 2.30
C PRO B 15 -45.93 11.50 1.10
N LYS B 16 -44.91 12.32 1.36
CA LYS B 16 -44.18 12.96 0.28
C LYS B 16 -43.28 11.95 -0.41
N LYS B 17 -43.13 12.09 -1.72
CA LYS B 17 -42.25 11.22 -2.48
C LYS B 17 -40.79 11.48 -2.10
N PRO B 18 -39.93 10.47 -2.17
CA PRO B 18 -38.51 10.68 -1.88
C PRO B 18 -37.84 11.53 -2.94
N LYS B 19 -36.68 12.05 -2.57
CA LYS B 19 -35.83 12.76 -3.52
C LYS B 19 -35.39 11.81 -4.62
N GLU B 20 -35.32 12.32 -5.84
CA GLU B 20 -35.07 11.45 -6.98
C GLU B 20 -33.61 11.00 -6.98
N PRO B 21 -33.34 9.73 -7.26
CA PRO B 21 -32.00 9.18 -7.03
C PRO B 21 -30.96 9.67 -8.03
N VAL B 22 -29.73 9.17 -7.85
CA VAL B 22 -28.58 9.66 -8.60
C VAL B 22 -28.17 8.63 -9.63
N GLN B 23 -28.01 9.07 -10.89
CA GLN B 23 -27.72 8.16 -12.00
C GLN B 23 -26.30 7.62 -11.91
N VAL B 24 -26.16 6.31 -12.07
CA VAL B 24 -24.86 5.62 -12.09
C VAL B 24 -24.79 4.86 -13.41
N PRO B 25 -23.65 4.33 -13.84
CA PRO B 25 -23.65 3.52 -15.07
C PRO B 25 -24.33 2.17 -14.88
N LYS B 26 -25.03 1.75 -15.94
CA LYS B 26 -25.97 0.65 -15.89
C LYS B 26 -25.25 -0.67 -16.14
N LEU B 27 -25.38 -1.60 -15.21
CA LEU B 27 -24.88 -2.94 -15.43
C LEU B 27 -25.74 -3.61 -16.49
N LEU B 28 -25.12 -4.45 -17.31
CA LEU B 28 -25.86 -5.10 -18.39
C LEU B 28 -25.66 -6.61 -18.40
N ILE B 29 -24.45 -7.07 -18.10
CA ILE B 29 -24.21 -8.50 -17.92
C ILE B 29 -23.00 -8.71 -17.03
N LYS B 30 -23.17 -9.55 -16.02
CA LYS B 30 -22.08 -10.09 -15.23
C LYS B 30 -21.92 -11.54 -15.64
N GLY B 31 -20.76 -12.12 -15.37
CA GLY B 31 -20.65 -13.57 -15.46
C GLY B 31 -19.22 -14.01 -15.72
N GLY B 32 -19.11 -15.15 -16.37
CA GLY B 32 -17.84 -15.79 -16.61
C GLY B 32 -17.05 -15.16 -17.75
N VAL B 33 -16.23 -15.98 -18.41
CA VAL B 33 -15.41 -15.44 -19.48
C VAL B 33 -16.20 -15.26 -20.78
N GLU B 34 -17.38 -15.89 -20.88
CA GLU B 34 -18.18 -15.80 -22.10
C GLU B 34 -19.02 -14.54 -22.16
N VAL B 35 -18.65 -13.50 -21.42
CA VAL B 35 -19.44 -12.29 -21.38
C VAL B 35 -18.98 -11.27 -22.41
N LEU B 36 -17.70 -11.33 -22.80
CA LEU B 36 -17.10 -10.33 -23.68
C LEU B 36 -17.71 -10.31 -25.08
N GLU B 37 -18.40 -11.38 -25.44
CA GLU B 37 -19.00 -11.52 -26.77
C GLU B 37 -20.33 -10.81 -26.97
N VAL B 38 -20.63 -9.82 -26.13
CA VAL B 38 -21.88 -9.09 -26.25
C VAL B 38 -21.72 -7.93 -27.23
N LYS B 39 -22.68 -7.80 -28.15
CA LYS B 39 -22.80 -6.59 -28.93
C LYS B 39 -23.22 -5.44 -28.02
N THR B 40 -22.36 -4.44 -27.91
CA THR B 40 -22.65 -3.24 -27.15
C THR B 40 -22.70 -2.05 -28.09
N GLY B 41 -22.90 -0.87 -27.53
CA GLY B 41 -22.88 0.36 -28.29
C GLY B 41 -21.47 0.84 -28.53
N VAL B 42 -21.27 2.14 -28.32
CA VAL B 42 -19.95 2.71 -28.51
C VAL B 42 -19.28 2.98 -27.17
N ASP B 43 -20.04 3.45 -26.19
CA ASP B 43 -19.49 3.89 -24.90
C ASP B 43 -19.39 2.75 -23.90
N ALA B 44 -19.24 1.52 -24.36
CA ALA B 44 -19.09 0.39 -23.47
C ALA B 44 -17.81 0.46 -22.69
N ILE B 45 -17.87 0.06 -21.43
CA ILE B 45 -16.69 -0.07 -20.59
C ILE B 45 -16.79 -1.39 -19.87
N THR B 46 -15.68 -2.10 -19.78
CA THR B 46 -15.65 -3.39 -19.10
C THR B 46 -14.68 -3.32 -17.94
N GLU B 47 -14.70 -4.36 -17.12
CA GLU B 47 -13.79 -4.49 -15.98
C GLU B 47 -13.48 -5.98 -15.89
N VAL B 48 -12.20 -6.34 -15.82
CA VAL B 48 -11.79 -7.73 -15.88
C VAL B 48 -10.97 -8.06 -14.64
N GLU B 49 -11.51 -8.92 -13.77
CA GLU B 49 -10.83 -9.33 -12.55
C GLU B 49 -10.11 -10.64 -12.82
N CYS B 50 -8.79 -10.65 -12.64
CA CYS B 50 -8.00 -11.81 -12.99
C CYS B 50 -6.84 -11.94 -12.01
N PHE B 51 -6.40 -13.17 -11.78
CA PHE B 51 -5.23 -13.38 -10.95
C PHE B 51 -4.20 -14.12 -11.78
N LEU B 52 -3.00 -14.25 -11.21
CA LEU B 52 -1.92 -15.01 -11.84
C LEU B 52 -1.35 -15.99 -10.83
N ASN B 53 -0.93 -17.13 -11.32
CA ASN B 53 -0.22 -17.99 -10.37
C ASN B 53 1.23 -17.57 -10.27
N PRO B 54 1.82 -17.65 -9.09
CA PRO B 54 3.28 -17.58 -8.99
C PRO B 54 3.89 -18.95 -9.29
N GLU B 55 4.96 -18.92 -10.06
CA GLU B 55 5.68 -20.13 -10.42
C GLU B 55 7.06 -20.02 -9.79
N MET B 56 7.17 -20.47 -8.54
CA MET B 56 8.42 -20.35 -7.82
C MET B 56 9.38 -21.49 -8.07
N GLY B 57 8.98 -22.49 -8.85
CA GLY B 57 9.85 -23.61 -9.13
C GLY B 57 9.24 -24.97 -8.92
N ASP B 58 8.42 -25.11 -7.86
CA ASP B 58 7.68 -26.31 -7.50
C ASP B 58 8.56 -27.55 -7.38
N PRO B 59 9.32 -27.68 -6.28
CA PRO B 59 10.31 -28.78 -6.17
C PRO B 59 9.71 -30.18 -6.23
N ASP B 60 8.45 -30.35 -5.85
CA ASP B 60 7.71 -31.56 -6.14
C ASP B 60 6.25 -31.16 -6.33
N GLU B 61 5.36 -32.14 -6.30
CA GLU B 61 3.94 -31.82 -6.42
C GLU B 61 3.32 -31.47 -5.07
N ASN B 62 4.01 -31.77 -3.98
CA ASN B 62 3.44 -31.66 -2.64
C ASN B 62 3.73 -30.34 -1.98
N LEU B 63 4.70 -29.57 -2.47
CA LEU B 63 5.19 -28.38 -1.79
C LEU B 63 5.07 -27.20 -2.74
N ARG B 64 3.86 -27.02 -3.25
CA ARG B 64 3.56 -26.02 -4.28
C ARG B 64 3.85 -24.61 -3.80
N GLY B 65 4.49 -23.83 -4.65
CA GLY B 65 4.74 -22.43 -4.39
C GLY B 65 6.07 -22.10 -3.77
N PHE B 66 6.97 -23.06 -3.64
CA PHE B 66 8.27 -22.80 -3.02
C PHE B 66 9.41 -23.00 -4.01
N SER B 67 10.62 -22.88 -3.48
CA SER B 67 11.84 -23.26 -4.15
C SER B 67 12.38 -24.53 -3.50
N LEU B 68 13.50 -25.02 -4.03
CA LEU B 68 14.18 -26.12 -3.38
C LEU B 68 15.23 -25.55 -2.43
N LYS B 69 15.87 -26.42 -1.65
CA LYS B 69 16.90 -25.97 -0.72
C LYS B 69 18.11 -25.41 -1.48
N LEU B 70 18.71 -24.37 -0.92
CA LEU B 70 19.68 -23.56 -1.65
C LEU B 70 21.05 -24.20 -1.63
N SER B 71 21.78 -24.06 -2.73
CA SER B 71 23.20 -24.36 -2.74
C SER B 71 23.94 -23.29 -1.95
N ALA B 72 24.79 -23.72 -1.02
CA ALA B 72 25.38 -22.75 -0.10
C ALA B 72 26.56 -22.02 -0.74
N GLU B 73 27.63 -22.75 -1.06
CA GLU B 73 28.86 -22.15 -1.58
C GLU B 73 29.45 -23.07 -2.65
N ASN B 74 29.42 -22.61 -3.89
CA ASN B 74 30.13 -23.27 -4.97
C ASN B 74 31.31 -22.43 -5.43
N ASP B 75 31.98 -22.91 -6.48
CA ASP B 75 33.00 -22.12 -7.14
C ASP B 75 32.37 -20.95 -7.86
N PHE B 76 33.17 -19.91 -8.10
CA PHE B 76 32.73 -18.83 -8.95
C PHE B 76 32.77 -19.27 -10.42
N SER B 77 33.51 -20.33 -10.72
CA SER B 77 33.63 -20.84 -12.09
C SER B 77 32.72 -22.02 -12.35
N SER B 78 32.69 -23.02 -11.47
CA SER B 78 31.93 -24.25 -11.73
C SER B 78 30.56 -24.21 -11.07
N ASP B 79 29.95 -23.04 -10.99
CA ASP B 79 28.65 -22.92 -10.33
C ASP B 79 27.56 -23.43 -11.27
N SER B 80 26.89 -24.48 -10.84
CA SER B 80 25.93 -25.19 -11.69
C SER B 80 24.66 -25.44 -10.88
N PRO B 81 23.72 -24.51 -10.90
CA PRO B 81 22.44 -24.72 -10.22
C PRO B 81 21.58 -25.72 -10.97
N GLU B 82 20.45 -26.06 -10.35
CA GLU B 82 19.43 -26.82 -11.04
C GLU B 82 18.19 -25.97 -11.24
N ARG B 83 17.30 -26.48 -12.09
CA ARG B 83 16.13 -25.73 -12.55
C ARG B 83 15.07 -25.65 -11.48
N LYS B 84 15.14 -26.49 -10.44
CA LYS B 84 14.09 -26.59 -9.44
C LYS B 84 14.25 -25.59 -8.30
N MET B 85 15.10 -24.58 -8.44
CA MET B 85 15.35 -23.62 -7.37
C MET B 85 15.48 -22.18 -7.86
N LEU B 86 14.82 -21.83 -8.97
CA LEU B 86 14.92 -20.47 -9.48
C LEU B 86 13.54 -19.86 -9.60
N PRO B 87 13.31 -18.68 -9.07
CA PRO B 87 12.04 -17.99 -9.34
C PRO B 87 11.98 -17.51 -10.78
N CYS B 88 10.78 -17.44 -11.32
CA CYS B 88 10.57 -17.08 -12.71
C CYS B 88 9.41 -16.11 -12.86
N TYR B 89 9.38 -15.43 -13.99
CA TYR B 89 8.34 -14.47 -14.31
C TYR B 89 7.09 -15.20 -14.79
N SER B 90 5.96 -14.81 -14.22
CA SER B 90 4.68 -15.39 -14.61
C SER B 90 4.01 -14.50 -15.64
N THR B 91 3.50 -15.12 -16.70
CA THR B 91 2.97 -14.40 -17.84
C THR B 91 1.70 -15.07 -18.34
N ALA B 92 0.84 -14.27 -18.98
CA ALA B 92 -0.43 -14.77 -19.48
C ALA B 92 -0.96 -13.84 -20.56
N ARG B 93 -1.90 -14.35 -21.35
CA ARG B 93 -2.51 -13.59 -22.43
C ARG B 93 -4.04 -13.68 -22.35
N ILE B 94 -4.70 -12.53 -22.36
CA ILE B 94 -6.15 -12.47 -22.30
C ILE B 94 -6.66 -12.15 -23.72
N PRO B 95 -7.48 -13.00 -24.32
CA PRO B 95 -8.04 -12.66 -25.63
C PRO B 95 -9.11 -11.60 -25.49
N LEU B 96 -9.34 -10.87 -26.56
CA LEU B 96 -10.46 -9.97 -26.60
C LEU B 96 -11.26 -10.22 -27.87
N PRO B 97 -12.56 -9.89 -27.90
CA PRO B 97 -13.30 -10.00 -29.15
C PRO B 97 -13.07 -8.77 -30.02
N ASN B 98 -13.41 -8.92 -31.28
CA ASN B 98 -13.20 -7.87 -32.27
C ASN B 98 -14.17 -6.71 -32.07
N LEU B 99 -13.71 -5.52 -32.43
CA LEU B 99 -14.59 -4.37 -32.64
C LEU B 99 -14.87 -4.27 -34.13
N ASN B 100 -15.68 -5.21 -34.61
CA ASN B 100 -16.01 -5.30 -36.03
C ASN B 100 -16.97 -4.19 -36.38
N GLU B 101 -16.44 -2.98 -36.61
CA GLU B 101 -17.26 -1.80 -36.68
C GLU B 101 -17.10 -1.12 -38.04
N ASP B 102 -17.74 0.02 -38.19
CA ASP B 102 -18.06 0.62 -39.48
C ASP B 102 -17.54 2.06 -39.55
N LEU B 103 -16.28 2.26 -39.22
CA LEU B 103 -15.73 3.61 -39.33
C LEU B 103 -15.43 3.97 -40.78
N THR B 104 -15.47 5.28 -41.05
CA THR B 104 -15.09 5.84 -42.33
C THR B 104 -13.62 6.21 -42.32
N CYS B 105 -13.12 6.52 -43.53
CA CYS B 105 -11.76 6.94 -43.87
C CYS B 105 -10.65 6.17 -43.14
N GLY B 106 -10.85 4.87 -42.95
CA GLY B 106 -9.82 4.03 -42.39
C GLY B 106 -9.55 4.20 -40.91
N ASN B 107 -10.51 4.69 -40.13
CA ASN B 107 -10.34 4.72 -38.69
C ASN B 107 -10.63 3.34 -38.13
N LEU B 108 -10.08 3.07 -36.95
CA LEU B 108 -10.28 1.78 -36.31
C LEU B 108 -10.73 1.98 -34.87
N LEU B 109 -11.05 0.90 -34.19
CA LEU B 109 -11.35 0.95 -32.77
C LEU B 109 -10.59 -0.17 -32.08
N MET B 110 -9.77 0.17 -31.10
CA MET B 110 -9.00 -0.82 -30.35
C MET B 110 -9.20 -0.63 -28.86
N TRP B 111 -8.90 -1.67 -28.10
CA TRP B 111 -9.16 -1.69 -26.67
C TRP B 111 -8.01 -1.05 -25.90
N GLU B 112 -8.36 -0.08 -25.06
CA GLU B 112 -7.40 0.67 -24.25
C GLU B 112 -7.54 0.21 -22.80
N ALA B 113 -6.43 0.11 -22.09
CA ALA B 113 -6.45 -0.36 -20.70
C ALA B 113 -6.16 0.79 -19.76
N VAL B 114 -7.19 1.44 -19.24
CA VAL B 114 -7.01 2.72 -18.57
C VAL B 114 -6.48 2.56 -17.16
N THR B 115 -7.13 1.75 -16.33
CA THR B 115 -6.80 1.80 -14.90
C THR B 115 -6.56 0.43 -14.32
N VAL B 116 -5.38 0.23 -13.75
CA VAL B 116 -5.01 -1.01 -13.09
C VAL B 116 -5.22 -0.81 -11.60
N GLN B 117 -5.29 -1.90 -10.84
CA GLN B 117 -5.39 -1.88 -9.38
C GLN B 117 -4.89 -3.23 -8.88
N THR B 118 -3.72 -3.23 -8.26
CA THR B 118 -3.12 -4.47 -7.79
C THR B 118 -3.25 -4.58 -6.28
N GLU B 119 -3.21 -5.82 -5.81
CA GLU B 119 -3.47 -6.15 -4.42
C GLU B 119 -3.02 -7.58 -4.19
N VAL B 120 -2.14 -7.78 -3.23
CA VAL B 120 -1.49 -9.08 -3.05
C VAL B 120 -2.43 -9.99 -2.27
N ILE B 121 -2.62 -11.20 -2.76
CA ILE B 121 -3.52 -12.18 -2.15
C ILE B 121 -2.70 -13.18 -1.36
N GLY B 122 -3.08 -13.38 -0.10
CA GLY B 122 -2.49 -14.44 0.71
C GLY B 122 -1.49 -13.94 1.71
N ILE B 123 -1.64 -12.67 2.12
CA ILE B 123 -0.61 -12.03 2.92
C ILE B 123 -0.55 -12.53 4.35
N THR B 124 -1.62 -13.14 4.86
CA THR B 124 -1.59 -13.56 6.25
C THR B 124 -1.28 -15.03 6.40
N SER B 125 -0.75 -15.68 5.37
CA SER B 125 -0.26 -17.02 5.55
C SER B 125 1.05 -17.03 6.31
N MET B 126 1.80 -15.94 6.25
CA MET B 126 3.11 -15.80 6.87
C MET B 126 3.06 -15.63 8.38
N LEU B 127 1.87 -15.42 8.95
CA LEU B 127 1.70 -15.36 10.40
C LEU B 127 1.76 -16.72 11.04
N ASN B 128 1.54 -17.79 10.28
CA ASN B 128 1.54 -19.15 10.81
C ASN B 128 2.96 -19.50 11.19
N LEU B 129 3.29 -19.36 12.47
CA LEU B 129 4.64 -19.59 12.95
C LEU B 129 4.93 -21.07 13.20
N HIS B 130 3.91 -21.89 13.42
CA HIS B 130 4.16 -23.31 13.68
C HIS B 130 4.11 -24.14 12.40
N ALA B 131 5.05 -23.84 11.52
CA ALA B 131 5.13 -24.49 10.21
C ALA B 131 6.56 -24.95 9.94
N GLY B 132 7.16 -25.62 10.93
CA GLY B 132 8.42 -26.29 10.72
C GLY B 132 9.63 -25.40 10.59
N SER B 133 9.61 -24.20 11.15
CA SER B 133 10.78 -23.34 11.11
C SER B 133 11.84 -23.84 12.08
N GLN B 134 13.05 -23.30 11.95
CA GLN B 134 14.06 -23.53 12.96
C GLN B 134 13.72 -22.73 14.20
N LYS B 135 13.99 -23.33 15.36
CA LYS B 135 13.60 -22.74 16.63
C LYS B 135 14.44 -21.49 16.91
N VAL B 136 13.76 -20.39 17.25
CA VAL B 136 14.41 -19.08 17.23
C VAL B 136 15.26 -18.86 18.49
N HIS B 137 14.83 -19.38 19.63
CA HIS B 137 15.61 -19.38 20.87
C HIS B 137 15.21 -20.62 21.65
N GLU B 138 15.37 -20.57 22.98
CA GLU B 138 15.28 -21.75 23.83
C GLU B 138 13.93 -22.47 23.72
N HIS B 139 12.84 -21.80 24.11
CA HIS B 139 11.51 -22.40 24.08
C HIS B 139 10.54 -21.60 23.23
N GLY B 140 11.04 -20.75 22.34
CA GLY B 140 10.20 -19.86 21.57
C GLY B 140 9.42 -20.56 20.47
N GLY B 141 8.76 -19.75 19.67
CA GLY B 141 7.98 -20.26 18.57
C GLY B 141 8.77 -20.39 17.28
N GLY B 142 8.12 -20.15 16.16
CA GLY B 142 8.76 -20.31 14.86
C GLY B 142 9.20 -18.96 14.32
N LYS B 143 10.14 -19.00 13.39
CA LYS B 143 10.64 -17.78 12.78
C LYS B 143 9.79 -17.42 11.58
N PRO B 144 9.34 -16.18 11.47
CA PRO B 144 8.59 -15.76 10.27
C PRO B 144 9.52 -15.56 9.09
N ILE B 145 8.92 -15.26 7.94
CA ILE B 145 9.67 -15.08 6.70
C ILE B 145 10.25 -13.67 6.67
N GLN B 146 11.57 -13.58 6.51
CA GLN B 146 12.22 -12.28 6.38
C GLN B 146 13.45 -12.43 5.50
N GLY B 147 13.78 -11.35 4.80
CA GLY B 147 14.87 -11.34 3.85
C GLY B 147 14.53 -10.46 2.66
N SER B 148 15.17 -10.72 1.53
CA SER B 148 15.03 -9.86 0.37
C SER B 148 13.70 -10.10 -0.33
N ASN B 149 12.88 -9.07 -0.41
CA ASN B 149 11.62 -9.17 -1.13
C ASN B 149 11.78 -8.58 -2.53
N PHE B 150 10.79 -8.83 -3.38
CA PHE B 150 10.80 -8.34 -4.75
C PHE B 150 9.37 -8.40 -5.25
N HIS B 151 8.90 -7.31 -5.85
CA HIS B 151 7.54 -7.27 -6.41
C HIS B 151 7.58 -6.54 -7.73
N PHE B 152 6.90 -7.10 -8.73
CA PHE B 152 6.96 -6.61 -10.10
C PHE B 152 5.74 -7.06 -10.90
N PHE B 153 5.05 -6.10 -11.53
CA PHE B 153 3.93 -6.42 -12.38
C PHE B 153 3.94 -5.50 -13.59
N ALA B 154 3.16 -5.84 -14.61
CA ALA B 154 3.20 -5.15 -15.89
C ALA B 154 1.92 -5.38 -16.66
N VAL B 155 1.40 -4.31 -17.26
CA VAL B 155 0.15 -4.33 -18.00
C VAL B 155 0.38 -3.64 -19.34
N GLY B 156 0.07 -4.32 -20.43
CA GLY B 156 0.21 -3.66 -21.72
C GLY B 156 -0.28 -4.52 -22.86
N GLY B 157 -0.38 -3.88 -24.03
CA GLY B 157 -0.84 -4.52 -25.24
C GLY B 157 0.20 -5.30 -26.00
N ASP B 158 1.46 -5.24 -25.60
CA ASP B 158 2.55 -5.96 -26.23
C ASP B 158 3.28 -6.74 -25.16
N PRO B 159 3.96 -7.83 -25.53
CA PRO B 159 4.72 -8.59 -24.53
C PRO B 159 5.88 -7.76 -23.98
N LEU B 160 6.27 -8.09 -22.76
CA LEU B 160 7.20 -7.25 -22.02
C LEU B 160 8.61 -7.41 -22.56
N GLU B 161 9.01 -6.48 -23.44
CA GLU B 161 10.32 -6.53 -24.05
C GLU B 161 11.36 -6.15 -23.02
N MET B 162 12.26 -7.08 -22.68
CA MET B 162 13.09 -6.92 -21.51
C MET B 162 14.57 -7.06 -21.87
N GLN B 163 15.40 -6.57 -20.95
CA GLN B 163 16.82 -6.34 -21.15
C GLN B 163 17.63 -7.48 -20.55
N GLY B 164 18.74 -7.83 -21.21
CA GLY B 164 19.65 -8.80 -20.65
C GLY B 164 20.66 -8.22 -19.68
N VAL B 165 20.60 -8.63 -18.42
CA VAL B 165 21.60 -8.35 -17.40
C VAL B 165 21.77 -9.60 -16.57
N LEU B 166 23.00 -10.05 -16.41
CA LEU B 166 23.24 -11.11 -15.43
C LEU B 166 24.50 -10.84 -14.63
N MET B 167 24.80 -11.65 -13.63
CA MET B 167 26.09 -11.61 -12.98
C MET B 167 26.69 -13.01 -12.96
N ASN B 168 28.02 -13.05 -12.89
CA ASN B 168 28.82 -14.28 -12.93
C ASN B 168 28.47 -15.10 -14.18
N TYR B 169 28.89 -14.57 -15.33
CA TYR B 169 28.57 -15.15 -16.63
C TYR B 169 29.11 -16.56 -16.83
N ARG B 170 30.05 -16.98 -16.00
CA ARG B 170 30.59 -18.33 -16.07
C ARG B 170 29.75 -19.36 -15.31
N THR B 171 28.47 -19.10 -15.05
CA THR B 171 27.61 -20.11 -14.46
C THR B 171 26.86 -20.89 -15.53
N LYS B 172 26.85 -22.21 -15.38
CA LYS B 172 26.18 -23.08 -16.36
C LYS B 172 24.73 -23.35 -15.96
N TYR B 173 23.80 -22.67 -16.62
CA TYR B 173 22.40 -22.84 -16.32
C TYR B 173 21.92 -24.24 -16.72
N PRO B 174 20.79 -24.69 -16.20
CA PRO B 174 20.17 -25.89 -16.74
C PRO B 174 19.29 -25.57 -17.94
N ASP B 175 18.76 -26.61 -18.59
CA ASP B 175 18.22 -26.46 -19.94
C ASP B 175 16.71 -26.22 -19.96
N GLY B 176 16.05 -26.25 -18.80
CA GLY B 176 14.66 -25.83 -18.77
C GLY B 176 14.51 -24.33 -18.91
N THR B 177 15.57 -23.57 -18.63
CA THR B 177 15.51 -22.13 -18.59
C THR B 177 15.90 -21.50 -19.92
N ILE B 178 15.41 -20.30 -20.17
CA ILE B 178 15.86 -19.48 -21.28
C ILE B 178 16.74 -18.35 -20.75
N THR B 179 18.01 -18.38 -21.14
CA THR B 179 19.05 -17.49 -20.65
C THR B 179 19.48 -16.61 -21.80
N PRO B 180 20.24 -15.54 -21.55
CA PRO B 180 20.86 -14.81 -22.66
C PRO B 180 21.92 -15.66 -23.35
N LYS B 181 21.92 -15.59 -24.68
CA LYS B 181 22.85 -16.35 -25.50
C LYS B 181 24.22 -15.70 -25.49
N ASN B 182 25.26 -16.52 -25.31
CA ASN B 182 26.67 -16.17 -25.37
C ASN B 182 27.07 -15.00 -24.48
N PRO B 183 27.13 -15.18 -23.17
CA PRO B 183 27.57 -14.09 -22.31
C PRO B 183 29.08 -13.94 -22.33
N THR B 184 29.52 -12.70 -22.12
CA THR B 184 30.92 -12.37 -21.91
C THR B 184 31.06 -11.73 -20.53
N ALA B 185 32.24 -11.20 -20.25
CA ALA B 185 32.39 -10.34 -19.08
C ALA B 185 31.68 -9.01 -19.28
N GLN B 186 31.50 -8.59 -20.53
CA GLN B 186 30.80 -7.33 -20.81
C GLN B 186 29.31 -7.44 -20.52
N SER B 187 28.75 -8.66 -20.51
CA SER B 187 27.33 -8.84 -20.28
C SER B 187 26.90 -8.50 -18.86
N GLN B 188 27.83 -8.41 -17.91
CA GLN B 188 27.47 -8.09 -16.52
C GLN B 188 27.11 -6.63 -16.31
N VAL B 189 27.24 -5.80 -17.33
CA VAL B 189 26.76 -4.42 -17.33
C VAL B 189 25.91 -4.29 -18.58
N MET B 190 25.50 -3.05 -18.89
CA MET B 190 24.65 -2.77 -20.06
C MET B 190 25.26 -3.28 -21.35
N ASN B 191 24.59 -4.27 -21.94
CA ASN B 191 24.99 -4.81 -23.24
C ASN B 191 23.75 -4.82 -24.12
N THR B 192 23.96 -4.80 -25.43
CA THR B 192 22.86 -4.72 -26.37
C THR B 192 22.45 -6.08 -26.91
N ASP B 193 23.40 -7.00 -27.08
CA ASP B 193 23.13 -8.23 -27.84
C ASP B 193 22.49 -9.33 -27.00
N HIS B 194 21.84 -9.00 -25.88
CA HIS B 194 21.17 -9.98 -25.04
C HIS B 194 19.68 -9.68 -24.88
N LYS B 195 18.98 -9.40 -25.97
CA LYS B 195 17.55 -9.12 -25.89
C LYS B 195 16.74 -10.40 -26.01
N ALA B 196 15.52 -10.37 -25.47
CA ALA B 196 14.53 -11.40 -25.69
C ALA B 196 13.15 -10.84 -25.40
N TYR B 197 12.14 -11.53 -25.94
CA TYR B 197 10.75 -11.36 -25.55
C TYR B 197 10.44 -12.28 -24.38
N LEU B 198 9.19 -12.22 -23.93
CA LEU B 198 8.72 -12.93 -22.75
C LEU B 198 7.49 -13.75 -23.16
N ASP B 199 7.71 -15.02 -23.48
CA ASP B 199 6.67 -15.81 -24.13
C ASP B 199 6.60 -17.25 -23.62
N LYS B 200 7.10 -17.54 -22.43
CA LYS B 200 7.15 -18.91 -21.96
C LYS B 200 7.21 -18.91 -20.44
N ASN B 201 6.20 -19.48 -19.80
CA ASN B 201 6.11 -19.44 -18.35
C ASN B 201 7.13 -20.38 -17.73
N ASN B 202 7.61 -19.97 -16.55
CA ASN B 202 8.49 -20.77 -15.68
C ASN B 202 9.81 -21.11 -16.36
N ALA B 203 10.33 -20.23 -17.21
CA ALA B 203 11.63 -20.48 -17.80
C ALA B 203 12.52 -19.25 -17.79
N TYR B 204 11.95 -18.08 -17.67
CA TYR B 204 12.70 -16.84 -17.58
C TYR B 204 13.08 -16.54 -16.14
N PRO B 205 14.34 -16.72 -15.74
CA PRO B 205 14.68 -16.59 -14.31
C PRO B 205 14.74 -15.13 -13.89
N VAL B 206 14.57 -14.91 -12.59
CA VAL B 206 14.47 -13.54 -12.08
C VAL B 206 15.84 -12.88 -12.00
N GLU B 207 16.91 -13.67 -11.94
CA GLU B 207 18.22 -13.08 -11.76
C GLU B 207 18.91 -12.78 -13.08
N CYS B 208 18.21 -12.89 -14.21
CA CYS B 208 18.85 -12.76 -15.50
C CYS B 208 18.17 -11.79 -16.44
N TRP B 209 17.08 -11.16 -16.03
CA TRP B 209 16.31 -10.30 -16.92
C TRP B 209 15.68 -9.18 -16.11
N VAL B 210 15.76 -7.96 -16.63
CA VAL B 210 15.06 -6.81 -16.07
C VAL B 210 14.36 -6.16 -17.25
N PRO B 211 13.36 -5.29 -17.06
CA PRO B 211 12.74 -4.63 -18.22
C PRO B 211 13.69 -3.66 -18.92
N ASP B 212 13.56 -3.60 -20.24
CA ASP B 212 14.34 -2.69 -21.06
C ASP B 212 13.71 -1.32 -21.01
N PRO B 213 14.42 -0.28 -20.56
CA PRO B 213 13.83 1.05 -20.53
C PRO B 213 13.73 1.72 -21.88
N SER B 214 14.31 1.14 -22.93
CA SER B 214 14.40 1.83 -24.21
C SER B 214 13.22 1.60 -25.13
N ARG B 215 12.62 0.42 -25.10
CA ARG B 215 11.76 -0.06 -26.17
C ARG B 215 10.26 0.00 -25.89
N ASN B 216 9.84 -0.03 -24.64
CA ASN B 216 8.42 -0.29 -24.33
C ASN B 216 7.64 1.02 -24.31
N GLU B 217 7.18 1.42 -25.50
CA GLU B 217 6.25 2.55 -25.56
C GLU B 217 4.82 2.16 -25.21
N ASN B 218 4.56 0.88 -25.01
CA ASN B 218 3.17 0.42 -24.98
C ASN B 218 2.78 -0.25 -23.68
N THR B 219 3.73 -0.68 -22.85
CA THR B 219 3.40 -1.23 -21.55
C THR B 219 3.58 -0.17 -20.46
N ARG B 220 3.37 -0.61 -19.22
CA ARG B 220 3.68 0.15 -18.01
C ARG B 220 4.14 -0.89 -17.01
N TYR B 221 5.40 -0.88 -16.62
CA TYR B 221 5.85 -1.78 -15.58
C TYR B 221 6.13 -1.00 -14.30
N PHE B 222 5.81 -1.60 -13.17
CA PHE B 222 6.12 -1.05 -11.86
C PHE B 222 6.87 -2.11 -11.07
N GLY B 223 7.83 -1.69 -10.27
CA GLY B 223 8.57 -2.64 -9.47
C GLY B 223 9.45 -1.98 -8.46
N THR B 224 9.74 -2.72 -7.40
CA THR B 224 10.63 -2.25 -6.35
C THR B 224 11.41 -3.41 -5.77
N PHE B 225 12.54 -3.10 -5.18
CA PHE B 225 13.46 -4.13 -4.72
C PHE B 225 14.17 -3.70 -3.44
N THR B 226 14.33 -4.64 -2.53
CA THR B 226 15.11 -4.40 -1.32
C THR B 226 15.91 -5.65 -1.03
N GLY B 227 17.22 -5.54 -1.13
CA GLY B 227 18.08 -6.65 -0.77
C GLY B 227 18.49 -6.55 0.68
N GLY B 228 18.66 -7.69 1.34
CA GLY B 228 19.06 -7.66 2.73
C GLY B 228 19.21 -9.05 3.29
N GLU B 229 20.04 -9.14 4.33
CA GLU B 229 20.16 -10.38 5.09
C GLU B 229 18.87 -10.67 5.84
N ASN B 230 18.33 -9.66 6.51
CA ASN B 230 17.11 -9.82 7.30
C ASN B 230 16.42 -8.46 7.43
N VAL B 231 15.40 -8.24 6.60
CA VAL B 231 14.55 -7.06 6.69
C VAL B 231 13.11 -7.54 6.75
N PRO B 232 12.20 -6.79 7.37
CA PRO B 232 10.80 -7.21 7.39
C PRO B 232 10.12 -6.96 6.05
N PRO B 233 9.40 -7.93 5.53
CA PRO B 233 8.57 -7.70 4.32
C PRO B 233 7.34 -6.90 4.68
N VAL B 234 7.19 -5.75 4.06
CA VAL B 234 6.07 -4.85 4.32
C VAL B 234 5.05 -5.03 3.21
N LEU B 235 3.84 -5.39 3.58
CA LEU B 235 2.74 -5.54 2.63
C LEU B 235 1.68 -4.51 2.97
N HIS B 236 0.84 -4.19 2.01
CA HIS B 236 -0.08 -3.09 2.12
C HIS B 236 -1.34 -3.41 1.32
N VAL B 237 -2.45 -3.67 2.00
CA VAL B 237 -3.66 -4.14 1.34
C VAL B 237 -4.79 -3.16 1.59
N THR B 238 -5.49 -2.77 0.53
CA THR B 238 -6.56 -1.78 0.55
C THR B 238 -7.31 -1.87 -0.76
N ASN B 239 -8.62 -2.02 -0.71
CA ASN B 239 -9.40 -2.03 -1.93
C ASN B 239 -10.06 -0.69 -2.22
N THR B 240 -9.38 0.41 -1.91
CA THR B 240 -9.73 1.71 -2.47
C THR B 240 -8.59 2.38 -3.21
N ALA B 241 -7.41 1.76 -3.29
CA ALA B 241 -6.30 2.34 -4.02
C ALA B 241 -6.54 2.25 -5.52
N THR B 242 -6.00 3.21 -6.27
CA THR B 242 -6.27 3.29 -7.70
C THR B 242 -5.02 3.79 -8.40
N THR B 243 -4.41 2.93 -9.22
CA THR B 243 -3.17 3.24 -9.92
C THR B 243 -3.46 3.55 -11.38
N VAL B 244 -3.09 4.74 -11.81
CA VAL B 244 -3.52 5.28 -13.10
C VAL B 244 -2.47 4.94 -14.15
N LEU B 245 -2.91 4.60 -15.36
CA LEU B 245 -2.01 4.21 -16.45
C LEU B 245 -2.12 5.12 -17.66
N LEU B 246 -2.11 6.44 -17.49
CA LEU B 246 -2.10 7.32 -18.63
C LEU B 246 -0.72 7.95 -18.84
N ASP B 247 -0.41 8.25 -20.10
CA ASP B 247 0.84 8.92 -20.44
C ASP B 247 0.62 10.43 -20.52
N GLU B 248 1.58 11.15 -21.10
CA GLU B 248 1.51 12.60 -21.17
C GLU B 248 0.47 13.07 -22.17
N GLN B 249 0.12 12.24 -23.14
CA GLN B 249 -0.82 12.65 -24.17
C GLN B 249 -2.25 12.26 -23.86
N GLY B 250 -2.46 11.21 -23.06
CA GLY B 250 -3.79 10.79 -22.70
C GLY B 250 -4.20 9.43 -23.20
N VAL B 251 -3.26 8.53 -23.45
CA VAL B 251 -3.57 7.19 -23.92
C VAL B 251 -2.85 6.17 -23.06
N GLY B 252 -3.52 5.08 -22.76
CA GLY B 252 -2.93 4.05 -21.95
C GLY B 252 -2.15 3.08 -22.81
N PRO B 253 -2.17 1.82 -22.42
CA PRO B 253 -1.76 0.78 -23.35
C PRO B 253 -2.82 0.53 -24.40
N LEU B 254 -2.47 0.66 -25.67
CA LEU B 254 -3.32 0.20 -26.73
C LEU B 254 -3.04 -1.26 -27.00
N CYS B 255 -4.04 -1.97 -27.53
CA CYS B 255 -3.88 -3.35 -27.95
C CYS B 255 -3.84 -3.35 -29.47
N LYS B 256 -2.62 -3.50 -30.03
CA LYS B 256 -2.43 -3.52 -31.47
C LYS B 256 -3.17 -4.69 -32.09
N ALA B 257 -2.73 -5.90 -31.76
CA ALA B 257 -3.56 -7.07 -31.99
C ALA B 257 -4.56 -7.20 -30.85
N ASP B 258 -5.64 -7.92 -31.11
CA ASP B 258 -6.61 -8.17 -30.04
C ASP B 258 -6.01 -9.23 -29.12
N SER B 259 -5.25 -8.72 -28.16
CA SER B 259 -4.63 -9.52 -27.11
C SER B 259 -4.28 -8.53 -26.00
N LEU B 260 -4.12 -9.04 -24.79
CA LEU B 260 -3.74 -8.22 -23.66
C LEU B 260 -2.77 -9.01 -22.81
N TYR B 261 -1.52 -8.58 -22.80
CA TYR B 261 -0.42 -9.31 -22.17
C TYR B 261 -0.23 -8.77 -20.76
N VAL B 262 -0.41 -9.65 -19.78
CA VAL B 262 -0.22 -9.29 -18.39
C VAL B 262 0.86 -10.19 -17.81
N SER B 263 1.93 -9.59 -17.33
CA SER B 263 3.06 -10.32 -16.76
C SER B 263 3.39 -9.75 -15.40
N ALA B 264 3.64 -10.66 -14.45
CA ALA B 264 3.93 -10.23 -13.09
C ALA B 264 4.74 -11.29 -12.39
N ALA B 265 5.45 -10.87 -11.33
CA ALA B 265 6.26 -11.79 -10.54
C ALA B 265 6.44 -11.21 -9.15
N ASP B 266 6.42 -12.07 -8.13
CA ASP B 266 6.47 -11.64 -6.72
C ASP B 266 7.31 -12.63 -5.91
N ILE B 267 8.31 -12.09 -5.21
CA ILE B 267 9.07 -12.88 -4.26
C ILE B 267 8.99 -12.20 -2.90
N CYS B 268 8.51 -12.93 -1.89
CA CYS B 268 8.25 -12.31 -0.60
C CYS B 268 9.44 -12.31 0.34
N GLY B 269 10.21 -13.39 0.40
CA GLY B 269 11.32 -13.45 1.32
C GLY B 269 11.88 -14.84 1.44
N LEU B 270 12.54 -15.07 2.57
CA LEU B 270 13.27 -16.30 2.82
C LEU B 270 12.66 -17.04 3.99
N PHE B 271 12.43 -18.34 3.81
CA PHE B 271 11.74 -19.18 4.78
C PHE B 271 12.70 -20.27 5.23
N THR B 272 12.85 -20.43 6.54
CA THR B 272 13.78 -21.39 7.10
C THR B 272 13.06 -22.71 7.37
N ASN B 273 13.65 -23.81 6.95
CA ASN B 273 13.07 -25.11 7.20
C ASN B 273 13.49 -25.64 8.57
N SER B 274 13.23 -26.93 8.80
CA SER B 274 13.44 -27.51 10.12
C SER B 274 14.91 -27.78 10.42
N SER B 275 15.68 -28.18 9.41
CA SER B 275 17.12 -28.36 9.59
C SER B 275 17.89 -27.05 9.48
N GLY B 276 17.21 -25.95 9.17
CA GLY B 276 17.85 -24.66 9.10
C GLY B 276 18.25 -24.20 7.72
N THR B 277 17.45 -24.50 6.70
CA THR B 277 17.78 -24.11 5.34
C THR B 277 16.80 -23.06 4.86
N GLN B 278 17.34 -21.93 4.41
CA GLN B 278 16.50 -20.89 3.83
C GLN B 278 15.99 -21.31 2.47
N GLN B 279 14.74 -20.99 2.20
CA GLN B 279 14.25 -21.12 0.84
C GLN B 279 13.20 -20.04 0.59
N TRP B 280 12.80 -19.93 -0.67
CA TRP B 280 12.09 -18.77 -1.15
C TRP B 280 10.59 -18.89 -0.87
N ARG B 281 9.87 -17.82 -1.20
CA ARG B 281 8.43 -17.76 -0.98
C ARG B 281 7.79 -16.79 -1.94
N GLY B 282 6.76 -17.24 -2.65
CA GLY B 282 6.01 -16.39 -3.54
C GLY B 282 4.53 -16.46 -3.22
N LEU B 283 3.83 -15.40 -3.59
CA LEU B 283 2.39 -15.33 -3.43
C LEU B 283 1.76 -14.88 -4.74
N ALA B 284 0.44 -14.95 -4.79
CA ALA B 284 -0.29 -14.60 -6.00
C ALA B 284 -0.43 -13.09 -6.11
N ARG B 285 -1.09 -12.65 -7.18
CA ARG B 285 -1.30 -11.23 -7.40
C ARG B 285 -2.62 -11.05 -8.13
N TYR B 286 -3.37 -10.04 -7.71
CA TYR B 286 -4.67 -9.73 -8.28
C TYR B 286 -4.55 -8.52 -9.20
N PHE B 287 -5.42 -8.45 -10.19
CA PHE B 287 -5.49 -7.32 -11.10
C PHE B 287 -6.94 -6.87 -11.21
N LYS B 288 -7.15 -5.67 -11.76
CA LYS B 288 -8.47 -5.28 -12.25
C LYS B 288 -8.25 -4.21 -13.32
N ILE B 289 -8.27 -4.64 -14.57
CA ILE B 289 -8.03 -3.73 -15.68
C ILE B 289 -9.36 -3.22 -16.19
N ARG B 290 -9.49 -1.91 -16.24
CA ARG B 290 -10.67 -1.27 -16.79
C ARG B 290 -10.36 -1.07 -18.27
N LEU B 291 -11.35 -1.20 -19.12
CA LEU B 291 -11.15 -1.06 -20.56
C LEU B 291 -12.10 -0.02 -21.13
N ARG B 292 -11.83 0.35 -22.38
CA ARG B 292 -12.62 1.31 -23.14
C ARG B 292 -12.23 1.26 -24.63
N LYS B 293 -13.03 1.88 -25.48
CA LYS B 293 -12.81 1.91 -26.93
C LYS B 293 -12.22 3.25 -27.33
N ARG B 294 -11.08 3.25 -28.01
CA ARG B 294 -10.47 4.47 -28.52
C ARG B 294 -10.62 4.56 -30.03
N SER B 295 -10.78 5.78 -30.52
CA SER B 295 -10.79 6.01 -31.96
C SER B 295 -9.38 6.35 -32.43
N VAL B 296 -8.73 5.39 -33.10
CA VAL B 296 -7.40 5.62 -33.61
C VAL B 296 -7.48 5.74 -35.12
N LYS B 297 -6.36 6.08 -35.75
CA LYS B 297 -6.28 6.20 -37.19
C LYS B 297 -5.34 5.12 -37.71
N ASN B 298 -5.38 4.89 -39.02
CA ASN B 298 -4.54 3.88 -39.64
C ASN B 298 -3.19 4.49 -39.99
N PRO B 299 -2.11 3.82 -39.57
CA PRO B 299 -0.73 4.26 -39.79
C PRO B 299 -0.13 3.75 -41.09
N TYR B 300 -0.19 2.44 -41.31
CA TYR B 300 0.38 1.83 -42.52
C TYR B 300 -0.37 2.24 -43.80
N PRO B 301 0.32 2.14 -44.95
CA PRO B 301 -0.24 2.50 -46.26
C PRO B 301 -1.27 1.51 -46.77
N ILE B 302 -1.96 1.88 -47.85
CA ILE B 302 -2.99 1.03 -48.45
C ILE B 302 -2.42 -0.16 -49.21
N SER B 303 -1.16 -0.07 -49.62
CA SER B 303 -0.52 -1.14 -50.35
C SER B 303 0.19 -2.12 -49.41
N PHE B 304 -0.58 -2.74 -48.52
CA PHE B 304 -0.02 -3.70 -47.57
C PHE B 304 -0.72 -5.05 -47.68
N LEU B 305 -2.05 -5.02 -47.71
CA LEU B 305 -2.83 -6.25 -47.82
C LEU B 305 -2.43 -7.00 -49.09
N LEU B 306 -2.37 -6.26 -50.20
CA LEU B 306 -2.00 -6.83 -51.49
C LEU B 306 -0.56 -7.35 -51.47
N SER B 307 0.32 -6.63 -50.78
CA SER B 307 1.72 -7.01 -50.68
C SER B 307 1.86 -8.45 -50.22
N ASP B 308 1.08 -8.85 -49.23
CA ASP B 308 1.14 -10.22 -48.73
C ASP B 308 0.29 -11.17 -49.57
N LEU B 309 -0.84 -10.69 -50.09
CA LEU B 309 -1.79 -11.54 -50.79
C LEU B 309 -1.19 -12.10 -52.08
N ILE B 310 -0.41 -11.29 -52.79
CA ILE B 310 0.24 -11.77 -53.99
C ILE B 310 1.39 -12.72 -53.64
N ASN B 311 2.08 -12.45 -52.55
CA ASN B 311 3.27 -13.21 -52.23
C ASN B 311 2.98 -14.58 -51.62
N ARG B 312 1.72 -14.95 -51.43
CA ARG B 312 1.40 -16.28 -50.95
C ARG B 312 0.68 -17.13 -51.99
N ARG B 313 0.62 -16.66 -53.24
CA ARG B 313 -0.01 -17.40 -54.33
C ARG B 313 0.87 -17.61 -55.54
N THR B 314 1.66 -16.61 -55.92
CA THR B 314 2.54 -16.71 -57.07
C THR B 314 3.72 -17.60 -56.72
N GLN B 315 4.25 -18.30 -57.73
CA GLN B 315 5.37 -19.21 -57.52
C GLN B 315 6.64 -18.46 -57.15
N ARG B 316 7.54 -19.18 -56.49
CA ARG B 316 8.84 -18.67 -56.10
C ARG B 316 9.77 -18.94 -57.26
N VAL B 317 10.48 -17.91 -57.71
CA VAL B 317 11.37 -18.06 -58.87
C VAL B 317 12.80 -17.91 -58.39
N ASP B 318 13.66 -18.86 -58.78
CA ASP B 318 15.09 -18.75 -58.52
C ASP B 318 15.81 -18.13 -59.72
N GLY B 319 15.58 -16.84 -59.93
CA GLY B 319 16.18 -16.13 -61.03
C GLY B 319 17.65 -15.82 -60.79
N GLN B 320 18.27 -15.22 -61.80
CA GLN B 320 19.59 -14.65 -61.57
C GLN B 320 19.42 -13.27 -60.95
N PRO B 321 20.08 -13.02 -59.81
CA PRO B 321 19.57 -12.07 -58.82
C PRO B 321 19.63 -10.62 -59.28
N MET B 322 18.74 -9.80 -58.76
CA MET B 322 18.69 -8.40 -59.14
C MET B 322 18.49 -7.44 -57.98
N TYR B 323 18.89 -7.86 -56.78
CA TYR B 323 18.76 -7.02 -55.60
C TYR B 323 20.01 -7.14 -54.73
N GLY B 324 20.58 -5.99 -54.40
CA GLY B 324 21.79 -5.95 -53.60
C GLY B 324 23.08 -5.87 -54.37
N MET B 325 24.18 -6.27 -53.71
CA MET B 325 25.52 -6.07 -54.25
C MET B 325 25.88 -7.02 -55.37
N GLU B 326 24.96 -7.90 -55.73
CA GLU B 326 25.19 -8.84 -56.82
C GLU B 326 24.24 -8.54 -57.98
N SER B 327 23.84 -7.27 -58.12
CA SER B 327 22.93 -6.92 -59.20
C SER B 327 23.58 -7.11 -60.55
N GLN B 328 22.74 -7.17 -61.58
CA GLN B 328 23.20 -7.19 -62.96
C GLN B 328 22.49 -6.17 -63.81
N VAL B 329 21.70 -5.29 -63.21
CA VAL B 329 21.18 -4.12 -63.90
C VAL B 329 22.34 -3.16 -64.10
N GLU B 330 22.52 -2.67 -65.33
CA GLU B 330 23.57 -1.69 -65.57
C GLU B 330 23.15 -0.29 -65.20
N GLU B 331 22.16 0.27 -65.87
CA GLU B 331 21.73 1.65 -65.63
C GLU B 331 20.23 1.76 -65.78
N VAL B 332 19.62 2.57 -64.92
CA VAL B 332 18.19 2.82 -64.93
C VAL B 332 17.99 4.31 -65.15
N ARG B 333 17.00 4.69 -65.94
CA ARG B 333 16.66 6.08 -66.14
C ARG B 333 15.18 6.28 -65.89
N VAL B 334 14.81 7.45 -65.42
CA VAL B 334 13.40 7.79 -65.21
C VAL B 334 13.13 9.10 -65.93
N PHE B 335 12.52 9.03 -67.10
CA PHE B 335 12.11 10.21 -67.84
C PHE B 335 10.78 10.65 -67.27
N ASP B 336 10.61 11.95 -67.08
CA ASP B 336 9.38 12.47 -66.49
C ASP B 336 9.26 13.93 -66.88
N GLY B 337 8.14 14.30 -67.50
CA GLY B 337 7.94 15.68 -67.92
C GLY B 337 8.77 15.98 -69.15
N THR B 338 8.91 17.26 -69.49
CA THR B 338 9.69 17.66 -70.67
C THR B 338 10.51 18.92 -70.46
N GLU B 339 11.51 19.10 -71.30
CA GLU B 339 12.39 20.27 -71.23
C GLU B 339 13.15 20.48 -72.55
N ARG B 340 13.99 21.52 -72.58
CA ARG B 340 14.76 21.83 -73.78
C ARG B 340 15.96 20.90 -73.94
N LEU B 341 16.59 20.95 -75.10
CA LEU B 341 17.74 20.10 -75.39
C LEU B 341 18.94 20.44 -74.51
N PRO B 342 19.58 19.40 -73.96
CA PRO B 342 20.76 19.52 -73.10
C PRO B 342 22.02 19.34 -73.93
N GLY B 343 22.75 20.43 -74.15
CA GLY B 343 23.94 20.38 -74.97
C GLY B 343 24.98 19.35 -74.57
N ASP B 344 24.59 18.38 -73.75
CA ASP B 344 25.46 17.27 -73.40
C ASP B 344 24.57 16.07 -73.13
N PRO B 345 24.74 14.96 -73.85
CA PRO B 345 23.95 13.77 -73.54
C PRO B 345 24.57 12.89 -72.49
N ASP B 346 25.86 13.05 -72.19
CA ASP B 346 26.53 12.23 -71.20
C ASP B 346 26.46 12.81 -69.79
N MET B 347 25.54 13.74 -69.54
CA MET B 347 25.40 14.31 -68.22
C MET B 347 24.75 13.31 -67.27
N ILE B 348 24.83 13.60 -65.98
CA ILE B 348 24.23 12.79 -64.92
C ILE B 348 23.43 13.72 -64.01
N ARG B 349 22.16 13.39 -63.80
CA ARG B 349 21.28 14.22 -62.99
C ARG B 349 20.57 13.32 -61.99
N TYR B 350 20.37 13.83 -60.77
CA TYR B 350 19.74 13.04 -59.72
C TYR B 350 19.04 13.99 -58.76
N ILE B 351 18.61 13.47 -57.61
CA ILE B 351 18.00 14.27 -56.55
C ILE B 351 18.81 14.04 -55.28
N ASP B 352 19.32 15.13 -54.70
CA ASP B 352 20.31 14.95 -53.62
C ASP B 352 19.65 14.63 -52.28
N LYS B 353 18.90 15.56 -51.71
CA LYS B 353 18.07 15.29 -50.54
C LYS B 353 16.66 15.84 -50.67
N GLN B 354 16.49 17.05 -51.20
CA GLN B 354 15.16 17.55 -51.52
C GLN B 354 15.06 18.29 -52.85
N GLY B 355 16.17 18.69 -53.46
CA GLY B 355 16.10 19.44 -54.70
C GLY B 355 16.71 18.69 -55.85
N GLN B 356 16.66 19.26 -57.04
CA GLN B 356 17.12 18.58 -58.23
C GLN B 356 18.49 19.09 -58.63
N LEU B 357 19.50 18.26 -58.44
CA LEU B 357 20.88 18.65 -58.61
C LEU B 357 21.46 17.96 -59.83
N GLN B 358 22.50 18.53 -60.42
CA GLN B 358 23.10 17.91 -61.61
C GLN B 358 24.56 18.25 -61.80
N THR B 359 25.41 17.24 -61.69
CA THR B 359 26.85 17.42 -61.85
C THR B 359 27.27 17.18 -63.29
N LYS B 360 28.54 16.83 -63.48
CA LYS B 360 29.08 16.56 -64.81
C LYS B 360 28.71 15.16 -65.28
N LYS C 17 -19.17 46.55 18.73
CA LYS C 17 -20.04 45.49 18.27
C LYS C 17 -19.31 44.16 18.14
N PRO C 18 -20.00 43.05 18.42
CA PRO C 18 -19.43 41.71 18.34
C PRO C 18 -19.70 41.06 16.99
N LYS C 19 -20.21 39.83 17.02
CA LYS C 19 -20.52 39.10 15.79
C LYS C 19 -21.48 37.96 16.08
N GLU C 20 -22.59 37.93 15.35
CA GLU C 20 -23.58 36.88 15.52
C GLU C 20 -22.92 35.51 15.35
N PRO C 21 -23.15 34.61 16.31
CA PRO C 21 -22.55 33.28 16.26
C PRO C 21 -22.76 32.61 14.91
N VAL C 22 -21.80 31.77 14.55
CA VAL C 22 -21.91 31.00 13.31
C VAL C 22 -22.79 29.77 13.55
N GLN C 23 -23.19 29.13 12.46
CA GLN C 23 -24.15 28.04 12.54
C GLN C 23 -23.45 26.71 12.76
N VAL C 24 -24.14 25.79 13.43
CA VAL C 24 -23.61 24.46 13.69
C VAL C 24 -24.75 23.47 13.81
N PRO C 25 -24.58 22.26 13.24
CA PRO C 25 -25.57 21.18 13.24
C PRO C 25 -26.20 20.98 14.62
N LYS C 26 -27.37 21.58 14.82
CA LYS C 26 -28.09 21.50 16.08
C LYS C 26 -28.23 20.09 16.61
N LEU C 27 -27.38 19.73 17.57
CA LEU C 27 -27.41 18.39 18.16
C LEU C 27 -28.75 18.11 18.82
N LEU C 28 -29.21 16.87 18.69
CA LEU C 28 -30.50 16.47 19.28
C LEU C 28 -30.35 15.46 20.41
N ILE C 29 -30.97 14.30 20.25
CA ILE C 29 -30.94 13.25 21.26
C ILE C 29 -29.56 12.62 21.47
N LYS C 30 -29.41 11.95 22.61
CA LYS C 30 -28.16 11.29 22.96
C LYS C 30 -28.45 10.25 24.04
N GLY C 31 -27.64 9.20 24.11
CA GLY C 31 -27.88 8.16 25.11
C GLY C 31 -27.27 6.85 24.69
N GLY C 32 -27.77 5.78 25.29
CA GLY C 32 -27.24 4.44 25.05
C GLY C 32 -27.67 3.84 23.73
N VAL C 33 -27.67 2.51 23.68
CA VAL C 33 -27.91 1.81 22.42
C VAL C 33 -29.38 1.89 22.01
N GLU C 34 -30.30 2.11 22.94
CA GLU C 34 -31.71 2.16 22.58
C GLU C 34 -32.14 3.52 22.05
N VAL C 35 -31.22 4.39 21.63
CA VAL C 35 -31.61 5.65 21.03
C VAL C 35 -32.13 5.45 19.61
N LEU C 36 -31.66 4.39 18.95
CA LEU C 36 -31.70 4.29 17.49
C LEU C 36 -33.11 4.28 16.94
N GLU C 37 -34.02 3.55 17.58
CA GLU C 37 -35.35 3.34 17.04
C GLU C 37 -36.25 4.58 17.10
N VAL C 38 -35.79 5.67 17.68
CA VAL C 38 -36.56 6.91 17.62
C VAL C 38 -36.47 7.49 16.22
N LYS C 39 -37.62 7.72 15.60
CA LYS C 39 -37.67 8.18 14.22
C LYS C 39 -37.33 9.66 14.16
N THR C 40 -36.71 10.06 13.06
CA THR C 40 -36.19 11.40 12.83
C THR C 40 -36.80 11.96 11.55
N GLY C 41 -36.29 13.11 11.10
CA GLY C 41 -36.75 13.70 9.88
C GLY C 41 -36.19 13.04 8.64
N VAL C 42 -36.04 13.84 7.58
CA VAL C 42 -35.53 13.29 6.33
C VAL C 42 -34.03 13.50 6.19
N ASP C 43 -33.49 14.65 6.58
CA ASP C 43 -32.04 14.87 6.59
C ASP C 43 -31.46 14.70 7.99
N ALA C 44 -31.52 13.47 8.48
CA ALA C 44 -30.91 13.14 9.75
C ALA C 44 -29.44 12.84 9.53
N ILE C 45 -28.66 12.99 10.59
CA ILE C 45 -27.30 12.48 10.67
C ILE C 45 -27.33 11.50 11.84
N THR C 46 -26.33 10.65 11.96
CA THR C 46 -26.20 9.78 13.11
C THR C 46 -24.72 9.58 13.36
N GLU C 47 -24.30 9.46 14.61
CA GLU C 47 -22.92 9.15 14.94
C GLU C 47 -22.93 8.01 15.95
N VAL C 48 -22.22 6.94 15.63
CA VAL C 48 -22.26 5.73 16.43
C VAL C 48 -20.85 5.44 16.96
N GLU C 49 -20.67 5.54 18.27
CA GLU C 49 -19.36 5.33 18.86
C GLU C 49 -19.36 3.98 19.56
N CYS C 50 -18.65 3.02 18.98
CA CYS C 50 -18.71 1.64 19.48
C CYS C 50 -17.36 0.97 19.29
N PHE C 51 -17.17 -0.17 19.94
CA PHE C 51 -15.88 -0.84 19.94
C PHE C 51 -16.08 -2.32 19.63
N LEU C 52 -15.00 -3.10 19.81
CA LEU C 52 -15.01 -4.55 19.63
C LEU C 52 -14.08 -5.19 20.63
N ASN C 53 -14.31 -6.46 20.93
CA ASN C 53 -13.39 -7.26 21.74
C ASN C 53 -12.41 -8.03 20.86
N PRO C 54 -11.11 -7.89 21.09
CA PRO C 54 -10.13 -8.70 20.37
C PRO C 54 -10.15 -10.14 20.84
N GLU C 55 -10.08 -11.08 19.90
CA GLU C 55 -10.12 -12.49 20.25
C GLU C 55 -8.74 -13.08 20.02
N MET C 56 -7.95 -13.11 21.10
CA MET C 56 -6.62 -13.69 21.05
C MET C 56 -6.57 -15.13 21.54
N GLY C 57 -7.71 -15.66 22.00
CA GLY C 57 -7.77 -17.04 22.45
C GLY C 57 -8.16 -17.21 23.91
N ASP C 58 -7.56 -16.40 24.81
CA ASP C 58 -7.82 -16.36 26.25
C ASP C 58 -7.66 -17.73 26.92
N PRO C 59 -6.43 -18.12 27.22
CA PRO C 59 -6.14 -19.41 27.86
C PRO C 59 -6.88 -19.53 29.19
N ASP C 60 -6.14 -19.76 30.27
CA ASP C 60 -6.74 -19.89 31.59
C ASP C 60 -6.19 -18.86 32.56
N GLU C 61 -6.55 -19.01 33.84
CA GLU C 61 -6.12 -18.11 34.92
C GLU C 61 -6.41 -16.64 34.65
N ASN C 62 -7.58 -16.35 34.09
CA ASN C 62 -8.03 -15.00 33.77
C ASN C 62 -6.97 -14.05 33.17
N LEU C 63 -6.23 -14.54 32.18
CA LEU C 63 -5.23 -13.72 31.49
C LEU C 63 -5.89 -13.38 30.18
N ARG C 64 -7.09 -12.84 30.29
CA ARG C 64 -7.90 -12.52 29.13
C ARG C 64 -7.23 -11.43 28.31
N GLY C 65 -6.58 -11.84 27.23
CA GLY C 65 -5.82 -10.95 26.39
C GLY C 65 -4.51 -11.51 25.87
N PHE C 66 -4.15 -12.72 26.25
CA PHE C 66 -3.00 -13.38 25.64
C PHE C 66 -3.48 -14.53 24.76
N SER C 67 -2.53 -15.33 24.30
CA SER C 67 -2.76 -16.64 23.73
C SER C 67 -1.96 -17.67 24.52
N LEU C 68 -2.12 -18.94 24.17
CA LEU C 68 -1.26 -19.95 24.74
C LEU C 68 0.07 -19.93 23.99
N LYS C 69 1.07 -20.63 24.52
CA LYS C 69 2.40 -20.67 23.89
C LYS C 69 2.36 -21.33 22.53
N LEU C 70 3.26 -20.91 21.66
CA LEU C 70 3.26 -21.41 20.29
C LEU C 70 4.02 -22.71 20.18
N SER C 71 3.66 -23.49 19.18
CA SER C 71 4.36 -24.72 18.89
C SER C 71 5.73 -24.42 18.28
N ALA C 72 6.68 -25.30 18.55
CA ALA C 72 8.07 -25.09 18.16
C ALA C 72 8.45 -25.89 16.91
N GLU C 73 8.32 -27.21 16.97
CA GLU C 73 8.91 -28.10 15.98
C GLU C 73 7.90 -29.12 15.48
N ASN C 74 6.73 -28.65 15.06
CA ASN C 74 5.85 -29.49 14.26
C ASN C 74 6.33 -29.53 12.81
N ASP C 75 6.58 -30.74 12.32
CA ASP C 75 7.00 -30.94 10.95
C ASP C 75 5.81 -30.74 9.99
N PHE C 76 6.12 -30.79 8.69
CA PHE C 76 5.09 -30.64 7.68
C PHE C 76 4.22 -31.88 7.54
N SER C 77 4.66 -33.02 8.09
CA SER C 77 3.95 -34.27 7.85
C SER C 77 2.68 -34.36 8.68
N SER C 78 2.69 -33.82 9.89
CA SER C 78 1.54 -33.87 10.79
C SER C 78 1.59 -32.66 11.74
N ASP C 79 0.57 -31.82 11.65
CA ASP C 79 0.44 -30.65 12.51
C ASP C 79 -0.76 -30.85 13.41
N SER C 80 -0.58 -30.61 14.71
CA SER C 80 -1.67 -30.75 15.68
C SER C 80 -1.71 -29.51 16.57
N PRO C 81 -2.39 -28.44 16.13
CA PRO C 81 -2.57 -27.28 17.01
C PRO C 81 -3.78 -27.48 17.91
N GLU C 82 -4.07 -26.45 18.69
CA GLU C 82 -5.27 -26.39 19.51
C GLU C 82 -6.06 -25.13 19.21
N ARG C 83 -7.25 -25.06 19.80
CA ARG C 83 -8.16 -23.93 19.56
C ARG C 83 -7.59 -22.64 20.14
N LYS C 84 -6.87 -22.72 21.25
CA LYS C 84 -6.31 -21.56 21.91
C LYS C 84 -5.25 -20.85 21.09
N MET C 85 -4.49 -21.59 20.27
CA MET C 85 -3.23 -21.08 19.74
C MET C 85 -3.42 -20.20 18.52
N LEU C 86 -4.65 -20.08 18.03
CA LEU C 86 -4.91 -19.34 16.80
C LEU C 86 -5.78 -18.13 17.10
N PRO C 87 -5.30 -16.91 16.85
CA PRO C 87 -6.17 -15.74 16.99
C PRO C 87 -7.26 -15.73 15.93
N CYS C 88 -8.31 -14.97 16.18
CA CYS C 88 -9.44 -14.92 15.27
C CYS C 88 -9.93 -13.50 15.05
N TYR C 89 -10.63 -13.31 13.94
CA TYR C 89 -11.23 -12.03 13.63
C TYR C 89 -12.36 -11.73 14.60
N SER C 90 -12.66 -10.45 14.77
CA SER C 90 -13.72 -10.02 15.65
C SER C 90 -14.81 -9.35 14.83
N THR C 91 -16.05 -9.77 15.03
CA THR C 91 -17.16 -9.22 14.27
C THR C 91 -18.37 -9.06 15.17
N ALA C 92 -19.24 -8.15 14.75
CA ALA C 92 -20.49 -7.90 15.46
C ALA C 92 -21.46 -7.24 14.50
N ARG C 93 -22.59 -6.82 15.04
CA ARG C 93 -23.71 -6.34 14.24
C ARG C 93 -24.31 -5.14 14.97
N ILE C 94 -24.91 -4.23 14.20
CA ILE C 94 -25.65 -3.11 14.77
C ILE C 94 -27.07 -3.13 14.18
N PRO C 95 -28.10 -3.34 15.00
CA PRO C 95 -29.47 -3.28 14.48
C PRO C 95 -29.85 -1.88 14.06
N LEU C 96 -30.70 -1.77 13.14
CA LEU C 96 -31.09 -0.45 12.68
C LEU C 96 -32.61 -0.36 12.52
N PRO C 97 -33.17 0.84 12.55
CA PRO C 97 -34.58 0.98 12.22
C PRO C 97 -34.78 0.90 10.72
N ASN C 98 -36.02 0.63 10.33
CA ASN C 98 -36.41 0.73 8.94
C ASN C 98 -36.99 2.11 8.72
N LEU C 99 -37.13 2.51 7.47
CA LEU C 99 -37.39 3.91 7.18
C LEU C 99 -38.66 4.16 6.39
N ASN C 100 -38.94 3.34 5.38
CA ASN C 100 -40.21 3.38 4.68
C ASN C 100 -41.36 3.04 5.63
N GLU C 101 -42.50 3.69 5.42
CA GLU C 101 -43.66 3.41 6.25
C GLU C 101 -44.80 2.80 5.45
N ASP C 102 -45.27 3.49 4.42
CA ASP C 102 -46.30 2.93 3.56
C ASP C 102 -45.61 2.20 2.41
N LEU C 103 -46.38 1.89 1.36
CA LEU C 103 -45.83 1.17 0.22
C LEU C 103 -44.83 2.02 -0.52
N THR C 104 -45.28 3.16 -1.05
CA THR C 104 -44.47 4.15 -1.78
C THR C 104 -43.72 3.50 -2.94
N CYS C 105 -44.51 3.07 -3.93
CA CYS C 105 -43.95 2.40 -5.09
C CYS C 105 -43.06 3.36 -5.87
N GLY C 106 -42.02 2.81 -6.49
CA GLY C 106 -40.93 3.65 -6.92
C GLY C 106 -39.71 3.50 -6.02
N ASN C 107 -39.51 4.44 -5.11
CA ASN C 107 -38.21 4.61 -4.49
C ASN C 107 -38.23 4.30 -3.00
N LEU C 108 -37.07 3.96 -2.48
CA LEU C 108 -36.90 3.50 -1.10
C LEU C 108 -35.97 4.49 -0.40
N LEU C 109 -35.55 4.16 0.83
CA LEU C 109 -34.81 5.14 1.62
C LEU C 109 -33.92 4.38 2.61
N MET C 110 -32.65 4.19 2.26
CA MET C 110 -31.73 3.32 3.00
C MET C 110 -30.66 4.13 3.73
N TRP C 111 -29.87 3.41 4.52
CA TRP C 111 -28.76 4.03 5.23
C TRP C 111 -27.48 3.98 4.40
N GLU C 112 -26.43 4.61 4.91
CA GLU C 112 -25.14 4.65 4.20
C GLU C 112 -24.04 4.97 5.21
N ALA C 113 -22.99 4.16 5.25
CA ALA C 113 -21.80 4.49 6.00
C ALA C 113 -21.01 5.51 5.20
N VAL C 114 -20.50 6.56 5.84
CA VAL C 114 -19.75 7.59 5.12
C VAL C 114 -18.34 7.74 5.65
N THR C 115 -18.17 7.97 6.95
CA THR C 115 -16.86 8.33 7.48
C THR C 115 -16.53 7.46 8.68
N VAL C 116 -15.44 6.76 8.62
CA VAL C 116 -15.00 5.91 9.72
C VAL C 116 -13.91 6.67 10.46
N GLN C 117 -13.56 6.18 11.65
CA GLN C 117 -12.46 6.74 12.43
C GLN C 117 -12.01 5.66 13.40
N THR C 118 -10.77 5.23 13.28
CA THR C 118 -10.30 4.15 14.12
C THR C 118 -9.17 4.63 15.01
N GLU C 119 -9.00 3.90 16.11
CA GLU C 119 -8.09 4.27 17.19
C GLU C 119 -7.99 3.07 18.12
N VAL C 120 -6.76 2.73 18.49
CA VAL C 120 -6.53 1.50 19.25
C VAL C 120 -6.58 1.84 20.74
N ILE C 121 -7.28 1.00 21.51
CA ILE C 121 -7.48 1.23 22.93
C ILE C 121 -6.44 0.45 23.72
N GLY C 122 -5.76 1.14 24.63
CA GLY C 122 -4.83 0.52 25.53
C GLY C 122 -3.41 0.44 25.03
N ILE C 123 -2.98 1.39 24.20
CA ILE C 123 -1.69 1.28 23.55
C ILE C 123 -0.53 1.50 24.51
N THR C 124 -0.76 2.13 25.64
CA THR C 124 0.31 2.31 26.60
C THR C 124 0.36 1.18 27.62
N SER C 125 -0.30 0.06 27.34
CA SER C 125 -0.19 -1.10 28.22
C SER C 125 1.11 -1.86 28.04
N MET C 126 1.91 -1.49 27.04
CA MET C 126 3.13 -2.22 26.71
C MET C 126 4.34 -1.73 27.48
N LEU C 127 4.23 -0.62 28.21
CA LEU C 127 5.33 -0.04 28.96
C LEU C 127 5.65 -0.79 30.24
N ASN C 128 4.88 -1.81 30.58
CA ASN C 128 5.12 -2.63 31.76
C ASN C 128 6.39 -3.44 31.53
N LEU C 129 7.42 -3.14 32.31
CA LEU C 129 8.63 -3.94 32.31
C LEU C 129 8.85 -4.70 33.60
N HIS C 130 8.01 -4.51 34.60
CA HIS C 130 8.01 -5.33 35.81
C HIS C 130 7.12 -6.55 35.67
N ALA C 131 6.74 -6.91 34.45
CA ALA C 131 5.91 -8.09 34.20
C ALA C 131 6.75 -9.36 34.19
N GLY C 132 6.16 -10.45 33.70
CA GLY C 132 6.86 -11.72 33.60
C GLY C 132 7.64 -11.87 32.31
N SER C 133 8.20 -10.77 31.82
CA SER C 133 9.02 -10.76 30.61
C SER C 133 10.33 -11.48 30.86
N GLN C 134 11.07 -11.70 29.78
CA GLN C 134 12.45 -12.16 29.94
C GLN C 134 13.31 -11.03 30.46
N LYS C 135 14.20 -11.37 31.39
CA LYS C 135 15.26 -10.45 31.78
C LYS C 135 16.17 -10.21 30.58
N VAL C 136 16.13 -9.00 30.03
CA VAL C 136 16.74 -8.74 28.74
C VAL C 136 18.27 -8.75 28.83
N HIS C 137 18.83 -8.17 29.88
CA HIS C 137 20.22 -8.40 30.22
C HIS C 137 20.33 -8.34 31.74
N GLU C 138 21.56 -8.36 32.26
CA GLU C 138 21.80 -8.90 33.59
C GLU C 138 21.22 -8.03 34.71
N HIS C 139 21.24 -6.70 34.54
CA HIS C 139 20.65 -5.85 35.56
C HIS C 139 19.70 -4.81 34.98
N GLY C 140 19.32 -4.94 33.72
CA GLY C 140 18.38 -4.02 33.12
C GLY C 140 16.95 -4.40 33.42
N GLY C 141 16.06 -3.90 32.56
CA GLY C 141 14.65 -4.18 32.69
C GLY C 141 14.27 -5.50 32.06
N GLY C 142 13.09 -5.50 31.44
CA GLY C 142 12.64 -6.66 30.71
C GLY C 142 12.56 -6.39 29.21
N LYS C 143 12.17 -7.41 28.48
CA LYS C 143 12.00 -7.22 27.05
C LYS C 143 10.55 -6.86 26.75
N PRO C 144 10.29 -5.77 26.02
CA PRO C 144 8.92 -5.45 25.65
C PRO C 144 8.45 -6.32 24.49
N ILE C 145 7.19 -6.12 24.13
CA ILE C 145 6.54 -6.92 23.09
C ILE C 145 6.96 -6.42 21.71
N GLN C 146 7.52 -7.32 20.91
CA GLN C 146 8.07 -6.97 19.61
C GLN C 146 7.65 -8.05 18.59
N GLY C 147 7.95 -7.79 17.33
CA GLY C 147 7.67 -8.78 16.30
C GLY C 147 6.63 -8.33 15.30
N SER C 148 5.96 -9.30 14.66
CA SER C 148 5.06 -9.00 13.56
C SER C 148 3.75 -8.41 14.06
N ASN C 149 3.28 -7.37 13.41
CA ASN C 149 1.95 -6.86 13.70
C ASN C 149 1.07 -7.05 12.47
N PHE C 150 -0.23 -7.03 12.70
CA PHE C 150 -1.20 -7.04 11.61
C PHE C 150 -2.47 -6.39 12.11
N HIS C 151 -2.70 -5.15 11.74
CA HIS C 151 -3.89 -4.42 12.12
C HIS C 151 -4.84 -4.39 10.93
N PHE C 152 -6.13 -4.48 11.20
CA PHE C 152 -7.11 -4.73 10.17
C PHE C 152 -8.50 -4.43 10.69
N PHE C 153 -9.26 -3.65 9.91
CA PHE C 153 -10.67 -3.44 10.23
C PHE C 153 -11.44 -3.34 8.93
N ALA C 154 -12.76 -3.28 9.06
CA ALA C 154 -13.64 -3.27 7.89
C ALA C 154 -15.02 -2.78 8.29
N VAL C 155 -15.62 -1.99 7.39
CA VAL C 155 -16.95 -1.41 7.59
C VAL C 155 -17.77 -1.72 6.36
N GLY C 156 -18.94 -2.33 6.55
CA GLY C 156 -19.80 -2.56 5.41
C GLY C 156 -21.19 -2.93 5.84
N GLY C 157 -22.10 -2.94 4.86
CA GLY C 157 -23.46 -3.35 5.07
C GLY C 157 -23.68 -4.84 5.03
N ASP C 158 -22.65 -5.61 4.73
CA ASP C 158 -22.74 -7.03 4.48
C ASP C 158 -21.58 -7.73 5.17
N PRO C 159 -21.70 -9.03 5.43
CA PRO C 159 -20.57 -9.77 5.99
C PRO C 159 -19.39 -9.79 5.04
N LEU C 160 -18.20 -9.86 5.63
CA LEU C 160 -16.95 -9.61 4.92
C LEU C 160 -16.56 -10.88 4.16
N GLU C 161 -16.85 -10.90 2.86
CA GLU C 161 -16.62 -12.08 2.06
C GLU C 161 -15.13 -12.25 1.83
N MET C 162 -14.61 -13.43 2.11
CA MET C 162 -13.18 -13.61 2.27
C MET C 162 -12.67 -14.82 1.51
N GLN C 163 -11.39 -14.77 1.19
CA GLN C 163 -10.72 -15.75 0.34
C GLN C 163 -9.95 -16.73 1.20
N GLY C 164 -10.00 -18.02 0.84
CA GLY C 164 -9.23 -19.00 1.55
C GLY C 164 -7.81 -19.15 1.05
N VAL C 165 -6.83 -18.88 1.90
CA VAL C 165 -5.41 -19.08 1.60
C VAL C 165 -4.78 -19.71 2.83
N LEU C 166 -3.95 -20.73 2.64
CA LEU C 166 -3.11 -21.21 3.73
C LEU C 166 -1.79 -21.75 3.20
N MET C 167 -0.88 -22.13 4.08
CA MET C 167 0.24 -22.97 3.72
C MET C 167 0.15 -24.27 4.51
N ASN C 168 0.89 -25.28 4.04
CA ASN C 168 1.01 -26.59 4.68
C ASN C 168 -0.37 -27.25 4.83
N TYR C 169 -0.91 -27.69 3.69
CA TYR C 169 -2.23 -28.32 3.59
C TYR C 169 -2.44 -29.51 4.52
N ARG C 170 -1.38 -30.11 5.06
CA ARG C 170 -1.48 -31.22 5.99
C ARG C 170 -1.83 -30.80 7.42
N THR C 171 -2.19 -29.54 7.67
CA THR C 171 -2.62 -29.15 9.00
C THR C 171 -4.02 -29.68 9.29
N LYS C 172 -4.16 -30.40 10.39
CA LYS C 172 -5.46 -30.83 10.88
C LYS C 172 -5.86 -29.89 12.02
N TYR C 173 -6.87 -29.09 11.77
CA TYR C 173 -7.36 -28.05 12.65
C TYR C 173 -8.26 -28.62 13.74
N PRO C 174 -8.51 -27.88 14.81
CA PRO C 174 -9.52 -28.31 15.78
C PRO C 174 -10.92 -27.98 15.29
N ASP C 175 -11.87 -28.78 15.78
CA ASP C 175 -13.22 -28.80 15.21
C ASP C 175 -14.09 -27.61 15.64
N GLY C 176 -13.59 -26.73 16.50
CA GLY C 176 -14.31 -25.51 16.77
C GLY C 176 -14.04 -24.44 15.73
N THR C 177 -13.10 -24.68 14.83
CA THR C 177 -12.66 -23.69 13.87
C THR C 177 -13.30 -23.92 12.52
N ILE C 178 -13.72 -22.82 11.89
CA ILE C 178 -14.28 -22.84 10.55
C ILE C 178 -13.06 -22.73 9.63
N THR C 179 -12.71 -23.83 8.99
CA THR C 179 -11.52 -23.91 8.16
C THR C 179 -11.89 -24.43 6.78
N PRO C 180 -11.14 -24.07 5.72
CA PRO C 180 -11.56 -24.44 4.36
C PRO C 180 -11.50 -25.94 4.11
N LYS C 181 -12.08 -26.35 2.98
CA LYS C 181 -12.45 -27.73 2.75
C LYS C 181 -11.56 -28.35 1.68
N ASN C 182 -11.29 -29.65 1.82
CA ASN C 182 -10.50 -30.48 0.92
C ASN C 182 -9.12 -29.89 0.64
N PRO C 183 -8.18 -29.95 1.58
CA PRO C 183 -6.88 -29.30 1.37
C PRO C 183 -6.01 -30.04 0.36
N THR C 184 -5.51 -29.28 -0.60
CA THR C 184 -4.61 -29.77 -1.64
C THR C 184 -3.41 -28.83 -1.74
N ALA C 185 -2.59 -29.06 -2.76
CA ALA C 185 -1.55 -28.09 -3.07
C ALA C 185 -2.12 -26.85 -3.73
N GLN C 186 -3.32 -26.95 -4.29
CA GLN C 186 -3.99 -25.82 -4.91
C GLN C 186 -4.44 -24.78 -3.88
N SER C 187 -4.53 -25.15 -2.61
CA SER C 187 -4.91 -24.19 -1.58
C SER C 187 -3.75 -23.30 -1.16
N GLN C 188 -2.53 -23.59 -1.57
CA GLN C 188 -1.39 -22.75 -1.23
C GLN C 188 -1.17 -21.62 -2.22
N VAL C 189 -2.04 -21.50 -3.21
CA VAL C 189 -1.98 -20.47 -4.24
C VAL C 189 -3.37 -19.85 -4.23
N MET C 190 -3.60 -18.81 -5.04
CA MET C 190 -4.94 -18.27 -5.20
C MET C 190 -5.85 -19.30 -5.85
N ASN C 191 -6.71 -19.91 -5.05
CA ASN C 191 -7.65 -20.92 -5.52
C ASN C 191 -9.03 -20.28 -5.57
N THR C 192 -9.92 -20.85 -6.38
CA THR C 192 -11.23 -20.29 -6.52
C THR C 192 -12.24 -20.95 -5.59
N ASP C 193 -11.99 -22.20 -5.18
CA ASP C 193 -12.96 -22.98 -4.42
C ASP C 193 -12.71 -22.95 -2.91
N HIS C 194 -12.32 -21.82 -2.37
CA HIS C 194 -12.26 -21.65 -0.92
C HIS C 194 -12.97 -20.38 -0.49
N LYS C 195 -14.16 -20.16 -1.07
CA LYS C 195 -14.97 -19.00 -0.75
C LYS C 195 -15.84 -19.33 0.47
N ALA C 196 -16.13 -18.32 1.28
CA ALA C 196 -17.03 -18.45 2.41
C ALA C 196 -17.48 -17.08 2.86
N TYR C 197 -18.30 -17.06 3.91
CA TYR C 197 -18.71 -15.83 4.56
C TYR C 197 -18.12 -15.74 5.95
N LEU C 198 -18.30 -14.56 6.56
CA LEU C 198 -17.87 -14.26 7.91
C LEU C 198 -19.12 -13.98 8.74
N ASP C 199 -19.56 -14.97 9.51
CA ASP C 199 -20.83 -14.87 10.21
C ASP C 199 -20.71 -15.23 11.69
N LYS C 200 -19.50 -15.24 12.22
CA LYS C 200 -19.32 -15.73 13.58
C LYS C 200 -18.08 -15.10 14.20
N ASN C 201 -18.27 -14.45 15.34
CA ASN C 201 -17.15 -13.98 16.15
C ASN C 201 -16.36 -15.16 16.68
N ASN C 202 -15.03 -15.02 16.68
CA ASN C 202 -14.10 -15.92 17.36
C ASN C 202 -14.16 -17.33 16.79
N ALA C 203 -14.24 -17.45 15.47
CA ALA C 203 -14.18 -18.78 14.87
C ALA C 203 -13.29 -18.88 13.66
N TYR C 204 -13.01 -17.79 12.95
CA TYR C 204 -12.21 -17.81 11.74
C TYR C 204 -10.78 -17.50 12.11
N PRO C 205 -9.86 -18.45 12.02
CA PRO C 205 -8.47 -18.17 12.39
C PRO C 205 -7.81 -17.24 11.39
N VAL C 206 -6.92 -16.39 11.92
CA VAL C 206 -6.33 -15.34 11.11
C VAL C 206 -5.21 -15.83 10.22
N GLU C 207 -4.70 -17.03 10.44
CA GLU C 207 -3.65 -17.54 9.58
C GLU C 207 -4.19 -18.26 8.36
N CYS C 208 -5.50 -18.21 8.12
CA CYS C 208 -6.10 -19.00 7.08
C CYS C 208 -7.10 -18.26 6.20
N TRP C 209 -7.35 -16.98 6.44
CA TRP C 209 -8.42 -16.29 5.72
C TRP C 209 -8.04 -14.82 5.52
N VAL C 210 -7.65 -14.49 4.30
CA VAL C 210 -7.43 -13.11 3.88
C VAL C 210 -8.76 -12.56 3.40
N PRO C 211 -8.96 -11.25 3.28
CA PRO C 211 -10.16 -10.77 2.61
C PRO C 211 -10.06 -11.00 1.12
N ASP C 212 -11.15 -11.51 0.56
CA ASP C 212 -11.26 -11.70 -0.88
C ASP C 212 -11.29 -10.33 -1.56
N PRO C 213 -10.38 -10.04 -2.47
CA PRO C 213 -10.41 -8.74 -3.12
C PRO C 213 -11.37 -8.66 -4.28
N SER C 214 -12.08 -9.73 -4.60
CA SER C 214 -12.91 -9.77 -5.79
C SER C 214 -14.35 -9.33 -5.55
N ARG C 215 -14.95 -9.77 -4.44
CA ARG C 215 -16.39 -9.81 -4.29
C ARG C 215 -16.99 -8.66 -3.49
N ASN C 216 -16.21 -7.67 -3.09
CA ASN C 216 -16.71 -6.72 -2.11
C ASN C 216 -17.10 -5.40 -2.78
N GLU C 217 -18.37 -5.32 -3.17
CA GLU C 217 -18.92 -4.06 -3.64
C GLU C 217 -19.63 -3.28 -2.54
N ASN C 218 -19.62 -3.82 -1.32
CA ASN C 218 -20.27 -3.18 -0.20
C ASN C 218 -19.49 -3.39 1.08
N THR C 219 -18.17 -3.37 0.96
CA THR C 219 -17.29 -3.57 2.11
C THR C 219 -15.92 -2.98 1.84
N ARG C 220 -15.50 -2.04 2.69
CA ARG C 220 -14.19 -1.42 2.54
C ARG C 220 -13.29 -1.88 3.68
N TYR C 221 -12.15 -2.48 3.34
CA TYR C 221 -11.23 -2.94 4.37
C TYR C 221 -9.85 -2.31 4.20
N PHE C 222 -9.21 -2.04 5.34
CA PHE C 222 -7.93 -1.36 5.41
C PHE C 222 -7.00 -2.20 6.26
N GLY C 223 -5.78 -2.42 5.79
CA GLY C 223 -4.86 -3.29 6.50
C GLY C 223 -3.43 -3.07 6.08
N THR C 224 -2.56 -2.92 7.07
CA THR C 224 -1.14 -2.70 6.86
C THR C 224 -0.39 -3.78 7.61
N PHE C 225 0.41 -4.56 6.89
CA PHE C 225 1.11 -5.69 7.49
C PHE C 225 2.60 -5.39 7.55
N THR C 226 3.27 -5.91 8.58
CA THR C 226 4.72 -5.78 8.73
C THR C 226 5.20 -7.00 9.50
N GLY C 227 5.84 -7.92 8.81
CA GLY C 227 6.33 -9.13 9.43
C GLY C 227 7.62 -8.91 10.17
N GLY C 228 8.53 -9.86 9.99
CA GLY C 228 9.86 -9.70 10.54
C GLY C 228 10.04 -10.40 11.87
N GLU C 229 11.28 -10.63 12.25
CA GLU C 229 11.55 -11.31 13.52
C GLU C 229 11.30 -10.39 14.70
N ASN C 230 11.95 -9.23 14.72
CA ASN C 230 11.79 -8.29 15.83
C ASN C 230 11.91 -6.87 15.30
N VAL C 231 10.76 -6.30 14.96
CA VAL C 231 10.65 -4.92 14.47
C VAL C 231 9.80 -4.15 15.47
N PRO C 232 9.96 -2.84 15.58
CA PRO C 232 9.13 -2.07 16.51
C PRO C 232 7.70 -1.96 16.01
N PRO C 233 6.73 -2.04 16.92
CA PRO C 233 5.34 -1.66 16.57
C PRO C 233 5.12 -0.17 16.78
N VAL C 234 4.61 0.50 15.76
CA VAL C 234 4.42 1.94 15.75
C VAL C 234 2.93 2.22 15.79
N LEU C 235 2.49 2.99 16.78
CA LEU C 235 1.08 3.22 17.04
C LEU C 235 0.80 4.71 17.05
N HIS C 236 -0.35 5.11 16.52
CA HIS C 236 -0.77 6.50 16.64
C HIS C 236 -2.01 6.58 17.54
N VAL C 237 -2.23 7.76 18.08
CA VAL C 237 -3.48 8.08 18.78
C VAL C 237 -3.78 9.57 18.54
N THR C 238 -4.85 9.85 17.80
CA THR C 238 -5.10 11.21 17.37
C THR C 238 -6.59 11.34 17.06
N ASN C 239 -7.23 12.37 17.58
CA ASN C 239 -8.62 12.60 17.26
C ASN C 239 -8.82 13.65 16.17
N THR C 240 -7.91 13.71 15.19
CA THR C 240 -8.15 14.52 14.00
C THR C 240 -8.13 13.71 12.71
N ALA C 241 -8.05 12.39 12.79
CA ALA C 241 -8.04 11.57 11.58
C ALA C 241 -9.45 11.45 11.02
N THR C 242 -9.52 11.18 9.72
CA THR C 242 -10.80 11.09 9.01
C THR C 242 -10.57 10.31 7.72
N THR C 243 -11.29 9.22 7.55
CA THR C 243 -11.14 8.34 6.39
C THR C 243 -12.47 8.26 5.66
N VAL C 244 -12.54 8.84 4.47
CA VAL C 244 -13.78 8.88 3.71
C VAL C 244 -14.00 7.52 3.07
N LEU C 245 -15.17 6.93 3.29
CA LEU C 245 -15.52 5.63 2.72
C LEU C 245 -16.37 5.76 1.47
N LEU C 246 -16.44 6.94 0.88
CA LEU C 246 -17.07 7.08 -0.41
C LEU C 246 -16.22 6.43 -1.48
N ASP C 247 -16.88 5.96 -2.53
CA ASP C 247 -16.18 5.37 -3.67
C ASP C 247 -15.89 6.45 -4.70
N GLU C 248 -15.54 6.03 -5.90
CA GLU C 248 -15.38 6.98 -7.00
C GLU C 248 -16.68 7.26 -7.72
N GLN C 249 -17.80 6.70 -7.28
CA GLN C 249 -19.09 7.01 -7.87
C GLN C 249 -19.95 7.89 -6.98
N GLY C 250 -19.68 7.95 -5.69
CA GLY C 250 -20.44 8.77 -4.79
C GLY C 250 -21.33 8.03 -3.81
N VAL C 251 -21.02 6.78 -3.50
CA VAL C 251 -21.79 6.04 -2.52
C VAL C 251 -20.84 5.48 -1.47
N GLY C 252 -21.39 5.06 -0.34
CA GLY C 252 -20.64 4.36 0.66
C GLY C 252 -21.06 2.91 0.72
N PRO C 253 -20.75 2.23 1.82
CA PRO C 253 -21.33 0.91 2.06
C PRO C 253 -22.80 1.03 2.34
N LEU C 254 -23.65 0.60 1.42
CA LEU C 254 -25.08 0.70 1.64
C LEU C 254 -25.56 -0.40 2.56
N CYS C 255 -26.71 -0.18 3.18
CA CYS C 255 -27.33 -1.14 4.08
C CYS C 255 -28.54 -1.72 3.35
N LYS C 256 -28.35 -2.90 2.77
CA LYS C 256 -29.44 -3.61 2.11
C LYS C 256 -30.48 -4.00 3.15
N ALA C 257 -30.08 -4.88 4.07
CA ALA C 257 -30.91 -5.21 5.21
C ALA C 257 -30.69 -4.20 6.33
N ASP C 258 -31.56 -4.25 7.33
CA ASP C 258 -31.45 -3.35 8.47
C ASP C 258 -30.33 -3.87 9.38
N SER C 259 -29.10 -3.55 9.01
CA SER C 259 -27.91 -3.90 9.77
C SER C 259 -26.77 -3.01 9.34
N LEU C 260 -25.67 -3.08 10.09
CA LEU C 260 -24.39 -2.49 9.69
C LEU C 260 -23.28 -3.31 10.32
N TYR C 261 -22.51 -4.01 9.50
CA TYR C 261 -21.57 -5.02 9.97
C TYR C 261 -20.19 -4.42 10.15
N VAL C 262 -19.58 -4.70 11.30
CA VAL C 262 -18.24 -4.25 11.64
C VAL C 262 -17.39 -5.48 11.88
N SER C 263 -16.23 -5.54 11.24
CA SER C 263 -15.31 -6.66 11.43
C SER C 263 -13.90 -6.13 11.53
N ALA C 264 -13.15 -6.65 12.51
CA ALA C 264 -11.79 -6.20 12.74
C ALA C 264 -11.01 -7.30 13.43
N ALA C 265 -9.69 -7.10 13.48
CA ALA C 265 -8.78 -7.99 14.20
C ALA C 265 -7.47 -7.22 14.40
N ASP C 266 -6.99 -7.18 15.63
CA ASP C 266 -5.77 -6.44 15.97
C ASP C 266 -4.77 -7.37 16.63
N ILE C 267 -3.61 -7.52 15.98
CA ILE C 267 -2.45 -8.21 16.53
C ILE C 267 -1.41 -7.14 16.83
N CYS C 268 -0.74 -7.26 17.98
CA CYS C 268 0.25 -6.26 18.37
C CYS C 268 1.68 -6.77 18.38
N GLY C 269 1.89 -8.07 18.42
CA GLY C 269 3.22 -8.61 18.46
C GLY C 269 3.32 -9.70 19.51
N LEU C 270 4.50 -10.30 19.59
CA LEU C 270 4.73 -11.45 20.45
C LEU C 270 5.26 -11.01 21.80
N PHE C 271 4.79 -11.64 22.86
CA PHE C 271 5.31 -11.43 24.20
C PHE C 271 6.22 -12.59 24.57
N THR C 272 7.35 -12.29 25.20
CA THR C 272 8.26 -13.31 25.66
C THR C 272 8.12 -13.46 27.17
N ASN C 273 8.00 -14.70 27.64
CA ASN C 273 7.96 -14.94 29.08
C ASN C 273 9.36 -14.92 29.67
N SER C 274 9.43 -15.19 30.97
CA SER C 274 10.70 -15.13 31.67
C SER C 274 11.56 -16.35 31.42
N SER C 275 10.97 -17.42 30.88
CA SER C 275 11.74 -18.63 30.61
C SER C 275 12.00 -18.85 29.13
N GLY C 276 11.14 -18.32 28.26
CA GLY C 276 11.37 -18.41 26.83
C GLY C 276 10.17 -18.74 25.98
N THR C 277 8.98 -18.86 26.56
CA THR C 277 7.80 -19.18 25.76
C THR C 277 7.25 -17.90 25.14
N GLN C 278 6.89 -17.97 23.87
CA GLN C 278 6.26 -16.86 23.17
C GLN C 278 4.75 -16.98 23.20
N GLN C 279 4.09 -15.83 23.33
CA GLN C 279 2.63 -15.82 23.31
C GLN C 279 2.14 -14.45 22.86
N TRP C 280 1.02 -14.47 22.14
CA TRP C 280 0.53 -13.34 21.36
C TRP C 280 -0.10 -12.28 22.27
N ARG C 281 -0.49 -11.16 21.65
CA ARG C 281 -1.03 -10.02 22.39
C ARG C 281 -1.77 -9.11 21.42
N GLY C 282 -2.92 -8.61 21.85
CA GLY C 282 -3.71 -7.71 21.04
C GLY C 282 -4.42 -6.64 21.87
N LEU C 283 -5.19 -5.79 21.22
CA LEU C 283 -5.93 -4.72 21.87
C LEU C 283 -7.26 -4.51 21.15
N ALA C 284 -8.12 -3.71 21.77
CA ALA C 284 -9.42 -3.42 21.18
C ALA C 284 -9.29 -2.31 20.15
N ARG C 285 -10.43 -1.82 19.67
CA ARG C 285 -10.44 -0.87 18.57
C ARG C 285 -11.69 -0.01 18.62
N TYR C 286 -11.52 1.27 18.37
CA TYR C 286 -12.61 2.22 18.35
C TYR C 286 -13.19 2.34 16.94
N PHE C 287 -14.43 2.82 16.85
CA PHE C 287 -15.10 3.10 15.60
C PHE C 287 -16.01 4.30 15.80
N LYS C 288 -16.12 5.16 14.80
CA LYS C 288 -17.12 6.22 14.80
C LYS C 288 -17.72 6.28 13.41
N ILE C 289 -18.81 5.57 13.19
CA ILE C 289 -19.38 5.43 11.86
C ILE C 289 -20.50 6.44 11.72
N ARG C 290 -20.23 7.53 11.01
CA ARG C 290 -21.27 8.45 10.63
C ARG C 290 -22.17 7.79 9.59
N LEU C 291 -23.48 7.87 9.77
CA LEU C 291 -24.45 7.34 8.83
C LEU C 291 -25.25 8.49 8.26
N ARG C 292 -25.97 8.27 7.17
CA ARG C 292 -27.02 9.17 6.73
C ARG C 292 -28.01 8.44 5.84
N LYS C 293 -29.01 9.18 5.35
CA LYS C 293 -30.11 8.64 4.58
C LYS C 293 -29.91 8.93 3.09
N ARG C 294 -30.19 7.95 2.23
CA ARG C 294 -30.10 8.13 0.79
C ARG C 294 -31.37 7.67 0.10
N SER C 295 -31.42 7.89 -1.21
CA SER C 295 -32.56 7.52 -2.04
C SER C 295 -32.11 6.62 -3.18
N VAL C 296 -32.56 5.37 -3.18
CA VAL C 296 -32.13 4.39 -4.17
C VAL C 296 -33.35 3.88 -4.94
N LYS C 297 -33.09 3.05 -5.94
CA LYS C 297 -34.17 2.31 -6.59
C LYS C 297 -34.58 1.19 -5.65
N ASN C 298 -35.87 0.88 -5.63
CA ASN C 298 -36.39 -0.23 -4.83
C ASN C 298 -35.80 -1.54 -5.31
N PRO C 299 -35.14 -2.31 -4.45
CA PRO C 299 -34.74 -3.66 -4.84
C PRO C 299 -35.76 -4.70 -4.44
N TYR C 300 -36.83 -4.31 -3.77
CA TYR C 300 -37.90 -5.22 -3.34
C TYR C 300 -39.24 -4.68 -3.82
N PRO C 301 -39.59 -4.91 -5.08
CA PRO C 301 -40.93 -4.49 -5.51
C PRO C 301 -41.94 -5.57 -5.19
N ILE C 302 -43.20 -5.35 -5.57
CA ILE C 302 -44.25 -6.33 -5.34
C ILE C 302 -43.99 -7.57 -6.18
N SER C 303 -43.35 -7.40 -7.33
CA SER C 303 -43.01 -8.52 -8.19
C SER C 303 -41.96 -9.43 -7.56
N PHE C 304 -41.10 -8.91 -6.68
CA PHE C 304 -40.16 -9.80 -6.01
C PHE C 304 -40.84 -10.61 -4.93
N LEU C 305 -41.78 -10.00 -4.22
CA LEU C 305 -42.52 -10.69 -3.18
C LEU C 305 -43.44 -11.76 -3.76
N LEU C 306 -43.99 -11.48 -4.95
CA LEU C 306 -44.88 -12.42 -5.61
C LEU C 306 -44.16 -13.70 -6.00
N SER C 307 -42.97 -13.56 -6.56
CA SER C 307 -42.18 -14.73 -6.89
C SER C 307 -41.72 -15.46 -5.65
N ASP C 308 -41.44 -14.73 -4.57
CA ASP C 308 -41.05 -15.43 -3.34
C ASP C 308 -42.27 -15.98 -2.62
N LEU C 309 -43.46 -15.52 -2.98
CA LEU C 309 -44.66 -16.17 -2.48
C LEU C 309 -44.83 -17.55 -3.08
N ILE C 310 -44.76 -17.65 -4.41
CA ILE C 310 -45.05 -18.90 -5.08
C ILE C 310 -43.91 -19.88 -4.90
N ASN C 311 -42.68 -19.41 -4.77
CA ASN C 311 -41.54 -20.31 -4.77
C ASN C 311 -41.35 -20.96 -3.40
N ARG C 312 -42.04 -20.45 -2.38
CA ARG C 312 -42.07 -21.15 -1.11
C ARG C 312 -42.90 -22.41 -1.17
N ARG C 313 -44.02 -22.39 -1.89
CA ARG C 313 -45.03 -23.45 -1.80
C ARG C 313 -44.83 -24.54 -2.82
N THR C 314 -44.24 -24.22 -3.98
CA THR C 314 -44.22 -25.10 -5.15
C THR C 314 -43.28 -26.27 -4.88
N GLN C 315 -43.58 -27.41 -5.50
CA GLN C 315 -42.91 -28.67 -5.20
C GLN C 315 -41.45 -28.66 -5.61
N ARG C 316 -40.58 -29.23 -4.77
CA ARG C 316 -39.18 -29.43 -5.12
C ARG C 316 -39.04 -30.45 -6.24
N VAL C 317 -38.24 -30.11 -7.24
CA VAL C 317 -37.92 -31.02 -8.33
C VAL C 317 -36.41 -31.24 -8.30
N ASP C 318 -36.01 -32.51 -8.22
CA ASP C 318 -34.58 -32.85 -8.19
C ASP C 318 -34.27 -33.79 -9.34
N GLY C 319 -33.81 -33.20 -10.45
CA GLY C 319 -33.47 -33.94 -11.64
C GLY C 319 -32.00 -33.89 -11.96
N GLN C 320 -31.69 -34.06 -13.24
CA GLN C 320 -30.32 -33.89 -13.71
C GLN C 320 -29.97 -32.41 -13.71
N PRO C 321 -28.69 -32.06 -13.53
CA PRO C 321 -28.32 -30.65 -13.34
C PRO C 321 -28.50 -29.82 -14.58
N MET C 322 -28.79 -28.53 -14.39
CA MET C 322 -28.87 -27.59 -15.49
C MET C 322 -28.09 -26.31 -15.20
N TYR C 323 -27.08 -26.40 -14.33
CA TYR C 323 -26.20 -25.28 -14.00
C TYR C 323 -24.94 -25.84 -13.37
N GLY C 324 -23.80 -25.27 -13.74
CA GLY C 324 -22.55 -25.67 -13.12
C GLY C 324 -21.61 -26.44 -14.02
N MET C 325 -20.71 -27.20 -13.41
CA MET C 325 -19.62 -27.85 -14.13
C MET C 325 -20.11 -29.02 -14.96
N GLU C 326 -21.05 -29.80 -14.43
CA GLU C 326 -21.63 -30.93 -15.15
C GLU C 326 -22.97 -30.59 -15.78
N SER C 327 -23.12 -29.35 -16.25
CA SER C 327 -24.38 -28.89 -16.82
C SER C 327 -24.65 -29.55 -18.17
N GLN C 328 -25.85 -29.33 -18.68
CA GLN C 328 -26.31 -29.94 -19.92
C GLN C 328 -27.01 -28.97 -20.86
N VAL C 329 -27.27 -27.75 -20.44
CA VAL C 329 -27.70 -26.71 -21.38
C VAL C 329 -26.49 -26.34 -22.21
N GLU C 330 -26.60 -26.42 -23.53
CA GLU C 330 -25.41 -26.27 -24.35
C GLU C 330 -25.30 -24.90 -25.00
N GLU C 331 -26.25 -24.49 -25.83
CA GLU C 331 -26.06 -23.25 -26.54
C GLU C 331 -27.35 -22.45 -26.52
N VAL C 332 -27.25 -21.20 -26.07
CA VAL C 332 -28.41 -20.34 -25.85
C VAL C 332 -28.27 -19.12 -26.75
N ARG C 333 -29.22 -18.94 -27.65
CA ARG C 333 -29.17 -17.84 -28.61
C ARG C 333 -30.15 -16.77 -28.17
N VAL C 334 -29.69 -15.78 -27.44
CA VAL C 334 -30.57 -14.70 -27.01
C VAL C 334 -30.49 -13.58 -28.03
N PHE C 335 -31.47 -13.53 -28.93
CA PHE C 335 -31.43 -12.52 -29.98
C PHE C 335 -32.79 -11.90 -30.18
N ASP C 336 -32.83 -10.58 -30.31
CA ASP C 336 -34.06 -9.84 -30.50
C ASP C 336 -34.07 -8.95 -31.74
N GLY C 337 -33.19 -7.96 -31.75
CA GLY C 337 -33.10 -7.01 -32.85
C GLY C 337 -32.83 -7.59 -34.22
N THR C 338 -33.26 -6.86 -35.25
CA THR C 338 -33.08 -7.27 -36.63
C THR C 338 -31.89 -6.57 -37.28
N GLU C 339 -31.42 -7.09 -38.41
CA GLU C 339 -30.27 -6.53 -39.11
C GLU C 339 -30.22 -7.03 -40.54
N ARG C 340 -29.50 -6.32 -41.40
CA ARG C 340 -29.36 -6.72 -42.80
C ARG C 340 -28.80 -8.14 -42.83
N LEU C 341 -29.41 -9.02 -43.62
CA LEU C 341 -28.96 -10.41 -43.68
C LEU C 341 -27.44 -10.52 -43.77
N PRO C 342 -26.79 -11.21 -42.84
CA PRO C 342 -25.34 -11.37 -42.91
C PRO C 342 -24.94 -12.32 -44.01
N GLY C 343 -23.78 -12.05 -44.60
CA GLY C 343 -23.14 -12.88 -45.58
C GLY C 343 -22.41 -14.08 -45.01
N ASP C 344 -22.69 -14.42 -43.77
CA ASP C 344 -22.21 -15.60 -43.11
C ASP C 344 -23.26 -15.88 -42.03
N PRO C 345 -23.80 -17.08 -42.00
CA PRO C 345 -24.68 -17.45 -40.89
C PRO C 345 -23.96 -17.48 -39.55
N ASP C 346 -22.87 -18.24 -39.47
CA ASP C 346 -22.04 -18.27 -38.27
C ASP C 346 -20.87 -17.29 -38.42
N MET C 347 -21.08 -16.09 -37.91
CA MET C 347 -20.01 -15.12 -37.84
C MET C 347 -19.09 -15.48 -36.69
N ILE C 348 -17.78 -15.29 -36.88
CA ILE C 348 -16.80 -15.57 -35.83
C ILE C 348 -16.39 -14.24 -35.20
N ARG C 349 -16.02 -14.27 -33.92
CA ARG C 349 -15.78 -13.05 -33.16
C ARG C 349 -14.33 -12.87 -32.76
N TYR C 350 -13.73 -13.83 -32.08
CA TYR C 350 -12.32 -13.73 -31.72
C TYR C 350 -11.49 -13.89 -32.99
N ILE C 351 -10.41 -13.14 -33.10
CA ILE C 351 -9.62 -13.20 -34.33
C ILE C 351 -8.77 -14.47 -34.35
N ASP C 352 -8.01 -14.70 -33.29
CA ASP C 352 -7.33 -15.99 -33.13
C ASP C 352 -7.31 -16.27 -31.64
N LYS C 353 -8.28 -17.07 -31.18
CA LYS C 353 -8.43 -17.43 -29.78
C LYS C 353 -7.21 -18.18 -29.27
N GLN C 354 -6.89 -19.31 -29.88
CA GLN C 354 -5.79 -20.13 -29.39
C GLN C 354 -4.43 -19.56 -29.79
N GLY C 355 -4.31 -19.03 -31.00
CA GLY C 355 -3.03 -18.49 -31.43
C GLY C 355 -2.25 -19.35 -32.39
N GLN C 356 -2.05 -18.83 -33.60
CA GLN C 356 -1.18 -19.41 -34.62
C GLN C 356 -0.06 -18.43 -34.96
N LEU C 357 0.58 -17.91 -33.93
CA LEU C 357 1.40 -16.70 -34.01
C LEU C 357 2.80 -17.06 -34.55
N GLN C 358 3.72 -16.12 -34.46
CA GLN C 358 5.09 -16.33 -34.92
C GLN C 358 5.85 -17.22 -33.95
N THR C 359 6.87 -17.89 -34.49
CA THR C 359 7.97 -18.49 -33.72
C THR C 359 7.57 -19.47 -32.62
N PRO D 18 11.07 55.13 -2.17
CA PRO D 18 11.10 53.70 -1.85
C PRO D 18 9.70 53.11 -1.75
N LYS D 19 9.54 52.06 -0.94
CA LYS D 19 8.22 51.51 -0.67
C LYS D 19 7.75 51.91 0.71
N GLU D 20 6.51 51.66 0.95
CA GLU D 20 5.98 51.74 2.31
C GLU D 20 5.97 50.36 2.93
N PRO D 21 5.90 50.23 4.26
CA PRO D 21 5.85 48.89 4.86
C PRO D 21 4.50 48.22 4.70
N VAL D 22 4.47 46.94 4.99
CA VAL D 22 3.24 46.16 4.92
C VAL D 22 2.73 45.93 6.33
N GLN D 23 1.41 45.97 6.50
CA GLN D 23 0.78 45.99 7.82
C GLN D 23 1.04 44.69 8.58
N VAL D 24 1.03 44.78 9.90
CA VAL D 24 1.31 43.65 10.79
C VAL D 24 0.35 43.74 11.96
N PRO D 25 0.28 42.71 12.81
CA PRO D 25 -0.39 42.89 14.11
C PRO D 25 0.41 43.83 15.02
N LYS D 26 -0.26 44.89 15.46
CA LYS D 26 0.31 45.91 16.32
C LYS D 26 0.47 45.36 17.72
N LEU D 27 1.70 45.19 18.19
CA LEU D 27 1.93 44.76 19.56
C LEU D 27 1.57 45.88 20.53
N LEU D 28 0.94 45.52 21.65
CA LEU D 28 0.58 46.50 22.67
C LEU D 28 1.35 46.35 23.97
N ILE D 29 1.29 45.18 24.60
CA ILE D 29 1.72 45.06 25.98
C ILE D 29 2.36 43.69 26.16
N LYS D 30 3.50 43.66 26.82
CA LYS D 30 4.30 42.46 26.92
C LYS D 30 4.92 42.42 28.31
N GLY D 31 5.14 41.21 28.83
CA GLY D 31 5.81 41.07 30.10
C GLY D 31 5.71 39.69 30.69
N GLY D 32 5.53 39.63 32.00
CA GLY D 32 5.38 38.37 32.70
C GLY D 32 3.96 37.85 32.66
N VAL D 33 3.62 37.02 33.63
CA VAL D 33 2.31 36.37 33.63
C VAL D 33 1.20 37.36 33.97
N GLU D 34 1.51 38.45 34.67
CA GLU D 34 0.48 39.36 35.13
C GLU D 34 0.05 40.37 34.07
N VAL D 35 0.38 40.15 32.80
CA VAL D 35 -0.16 40.99 31.74
C VAL D 35 -1.65 40.67 31.54
N LEU D 36 -2.07 39.45 31.91
CA LEU D 36 -3.37 38.87 31.61
C LEU D 36 -4.55 39.63 32.19
N GLU D 37 -4.33 40.53 33.14
CA GLU D 37 -5.44 41.23 33.79
C GLU D 37 -5.96 42.40 32.97
N VAL D 38 -5.25 42.78 31.91
CA VAL D 38 -5.59 43.97 31.15
C VAL D 38 -6.86 43.72 30.35
N LYS D 39 -7.85 44.59 30.55
CA LYS D 39 -9.10 44.48 29.81
C LYS D 39 -8.89 45.03 28.41
N THR D 40 -9.11 44.20 27.40
CA THR D 40 -8.73 44.46 26.02
C THR D 40 -9.94 44.82 25.19
N GLY D 41 -9.72 44.94 23.89
CA GLY D 41 -10.79 45.22 22.96
C GLY D 41 -11.58 43.98 22.59
N VAL D 42 -12.02 43.95 21.33
CA VAL D 42 -12.84 42.84 20.88
C VAL D 42 -12.05 41.91 19.97
N ASP D 43 -11.32 42.46 19.00
CA ASP D 43 -10.54 41.68 18.06
C ASP D 43 -9.16 41.31 18.58
N ALA D 44 -8.91 41.53 19.87
CA ALA D 44 -7.58 41.42 20.43
C ALA D 44 -7.22 39.95 20.65
N ILE D 45 -6.25 39.47 19.90
CA ILE D 45 -5.75 38.12 20.04
C ILE D 45 -4.45 38.14 20.84
N THR D 46 -4.28 37.17 21.72
CA THR D 46 -3.11 37.10 22.58
C THR D 46 -2.29 35.89 22.17
N GLU D 47 -1.11 35.74 22.78
CA GLU D 47 -0.21 34.63 22.47
C GLU D 47 0.54 34.23 23.72
N VAL D 48 0.07 33.20 24.40
CA VAL D 48 0.70 32.71 25.63
C VAL D 48 1.83 31.76 25.27
N GLU D 49 3.00 31.97 25.86
CA GLU D 49 4.17 31.12 25.64
C GLU D 49 4.58 30.47 26.94
N CYS D 50 3.99 29.32 27.28
CA CYS D 50 4.32 28.67 28.54
C CYS D 50 4.87 27.28 28.24
N PHE D 51 5.09 26.49 29.29
CA PHE D 51 5.65 25.16 29.15
C PHE D 51 5.25 24.30 30.35
N LEU D 52 5.81 23.08 30.40
CA LEU D 52 5.49 22.09 31.43
C LEU D 52 6.71 21.27 31.79
N ASN D 53 6.82 20.90 33.05
CA ASN D 53 7.86 19.96 33.44
C ASN D 53 7.42 18.52 33.23
N PRO D 54 8.35 17.59 33.08
CA PRO D 54 8.01 16.17 33.14
C PRO D 54 8.20 15.65 34.55
N GLU D 55 7.63 14.48 34.82
CA GLU D 55 7.81 13.81 36.11
C GLU D 55 8.21 12.37 35.83
N MET D 56 9.42 12.02 36.22
CA MET D 56 9.97 10.72 35.88
C MET D 56 10.17 9.81 37.09
N GLY D 57 9.79 10.25 38.28
CA GLY D 57 9.89 9.42 39.46
C GLY D 57 10.67 10.03 40.61
N ASP D 58 11.82 10.68 40.28
CA ASP D 58 12.63 11.49 41.18
C ASP D 58 13.05 10.78 42.46
N PRO D 59 14.01 9.85 42.41
CA PRO D 59 14.36 9.10 43.61
C PRO D 59 15.04 9.91 44.70
N ASP D 60 16.01 10.76 44.38
CA ASP D 60 16.64 11.59 45.39
C ASP D 60 16.90 12.97 44.82
N GLU D 61 17.51 13.82 45.65
CA GLU D 61 17.59 15.23 45.32
C GLU D 61 18.63 15.53 44.25
N ASN D 62 19.60 14.66 44.06
CA ASN D 62 20.69 14.93 43.13
C ASN D 62 20.36 14.54 41.69
N LEU D 63 19.19 13.98 41.45
CA LEU D 63 18.97 13.21 40.24
C LEU D 63 17.57 13.49 39.69
N ARG D 64 17.20 14.76 39.64
CA ARG D 64 15.92 15.20 39.13
C ARG D 64 15.77 14.87 37.64
N GLY D 65 14.64 14.27 37.30
CA GLY D 65 14.32 13.97 35.92
C GLY D 65 14.54 12.54 35.50
N PHE D 66 14.92 11.67 36.43
CA PHE D 66 15.14 10.26 36.14
C PHE D 66 14.17 9.39 36.94
N SER D 67 14.43 8.10 36.89
CA SER D 67 13.68 7.10 37.63
C SER D 67 14.63 6.25 38.46
N LEU D 68 14.11 5.17 39.02
CA LEU D 68 14.95 4.19 39.69
C LEU D 68 15.04 2.93 38.84
N LYS D 69 16.03 2.10 39.16
CA LYS D 69 16.29 0.87 38.43
C LYS D 69 15.10 -0.09 38.51
N LEU D 70 14.97 -0.95 37.50
CA LEU D 70 13.75 -1.71 37.30
C LEU D 70 13.86 -3.10 37.91
N SER D 71 12.72 -3.63 38.37
CA SER D 71 12.63 -5.02 38.77
C SER D 71 12.14 -5.85 37.58
N ALA D 72 12.70 -7.05 37.44
CA ALA D 72 12.65 -7.74 36.16
C ALA D 72 11.58 -8.82 36.06
N GLU D 73 11.63 -9.85 36.90
CA GLU D 73 10.93 -11.10 36.61
C GLU D 73 10.14 -11.60 37.82
N ASN D 74 9.30 -10.73 38.39
CA ASN D 74 8.36 -11.21 39.39
C ASN D 74 7.20 -11.92 38.72
N ASP D 75 6.45 -12.70 39.51
CA ASP D 75 5.36 -13.50 38.99
C ASP D 75 4.10 -12.65 38.80
N PHE D 76 2.98 -13.32 38.61
CA PHE D 76 1.71 -12.61 38.48
C PHE D 76 1.03 -12.39 39.83
N SER D 77 1.20 -13.31 40.77
CA SER D 77 0.64 -13.10 42.10
C SER D 77 1.60 -12.38 43.01
N SER D 78 2.86 -12.21 42.61
CA SER D 78 3.84 -11.54 43.44
C SER D 78 4.45 -10.36 42.72
N ASP D 79 3.64 -9.63 41.95
CA ASP D 79 4.10 -8.44 41.24
C ASP D 79 3.60 -7.23 42.01
N SER D 80 4.53 -6.39 42.46
CA SER D 80 4.20 -5.15 43.15
C SER D 80 5.28 -4.14 42.83
N PRO D 81 4.93 -3.06 42.14
CA PRO D 81 5.90 -2.01 41.86
C PRO D 81 5.97 -1.03 43.01
N GLU D 82 6.73 0.03 42.79
CA GLU D 82 6.81 1.16 43.69
C GLU D 82 6.71 2.46 42.92
N ARG D 83 6.72 3.57 43.67
CA ARG D 83 6.54 4.88 43.06
C ARG D 83 7.78 5.28 42.25
N LYS D 84 8.94 4.80 42.70
CA LYS D 84 10.24 5.14 42.10
C LYS D 84 10.56 4.64 40.68
N MET D 85 9.69 3.81 40.11
CA MET D 85 9.93 3.30 38.77
C MET D 85 8.77 3.56 37.81
N LEU D 86 7.99 4.61 38.02
CA LEU D 86 6.84 4.87 37.15
C LEU D 86 6.86 6.29 36.62
N PRO D 87 6.66 6.51 35.32
CA PRO D 87 6.40 7.85 34.83
C PRO D 87 4.98 8.27 35.16
N CYS D 88 4.67 9.52 34.87
CA CYS D 88 3.34 10.07 35.08
C CYS D 88 3.03 11.13 34.04
N TYR D 89 1.74 11.29 33.76
CA TYR D 89 1.28 12.44 33.01
C TYR D 89 1.55 13.71 33.79
N SER D 90 1.72 14.81 33.07
CA SER D 90 1.89 16.11 33.69
C SER D 90 0.84 17.07 33.18
N THR D 91 0.52 18.07 34.00
CA THR D 91 -0.50 19.04 33.64
C THR D 91 -0.28 20.32 34.39
N ALA D 92 -1.09 21.31 34.05
CA ALA D 92 -1.18 22.56 34.80
C ALA D 92 -2.54 23.17 34.52
N ARG D 93 -2.71 24.42 34.94
CA ARG D 93 -4.01 25.05 34.87
C ARG D 93 -3.78 26.55 34.71
N ILE D 94 -3.85 27.03 33.48
CA ILE D 94 -3.49 28.39 33.14
C ILE D 94 -4.73 29.27 33.28
N PRO D 95 -4.69 30.33 34.07
CA PRO D 95 -5.87 31.20 34.25
C PRO D 95 -6.00 32.16 33.08
N LEU D 96 -7.02 32.90 33.09
CA LEU D 96 -7.55 33.91 32.20
C LEU D 96 -8.35 34.95 32.97
N PRO D 97 -8.56 36.14 32.43
CA PRO D 97 -9.50 37.06 33.07
C PRO D 97 -10.93 36.59 32.91
N ASN D 98 -11.71 36.74 33.97
CA ASN D 98 -13.12 36.36 33.92
C ASN D 98 -13.87 37.41 33.10
N LEU D 99 -14.26 37.04 31.89
CA LEU D 99 -14.98 37.95 31.01
C LEU D 99 -16.41 38.07 31.50
N ASN D 100 -16.76 39.27 31.92
CA ASN D 100 -18.08 39.57 32.45
C ASN D 100 -18.61 40.74 31.62
N GLU D 101 -19.18 40.43 30.46
CA GLU D 101 -19.60 41.47 29.53
C GLU D 101 -21.06 41.31 29.15
N ASP D 102 -21.60 42.41 28.61
CA ASP D 102 -23.03 42.63 28.42
C ASP D 102 -23.27 42.89 26.94
N LEU D 103 -23.87 41.93 26.24
CA LEU D 103 -24.03 42.02 24.79
C LEU D 103 -25.50 42.15 24.40
N THR D 104 -26.30 41.15 24.72
CA THR D 104 -27.73 41.05 24.43
C THR D 104 -28.34 40.25 25.57
N CYS D 105 -29.51 39.66 25.34
CA CYS D 105 -30.02 38.68 26.29
C CYS D 105 -29.16 37.42 26.28
N GLY D 106 -29.18 36.68 25.18
CA GLY D 106 -28.51 35.39 25.13
C GLY D 106 -27.13 35.30 24.49
N ASN D 107 -26.10 35.93 25.04
CA ASN D 107 -24.77 35.78 24.47
C ASN D 107 -23.70 35.74 25.54
N LEU D 108 -22.59 35.09 25.25
CA LEU D 108 -21.42 35.04 26.12
C LEU D 108 -20.19 35.40 25.29
N LEU D 109 -19.01 35.29 25.89
CA LEU D 109 -17.79 35.67 25.19
C LEU D 109 -16.59 34.77 25.57
N MET D 110 -16.76 33.45 25.48
CA MET D 110 -15.71 32.52 25.90
C MET D 110 -14.48 32.58 24.99
N TRP D 111 -13.38 32.01 25.47
CA TRP D 111 -12.12 32.01 24.74
C TRP D 111 -12.05 30.83 23.78
N GLU D 112 -10.92 30.72 23.06
CA GLU D 112 -10.73 29.66 22.07
C GLU D 112 -9.23 29.50 21.85
N ALA D 113 -8.76 28.27 21.72
CA ALA D 113 -7.35 28.05 21.43
C ALA D 113 -7.16 27.60 19.99
N VAL D 114 -6.62 28.48 19.15
CA VAL D 114 -6.55 28.27 17.71
C VAL D 114 -5.36 27.43 17.31
N THR D 115 -4.15 27.83 17.71
CA THR D 115 -2.94 27.22 17.18
C THR D 115 -2.00 26.80 18.30
N VAL D 116 -1.79 25.50 18.44
CA VAL D 116 -0.76 24.96 19.31
C VAL D 116 0.53 24.96 18.51
N GLN D 117 1.67 25.05 19.19
CA GLN D 117 2.98 24.99 18.57
C GLN D 117 3.97 24.50 19.61
N THR D 118 4.32 23.23 19.55
CA THR D 118 5.19 22.63 20.55
C THR D 118 6.59 22.47 20.01
N GLU D 119 7.50 22.15 20.92
CA GLU D 119 8.92 21.95 20.68
C GLU D 119 9.52 21.36 21.94
N VAL D 120 10.36 20.35 21.78
CA VAL D 120 11.03 19.72 22.91
C VAL D 120 12.21 20.60 23.30
N ILE D 121 12.50 20.68 24.59
CA ILE D 121 13.63 21.48 25.08
C ILE D 121 14.64 20.55 25.73
N GLY D 122 15.90 20.65 25.31
CA GLY D 122 16.98 19.95 25.96
C GLY D 122 17.36 18.66 25.27
N ILE D 123 17.30 18.66 23.94
CA ILE D 123 17.46 17.42 23.21
C ILE D 123 18.91 17.00 23.07
N THR D 124 19.87 17.93 23.15
CA THR D 124 21.26 17.59 22.94
C THR D 124 21.91 16.92 24.13
N SER D 125 21.19 16.74 25.23
CA SER D 125 21.74 16.05 26.40
C SER D 125 21.95 14.57 26.16
N MET D 126 21.47 14.02 25.05
CA MET D 126 21.64 12.62 24.73
C MET D 126 23.03 12.28 24.22
N LEU D 127 23.88 13.28 24.01
CA LEU D 127 25.20 13.06 23.45
C LEU D 127 26.28 12.96 24.52
N ASN D 128 25.90 12.92 25.79
CA ASN D 128 26.86 12.82 26.88
C ASN D 128 27.34 11.39 27.02
N LEU D 129 28.18 10.93 26.10
CA LEU D 129 28.64 9.54 26.08
C LEU D 129 29.82 9.29 27.01
N HIS D 130 30.29 10.29 27.75
CA HIS D 130 31.35 10.14 28.72
C HIS D 130 30.81 10.17 30.15
N ALA D 131 29.49 10.24 30.31
CA ALA D 131 28.82 10.18 31.59
C ALA D 131 28.73 8.74 32.08
N GLY D 132 27.86 8.47 33.05
CA GLY D 132 27.73 7.15 33.62
C GLY D 132 27.06 6.08 32.77
N SER D 133 27.10 6.23 31.44
CA SER D 133 26.59 5.20 30.54
C SER D 133 27.49 3.98 30.56
N GLN D 134 26.91 2.84 30.19
CA GLN D 134 27.63 1.56 30.29
C GLN D 134 28.54 1.38 29.09
N LYS D 135 29.60 0.60 29.28
CA LYS D 135 30.64 0.44 28.27
C LYS D 135 30.15 -0.45 27.14
N VAL D 136 30.08 0.12 25.93
CA VAL D 136 29.50 -0.59 24.79
C VAL D 136 30.43 -1.69 24.27
N HIS D 137 31.73 -1.43 24.18
CA HIS D 137 32.68 -2.40 23.70
C HIS D 137 34.02 -2.12 24.38
N GLU D 138 35.10 -2.62 23.80
CA GLU D 138 36.43 -2.46 24.38
C GLU D 138 37.13 -1.10 24.25
N HIS D 139 37.05 -0.30 25.30
CA HIS D 139 37.77 0.99 25.36
C HIS D 139 37.08 2.10 24.57
N GLY D 140 35.82 1.89 24.19
CA GLY D 140 35.11 2.85 23.38
C GLY D 140 34.47 3.94 24.22
N GLY D 141 33.37 4.47 23.70
CA GLY D 141 32.51 5.36 24.45
C GLY D 141 31.52 4.59 25.29
N GLY D 142 30.32 5.14 25.39
CA GLY D 142 29.26 4.49 26.12
C GLY D 142 28.11 4.08 25.24
N LYS D 143 27.01 3.76 25.88
CA LYS D 143 25.78 3.42 25.18
C LYS D 143 24.79 4.58 25.31
N PRO D 144 24.36 5.18 24.20
CA PRO D 144 23.49 6.35 24.29
C PRO D 144 22.05 5.96 24.66
N ILE D 145 21.21 7.00 24.70
CA ILE D 145 19.84 6.84 25.16
C ILE D 145 18.98 6.31 24.02
N GLN D 146 18.37 5.15 24.24
CA GLN D 146 17.57 4.49 23.23
C GLN D 146 16.59 3.55 23.90
N GLY D 147 15.50 3.27 23.22
CA GLY D 147 14.47 2.43 23.77
C GLY D 147 13.10 2.95 23.38
N SER D 148 12.07 2.27 23.90
CA SER D 148 10.70 2.59 23.53
C SER D 148 10.30 3.92 24.12
N ASN D 149 10.33 4.97 23.30
CA ASN D 149 9.95 6.30 23.74
C ASN D 149 8.47 6.56 23.47
N PHE D 150 8.01 7.72 23.92
CA PHE D 150 6.59 8.05 23.87
C PHE D 150 6.44 9.55 24.00
N HIS D 151 5.65 10.16 23.11
CA HIS D 151 5.42 11.60 23.13
C HIS D 151 3.93 11.84 23.20
N PHE D 152 3.51 12.83 23.97
CA PHE D 152 2.10 13.14 24.13
C PHE D 152 1.90 14.53 24.69
N PHE D 153 0.96 15.26 24.10
CA PHE D 153 0.53 16.53 24.65
C PHE D 153 -0.92 16.76 24.26
N ALA D 154 -1.50 17.83 24.80
CA ALA D 154 -2.93 18.05 24.67
C ALA D 154 -3.29 19.47 25.05
N VAL D 155 -4.15 20.11 24.25
CA VAL D 155 -4.58 21.48 24.48
C VAL D 155 -6.10 21.51 24.42
N GLY D 156 -6.74 21.94 25.50
CA GLY D 156 -8.19 22.02 25.51
C GLY D 156 -8.72 22.80 26.69
N GLY D 157 -10.00 23.17 26.58
CA GLY D 157 -10.69 24.00 27.56
C GLY D 157 -11.38 23.25 28.68
N ASP D 158 -11.15 21.96 28.80
CA ASP D 158 -11.67 21.09 29.84
C ASP D 158 -10.58 20.09 30.20
N PRO D 159 -10.57 19.57 31.43
CA PRO D 159 -9.54 18.60 31.79
C PRO D 159 -9.68 17.30 31.03
N LEU D 160 -8.56 16.61 30.89
CA LEU D 160 -8.40 15.61 29.84
C LEU D 160 -9.04 14.30 30.26
N GLU D 161 -10.26 14.05 29.78
CA GLU D 161 -11.02 12.88 30.16
C GLU D 161 -10.42 11.64 29.51
N MET D 162 -10.08 10.65 30.33
CA MET D 162 -9.27 9.54 29.85
C MET D 162 -9.96 8.21 30.15
N GLN D 163 -9.22 7.14 29.93
CA GLN D 163 -9.75 5.79 29.90
C GLN D 163 -8.79 4.85 30.61
N GLY D 164 -9.30 4.00 31.47
CA GLY D 164 -8.43 3.11 32.21
C GLY D 164 -8.26 1.75 31.55
N VAL D 165 -7.06 1.47 31.07
CA VAL D 165 -6.72 0.17 30.48
C VAL D 165 -5.38 -0.25 31.08
N LEU D 166 -5.27 -1.49 31.51
CA LEU D 166 -4.00 -1.99 32.00
C LEU D 166 -3.92 -3.49 31.88
N MET D 167 -2.70 -4.02 31.93
CA MET D 167 -2.49 -5.46 32.01
C MET D 167 -1.96 -5.84 33.39
N ASN D 168 -2.18 -7.11 33.75
CA ASN D 168 -1.89 -7.67 35.07
C ASN D 168 -2.55 -6.83 36.17
N TYR D 169 -3.88 -6.91 36.20
CA TYR D 169 -4.68 -6.14 37.16
C TYR D 169 -4.54 -6.62 38.60
N ARG D 170 -3.67 -7.58 38.88
CA ARG D 170 -3.39 -8.02 40.23
C ARG D 170 -2.13 -7.37 40.81
N THR D 171 -1.69 -6.23 40.26
CA THR D 171 -0.54 -5.52 40.80
C THR D 171 -0.97 -4.41 41.76
N LYS D 172 -0.24 -4.30 42.86
CA LYS D 172 -0.59 -3.43 43.98
C LYS D 172 0.37 -2.25 43.97
N TYR D 173 -0.17 -1.10 43.89
CA TYR D 173 0.50 0.17 43.71
C TYR D 173 0.59 0.93 45.03
N PRO D 174 1.58 1.80 45.19
CA PRO D 174 1.63 2.64 46.39
C PRO D 174 0.54 3.70 46.38
N ASP D 175 0.39 4.34 47.54
CA ASP D 175 -0.76 5.18 47.83
C ASP D 175 -0.80 6.45 47.01
N GLY D 176 0.35 6.92 46.53
CA GLY D 176 0.36 8.18 45.80
C GLY D 176 -0.25 8.08 44.42
N THR D 177 -0.22 6.90 43.81
CA THR D 177 -0.73 6.73 42.47
C THR D 177 -2.22 6.47 42.48
N ILE D 178 -2.96 7.32 41.78
CA ILE D 178 -4.36 7.08 41.47
C ILE D 178 -4.44 6.06 40.35
N THR D 179 -4.84 4.85 40.70
CA THR D 179 -4.92 3.72 39.78
C THR D 179 -6.39 3.46 39.52
N PRO D 180 -6.72 2.62 38.54
CA PRO D 180 -8.11 2.19 38.40
C PRO D 180 -8.54 1.31 39.57
N LYS D 181 -9.49 1.82 40.34
CA LYS D 181 -10.08 1.07 41.45
C LYS D 181 -10.88 -0.10 40.92
N ASN D 182 -11.05 -1.12 41.77
CA ASN D 182 -11.75 -2.37 41.49
C ASN D 182 -11.22 -3.04 40.23
N PRO D 183 -10.02 -3.61 40.24
CA PRO D 183 -9.45 -4.17 39.01
C PRO D 183 -10.08 -5.51 38.66
N THR D 184 -10.57 -5.64 37.43
CA THR D 184 -11.28 -6.81 36.97
C THR D 184 -10.58 -7.42 35.77
N ALA D 185 -11.18 -8.46 35.19
CA ALA D 185 -10.64 -9.06 33.98
C ALA D 185 -10.81 -8.18 32.76
N GLN D 186 -11.86 -7.35 32.73
CA GLN D 186 -12.16 -6.50 31.58
C GLN D 186 -11.14 -5.40 31.35
N SER D 187 -10.23 -5.15 32.29
CA SER D 187 -9.31 -4.02 32.16
C SER D 187 -8.20 -4.29 31.15
N GLN D 188 -7.97 -5.55 30.79
CA GLN D 188 -6.95 -5.86 29.79
C GLN D 188 -7.45 -5.68 28.37
N VAL D 189 -8.74 -5.45 28.18
CA VAL D 189 -9.37 -5.15 26.90
C VAL D 189 -10.15 -3.87 27.13
N MET D 190 -10.99 -3.47 26.17
CA MET D 190 -11.86 -2.31 26.35
C MET D 190 -12.82 -2.50 27.52
N ASN D 191 -12.70 -1.64 28.53
CA ASN D 191 -13.59 -1.67 29.69
C ASN D 191 -14.28 -0.32 29.79
N THR D 192 -15.47 -0.31 30.38
CA THR D 192 -16.23 0.92 30.56
C THR D 192 -16.22 1.37 32.01
N ASP D 193 -15.74 0.53 32.92
CA ASP D 193 -15.79 0.80 34.36
C ASP D 193 -14.68 1.73 34.84
N HIS D 194 -13.95 2.40 33.96
CA HIS D 194 -12.76 3.13 34.38
C HIS D 194 -12.69 4.50 33.73
N LYS D 195 -13.78 5.27 33.77
CA LYS D 195 -13.65 6.67 33.43
C LYS D 195 -12.91 7.39 34.55
N ALA D 196 -12.25 8.49 34.21
CA ALA D 196 -11.54 9.30 35.20
C ALA D 196 -11.37 10.71 34.65
N TYR D 197 -10.72 11.54 35.45
CA TYR D 197 -10.46 12.93 35.12
C TYR D 197 -9.05 13.34 35.53
N LEU D 198 -8.34 13.95 34.58
CA LEU D 198 -6.97 14.41 34.81
C LEU D 198 -7.04 15.72 35.57
N ASP D 199 -6.59 15.69 36.83
CA ASP D 199 -6.60 16.89 37.67
C ASP D 199 -5.38 17.03 38.57
N LYS D 200 -4.41 16.12 38.48
CA LYS D 200 -3.43 16.00 39.55
C LYS D 200 -2.06 15.62 38.99
N ASN D 201 -1.06 16.45 39.26
CA ASN D 201 0.30 16.22 38.79
C ASN D 201 0.93 15.03 39.49
N ASN D 202 1.80 14.33 38.75
CA ASN D 202 2.61 13.21 39.22
C ASN D 202 1.75 12.10 39.82
N ALA D 203 0.59 11.86 39.23
CA ALA D 203 -0.41 11.02 39.88
C ALA D 203 -0.86 9.83 39.04
N TYR D 204 -1.10 10.03 37.76
CA TYR D 204 -1.61 8.97 36.91
C TYR D 204 -0.45 8.29 36.19
N PRO D 205 -0.16 7.03 36.47
CA PRO D 205 0.94 6.36 35.79
C PRO D 205 0.60 6.06 34.34
N VAL D 206 1.58 6.26 33.46
CA VAL D 206 1.29 6.25 32.03
C VAL D 206 1.21 4.85 31.49
N GLU D 207 1.50 3.83 32.29
CA GLU D 207 1.27 2.49 31.80
C GLU D 207 -0.11 1.97 32.14
N CYS D 208 -1.04 2.86 32.49
CA CYS D 208 -2.38 2.48 32.87
C CYS D 208 -3.47 3.36 32.29
N TRP D 209 -3.14 4.39 31.50
CA TRP D 209 -4.13 5.36 31.09
C TRP D 209 -3.85 5.87 29.68
N VAL D 210 -4.84 5.74 28.79
CA VAL D 210 -4.82 6.38 27.49
C VAL D 210 -5.94 7.41 27.50
N PRO D 211 -5.99 8.38 26.59
CA PRO D 211 -7.16 9.26 26.53
C PRO D 211 -8.37 8.49 26.02
N ASP D 212 -9.52 8.81 26.60
CA ASP D 212 -10.80 8.23 26.21
C ASP D 212 -11.14 8.66 24.79
N PRO D 213 -11.28 7.74 23.85
CA PRO D 213 -11.61 8.16 22.48
C PRO D 213 -13.05 8.55 22.28
N SER D 214 -13.89 8.53 23.32
CA SER D 214 -15.32 8.71 23.13
C SER D 214 -15.85 10.04 23.64
N ARG D 215 -15.23 10.61 24.67
CA ARG D 215 -15.81 11.76 25.35
C ARG D 215 -14.92 12.99 25.35
N ASN D 216 -13.98 13.09 24.42
CA ASN D 216 -13.12 14.27 24.35
C ASN D 216 -13.59 15.17 23.21
N GLU D 217 -14.68 15.88 23.46
CA GLU D 217 -15.24 16.75 22.43
C GLU D 217 -14.79 18.19 22.55
N ASN D 218 -14.18 18.58 23.66
CA ASN D 218 -13.74 19.95 23.83
C ASN D 218 -12.24 19.98 24.16
N THR D 219 -11.53 18.92 23.81
CA THR D 219 -10.09 18.88 24.00
C THR D 219 -9.48 18.04 22.88
N ARG D 220 -8.25 18.38 22.49
CA ARG D 220 -7.54 17.70 21.41
C ARG D 220 -6.28 17.07 21.98
N TYR D 221 -5.78 16.05 21.29
CA TYR D 221 -4.56 15.37 21.70
C TYR D 221 -3.80 14.86 20.48
N PHE D 222 -2.53 14.52 20.69
CA PHE D 222 -1.65 14.01 19.64
C PHE D 222 -0.70 13.02 20.27
N GLY D 223 -0.54 11.85 19.67
CA GLY D 223 0.33 10.87 20.29
C GLY D 223 0.89 9.81 19.35
N THR D 224 2.21 9.62 19.39
CA THR D 224 2.91 8.68 18.52
C THR D 224 3.84 7.82 19.36
N PHE D 225 3.33 6.71 19.86
CA PHE D 225 4.16 5.74 20.58
C PHE D 225 5.08 5.04 19.60
N THR D 226 6.20 4.51 20.10
CA THR D 226 7.09 3.66 19.33
C THR D 226 7.41 2.44 20.18
N GLY D 227 7.27 1.26 19.60
CA GLY D 227 7.67 0.05 20.28
C GLY D 227 9.15 -0.22 20.09
N GLY D 228 9.49 -1.50 20.11
CA GLY D 228 10.84 -1.95 19.85
C GLY D 228 11.78 -1.70 21.03
N GLU D 229 12.99 -2.22 20.91
CA GLU D 229 13.99 -1.99 21.94
C GLU D 229 15.12 -1.11 21.43
N ASN D 230 15.59 -1.35 20.21
CA ASN D 230 16.82 -0.76 19.71
C ASN D 230 16.50 0.27 18.65
N VAL D 231 15.47 1.06 18.91
CA VAL D 231 14.94 1.99 17.93
C VAL D 231 15.74 3.28 17.99
N PRO D 232 15.69 4.12 16.97
CA PRO D 232 16.26 5.46 17.09
C PRO D 232 15.24 6.43 17.67
N PRO D 233 15.56 7.07 18.79
CA PRO D 233 14.75 8.20 19.24
C PRO D 233 15.02 9.42 18.37
N VAL D 234 14.10 9.70 17.48
CA VAL D 234 14.24 10.77 16.48
C VAL D 234 13.50 11.97 17.02
N LEU D 235 14.18 13.10 17.11
CA LEU D 235 13.58 14.34 17.57
C LEU D 235 13.81 15.42 16.53
N HIS D 236 12.98 16.45 16.56
CA HIS D 236 13.08 17.55 15.62
C HIS D 236 12.92 18.90 16.28
N VAL D 237 13.88 19.79 16.03
CA VAL D 237 13.84 21.14 16.57
C VAL D 237 13.59 22.08 15.42
N THR D 238 12.55 22.90 15.52
CA THR D 238 12.22 23.82 14.43
C THR D 238 11.19 24.82 14.91
N ASN D 239 11.48 26.10 14.75
CA ASN D 239 10.55 27.14 15.12
C ASN D 239 9.77 27.71 13.94
N THR D 240 9.45 26.89 12.95
CA THR D 240 8.47 27.29 11.95
C THR D 240 7.32 26.31 11.81
N ALA D 241 7.26 25.24 12.62
CA ALA D 241 6.16 24.31 12.55
C ALA D 241 4.90 24.92 13.15
N THR D 242 3.75 24.39 12.71
CA THR D 242 2.46 24.93 13.10
C THR D 242 1.45 23.80 13.05
N THR D 243 0.61 23.69 14.07
CA THR D 243 -0.44 22.69 14.12
C THR D 243 -1.79 23.37 14.33
N VAL D 244 -2.72 23.13 13.41
CA VAL D 244 -4.00 23.83 13.42
C VAL D 244 -4.98 23.04 14.26
N LEU D 245 -5.80 23.73 15.06
CA LEU D 245 -6.75 23.08 15.95
C LEU D 245 -8.21 23.47 15.70
N LEU D 246 -8.55 23.99 14.53
CA LEU D 246 -9.95 24.16 14.19
C LEU D 246 -10.59 22.79 13.92
N ASP D 247 -11.91 22.73 14.06
CA ASP D 247 -12.65 21.51 13.76
C ASP D 247 -13.07 21.54 12.28
N GLU D 248 -14.03 20.67 11.92
CA GLU D 248 -14.66 20.76 10.61
C GLU D 248 -15.39 22.07 10.41
N GLN D 249 -15.97 22.63 11.47
CA GLN D 249 -16.83 23.79 11.34
C GLN D 249 -16.15 25.13 11.56
N GLY D 250 -15.04 25.18 12.26
CA GLY D 250 -14.45 26.46 12.61
C GLY D 250 -14.62 26.87 14.05
N VAL D 251 -14.53 25.93 14.99
CA VAL D 251 -14.39 26.23 16.40
C VAL D 251 -13.21 25.42 16.93
N GLY D 252 -12.56 25.93 17.96
CA GLY D 252 -11.44 25.24 18.53
C GLY D 252 -11.86 24.48 19.76
N PRO D 253 -10.98 24.39 20.73
CA PRO D 253 -11.41 24.05 22.08
C PRO D 253 -11.99 25.27 22.76
N LEU D 254 -13.28 25.25 23.06
CA LEU D 254 -13.86 26.32 23.84
C LEU D 254 -13.48 26.16 25.31
N CYS D 255 -13.35 27.28 26.00
CA CYS D 255 -13.07 27.28 27.44
C CYS D 255 -14.38 27.59 28.15
N LYS D 256 -14.99 26.57 28.75
CA LYS D 256 -16.25 26.70 29.44
C LYS D 256 -16.13 27.64 30.63
N ALA D 257 -15.37 27.23 31.64
CA ALA D 257 -14.95 28.21 32.61
C ALA D 257 -13.81 29.01 32.03
N ASP D 258 -13.58 30.20 32.58
CA ASP D 258 -12.46 31.02 32.10
C ASP D 258 -11.18 30.47 32.70
N SER D 259 -10.68 29.43 32.03
CA SER D 259 -9.43 28.78 32.35
C SER D 259 -8.89 28.23 31.04
N LEU D 260 -7.72 27.59 31.11
CA LEU D 260 -7.14 26.97 29.92
C LEU D 260 -6.20 25.88 30.38
N TYR D 261 -6.46 24.65 29.94
CA TYR D 261 -5.73 23.49 30.42
C TYR D 261 -4.70 23.07 29.39
N VAL D 262 -3.48 22.83 29.85
CA VAL D 262 -2.38 22.32 29.04
C VAL D 262 -1.83 21.11 29.77
N SER D 263 -1.62 20.02 29.06
CA SER D 263 -1.16 18.79 29.68
C SER D 263 -0.32 18.01 28.69
N ALA D 264 0.72 17.36 29.20
CA ALA D 264 1.67 16.67 28.35
C ALA D 264 2.45 15.67 29.17
N ALA D 265 3.15 14.77 28.48
CA ALA D 265 4.05 13.81 29.10
C ALA D 265 5.04 13.37 28.04
N ASP D 266 6.32 13.34 28.39
CA ASP D 266 7.37 13.02 27.42
C ASP D 266 8.36 12.04 28.06
N ILE D 267 8.35 10.80 27.59
CA ILE D 267 9.40 9.84 27.88
C ILE D 267 10.27 9.77 26.64
N CYS D 268 11.59 9.75 26.83
CA CYS D 268 12.48 9.71 25.67
C CYS D 268 13.60 8.69 25.81
N GLY D 269 13.31 7.48 26.21
CA GLY D 269 14.28 6.43 26.02
C GLY D 269 14.80 5.92 27.34
N LEU D 270 15.98 5.31 27.28
CA LEU D 270 16.60 4.66 28.43
C LEU D 270 18.06 5.07 28.54
N PHE D 271 18.35 6.00 29.44
CA PHE D 271 19.72 6.31 29.83
C PHE D 271 20.22 5.18 30.71
N THR D 272 21.00 4.28 30.14
CA THR D 272 21.49 3.10 30.84
C THR D 272 22.60 3.51 31.80
N ASN D 273 22.50 3.09 33.05
CA ASN D 273 23.49 3.47 34.05
C ASN D 273 24.74 2.60 33.95
N SER D 274 25.60 2.75 34.95
CA SER D 274 26.97 2.25 34.84
C SER D 274 27.07 0.74 34.97
N SER D 275 26.65 0.20 36.13
CA SER D 275 26.95 -1.20 36.43
C SER D 275 26.00 -2.18 35.77
N GLY D 276 25.18 -1.75 34.82
CA GLY D 276 24.29 -2.63 34.09
C GLY D 276 22.83 -2.36 34.30
N THR D 277 22.47 -1.37 35.09
CA THR D 277 21.06 -1.07 35.30
C THR D 277 20.60 0.01 34.33
N GLN D 278 19.31 0.02 34.04
CA GLN D 278 18.71 1.02 33.20
C GLN D 278 17.75 1.87 34.01
N GLN D 279 17.39 3.03 33.46
CA GLN D 279 16.38 3.88 34.06
C GLN D 279 15.79 4.77 32.98
N TRP D 280 14.73 5.49 33.36
CA TRP D 280 14.00 6.29 32.39
C TRP D 280 14.67 7.65 32.21
N ARG D 281 14.09 8.49 31.36
CA ARG D 281 14.58 9.83 31.07
C ARG D 281 13.48 10.63 30.40
N GLY D 282 13.15 11.79 30.95
CA GLY D 282 12.15 12.63 30.35
C GLY D 282 12.73 13.95 29.88
N LEU D 283 11.91 14.75 29.22
CA LEU D 283 12.26 16.10 28.80
C LEU D 283 11.05 17.00 28.93
N ALA D 284 11.30 18.30 28.99
CA ALA D 284 10.22 19.26 29.11
C ALA D 284 9.61 19.55 27.74
N ARG D 285 8.71 20.52 27.70
CA ARG D 285 7.97 20.75 26.46
C ARG D 285 7.48 22.19 26.38
N TYR D 286 8.04 22.94 25.45
CA TYR D 286 7.63 24.30 25.17
C TYR D 286 6.24 24.31 24.55
N PHE D 287 5.52 25.42 24.73
CA PHE D 287 4.26 25.65 24.05
C PHE D 287 4.20 27.08 23.56
N LYS D 288 3.36 27.31 22.56
CA LYS D 288 2.93 28.64 22.18
C LYS D 288 1.51 28.50 21.69
N ILE D 289 0.57 29.17 22.34
CA ILE D 289 -0.84 28.97 22.09
C ILE D 289 -1.43 30.31 21.69
N ARG D 290 -2.09 30.37 20.55
CA ARG D 290 -2.82 31.55 20.16
C ARG D 290 -4.22 31.47 20.74
N LEU D 291 -4.79 32.61 21.08
CA LEU D 291 -6.16 32.69 21.59
C LEU D 291 -6.91 33.77 20.86
N ARG D 292 -8.24 33.72 20.93
CA ARG D 292 -9.09 34.81 20.48
C ARG D 292 -10.42 34.77 21.21
N LYS D 293 -11.41 35.54 20.76
CA LYS D 293 -12.65 35.70 21.50
C LYS D 293 -13.84 35.31 20.62
N ARG D 294 -14.56 34.26 21.00
CA ARG D 294 -15.68 33.75 20.20
C ARG D 294 -17.01 34.18 20.77
N SER D 295 -18.08 33.76 20.11
CA SER D 295 -19.45 34.14 20.48
C SER D 295 -20.32 32.90 20.55
N VAL D 296 -20.50 32.37 21.76
CA VAL D 296 -21.41 31.25 21.97
C VAL D 296 -22.72 31.84 22.46
N LYS D 297 -23.75 31.00 22.50
CA LYS D 297 -25.08 31.36 22.98
C LYS D 297 -25.32 30.60 24.28
N ASN D 298 -26.30 31.03 25.06
CA ASN D 298 -26.57 30.39 26.34
C ASN D 298 -27.46 29.17 26.17
N PRO D 299 -26.96 27.97 26.47
CA PRO D 299 -27.77 26.78 26.26
C PRO D 299 -28.78 26.53 27.38
N TYR D 300 -28.43 26.83 28.53
CA TYR D 300 -29.18 26.60 29.75
C TYR D 300 -30.24 27.69 29.93
N PRO D 301 -31.26 27.47 30.76
CA PRO D 301 -32.15 28.58 31.12
C PRO D 301 -31.57 29.40 32.25
N ILE D 302 -32.29 30.46 32.63
CA ILE D 302 -31.76 31.37 33.63
C ILE D 302 -32.05 30.87 35.04
N SER D 303 -33.29 30.43 35.28
CA SER D 303 -33.72 30.12 36.65
C SER D 303 -33.05 28.86 37.18
N PHE D 304 -32.77 27.90 36.32
CA PHE D 304 -32.01 26.72 36.71
C PHE D 304 -30.63 27.06 37.22
N LEU D 305 -29.99 28.06 36.60
CA LEU D 305 -28.64 28.44 36.98
C LEU D 305 -28.61 29.11 38.35
N LEU D 306 -29.49 30.08 38.57
CA LEU D 306 -29.43 30.85 39.81
C LEU D 306 -29.94 30.03 41.00
N SER D 307 -30.85 29.09 40.74
CA SER D 307 -31.29 28.20 41.82
C SER D 307 -30.20 27.23 42.23
N ASP D 308 -29.60 26.53 41.27
CA ASP D 308 -28.67 25.46 41.60
C ASP D 308 -27.31 25.97 42.03
N LEU D 309 -26.98 27.23 41.70
CA LEU D 309 -25.73 27.82 42.15
C LEU D 309 -25.67 27.93 43.66
N ILE D 310 -26.73 28.45 44.27
CA ILE D 310 -26.77 28.65 45.72
C ILE D 310 -26.93 27.31 46.42
N ASN D 311 -27.50 26.32 45.73
CA ASN D 311 -27.55 24.96 46.23
C ASN D 311 -26.14 24.39 46.41
N ARG D 312 -25.24 24.71 45.49
CA ARG D 312 -23.88 24.18 45.58
C ARG D 312 -23.02 24.96 46.58
N ARG D 313 -23.49 26.11 47.05
CA ARG D 313 -22.68 26.91 47.97
C ARG D 313 -23.10 26.70 49.41
N THR D 314 -24.39 26.81 49.70
CA THR D 314 -24.89 26.63 51.06
C THR D 314 -24.82 25.14 51.42
N GLN D 315 -24.36 24.85 52.63
CA GLN D 315 -24.33 23.49 53.13
C GLN D 315 -25.75 22.95 53.28
N ARG D 316 -25.97 21.72 52.81
CA ARG D 316 -27.31 21.16 52.81
C ARG D 316 -27.76 20.79 54.21
N VAL D 317 -28.85 21.42 54.64
CA VAL D 317 -29.37 21.23 55.98
C VAL D 317 -30.10 19.90 56.07
N ASP D 318 -29.97 19.26 57.22
CA ASP D 318 -30.58 17.98 57.52
C ASP D 318 -31.43 18.18 58.76
N GLY D 319 -32.64 18.68 58.55
CA GLY D 319 -33.53 19.03 59.64
C GLY D 319 -34.42 17.88 60.04
N GLN D 320 -35.66 18.19 60.27
CA GLN D 320 -36.65 17.17 60.54
C GLN D 320 -37.55 17.02 59.32
N PRO D 321 -38.05 15.81 59.03
CA PRO D 321 -38.62 15.52 57.70
C PRO D 321 -39.91 16.28 57.43
N MET D 322 -39.99 16.88 56.24
CA MET D 322 -41.15 17.64 55.83
C MET D 322 -41.96 16.96 54.74
N TYR D 323 -41.83 15.65 54.61
CA TYR D 323 -42.67 14.87 53.70
C TYR D 323 -42.65 13.41 54.13
N GLY D 324 -43.60 12.65 53.60
CA GLY D 324 -43.57 11.21 53.73
C GLY D 324 -44.35 10.70 54.92
N MET D 325 -43.93 9.52 55.38
CA MET D 325 -44.62 8.83 56.47
C MET D 325 -44.40 9.51 57.81
N GLU D 326 -43.27 10.18 57.99
CA GLU D 326 -42.97 10.88 59.22
C GLU D 326 -43.05 12.39 59.01
N SER D 327 -43.99 12.82 58.18
CA SER D 327 -44.13 14.23 57.86
C SER D 327 -44.72 14.99 59.02
N GLN D 328 -44.42 16.27 59.11
CA GLN D 328 -44.89 17.10 60.22
C GLN D 328 -45.64 18.34 59.75
N VAL D 329 -46.06 18.38 58.49
CA VAL D 329 -46.97 19.43 58.02
C VAL D 329 -48.39 18.90 58.14
N GLU D 330 -49.30 19.73 58.67
CA GLU D 330 -50.64 19.23 58.92
C GLU D 330 -51.76 20.06 58.32
N GLU D 331 -51.47 21.21 57.72
CA GLU D 331 -52.53 22.09 57.25
C GLU D 331 -51.96 23.02 56.18
N VAL D 332 -52.35 22.81 54.93
CA VAL D 332 -51.92 23.65 53.82
C VAL D 332 -53.18 24.09 53.07
N ARG D 333 -53.27 25.38 52.75
CA ARG D 333 -54.42 25.95 52.06
C ARG D 333 -53.93 26.93 51.01
N VAL D 334 -54.76 27.27 50.05
CA VAL D 334 -54.51 28.45 49.23
C VAL D 334 -55.76 29.30 49.27
N PHE D 335 -55.63 30.55 48.84
CA PHE D 335 -56.71 31.54 48.92
C PHE D 335 -56.86 32.29 47.60
N VAL E 24 13.99 36.32 -17.17
CA VAL E 24 15.31 36.01 -16.63
C VAL E 24 15.89 37.22 -15.88
N PRO E 25 16.68 36.98 -14.83
CA PRO E 25 17.34 38.09 -14.14
C PRO E 25 18.63 38.48 -14.83
N LYS E 26 18.90 39.79 -14.86
CA LYS E 26 20.04 40.33 -15.60
C LYS E 26 21.17 40.62 -14.62
N LEU E 27 22.24 39.83 -14.72
CA LEU E 27 23.41 39.96 -13.85
C LEU E 27 24.20 41.21 -14.18
N LEU E 28 24.54 42.00 -13.16
CA LEU E 28 25.29 43.23 -13.38
C LEU E 28 26.77 43.08 -13.03
N ILE E 29 27.05 42.69 -11.80
CA ILE E 29 28.41 42.75 -11.27
C ILE E 29 28.64 41.48 -10.47
N LYS E 30 29.91 41.08 -10.34
CA LYS E 30 30.27 39.94 -9.53
C LYS E 30 31.68 40.16 -9.00
N GLY E 31 32.26 39.13 -8.38
CA GLY E 31 33.64 39.24 -7.96
C GLY E 31 34.01 38.54 -6.68
N GLY E 32 34.59 39.30 -5.75
CA GLY E 32 35.06 38.76 -4.48
C GLY E 32 34.30 39.30 -3.28
N VAL E 33 34.99 39.48 -2.15
CA VAL E 33 34.30 39.80 -0.92
C VAL E 33 33.91 41.28 -0.83
N GLU E 34 34.70 42.19 -1.41
CA GLU E 34 34.41 43.61 -1.26
C GLU E 34 33.39 44.11 -2.27
N VAL E 35 32.67 43.24 -2.96
CA VAL E 35 31.65 43.67 -3.89
C VAL E 35 30.42 44.17 -3.13
N LEU E 36 30.31 43.81 -1.84
CA LEU E 36 29.25 44.32 -0.98
C LEU E 36 29.31 45.83 -0.81
N GLU E 37 30.51 46.42 -0.95
CA GLU E 37 30.67 47.85 -0.78
C GLU E 37 30.18 48.63 -2.01
N VAL E 38 29.87 47.94 -3.10
CA VAL E 38 29.39 48.61 -4.29
C VAL E 38 27.97 49.13 -4.06
N LYS E 39 27.77 50.42 -4.30
CA LYS E 39 26.44 51.01 -4.30
C LYS E 39 25.59 50.37 -5.38
N THR E 40 24.33 50.13 -5.05
CA THR E 40 23.40 49.43 -5.94
C THR E 40 22.20 50.31 -6.24
N GLY E 41 21.19 49.72 -6.90
CA GLY E 41 19.90 50.37 -7.00
C GLY E 41 19.05 50.11 -5.77
N VAL E 42 17.75 50.30 -5.93
CA VAL E 42 16.82 50.03 -4.83
C VAL E 42 16.23 48.63 -4.92
N ASP E 43 16.39 47.96 -6.07
CA ASP E 43 15.77 46.67 -6.32
C ASP E 43 16.78 45.53 -6.36
N ALA E 44 18.04 45.80 -6.08
CA ALA E 44 19.10 44.83 -6.36
C ALA E 44 19.14 43.75 -5.31
N ILE E 45 19.00 42.52 -5.74
CA ILE E 45 19.05 41.37 -4.84
C ILE E 45 20.38 40.67 -5.03
N THR E 46 20.97 40.20 -3.94
CA THR E 46 22.32 39.68 -3.99
C THR E 46 22.31 38.16 -4.02
N GLU E 47 23.51 37.59 -3.88
CA GLU E 47 23.65 36.14 -3.80
C GLU E 47 24.98 35.91 -3.08
N VAL E 48 24.91 35.62 -1.79
CA VAL E 48 26.11 35.58 -0.96
C VAL E 48 26.45 34.14 -0.61
N GLU E 49 27.68 33.73 -0.90
CA GLU E 49 28.09 32.34 -0.75
C GLU E 49 29.22 32.28 0.27
N CYS E 50 28.97 31.63 1.40
CA CYS E 50 29.95 31.51 2.47
C CYS E 50 29.89 30.11 3.04
N PHE E 51 30.92 29.74 3.79
CA PHE E 51 30.92 28.44 4.43
C PHE E 51 31.56 28.53 5.81
N LEU E 52 31.51 27.40 6.52
CA LEU E 52 31.88 27.33 7.93
C LEU E 52 32.58 26.02 8.17
N ASN E 53 33.74 26.07 8.81
CA ASN E 53 34.34 24.84 9.27
C ASN E 53 33.70 24.41 10.60
N PRO E 54 33.53 23.11 10.81
CA PRO E 54 33.10 22.63 12.12
C PRO E 54 34.24 22.74 13.12
N GLU E 55 33.89 22.63 14.39
CA GLU E 55 34.89 22.55 15.45
C GLU E 55 34.56 21.29 16.23
N MET E 56 35.47 20.33 16.18
CA MET E 56 35.26 19.06 16.83
C MET E 56 36.29 18.77 17.90
N GLY E 57 37.20 19.70 18.15
CA GLY E 57 38.13 19.56 19.26
C GLY E 57 39.58 19.78 18.88
N ASP E 58 40.00 19.25 17.71
CA ASP E 58 41.33 19.42 17.11
C ASP E 58 42.46 19.05 18.05
N PRO E 59 42.71 17.76 18.27
CA PRO E 59 43.77 17.38 19.23
C PRO E 59 45.16 17.76 18.77
N ASP E 60 45.43 17.74 17.47
CA ASP E 60 46.66 18.29 16.94
C ASP E 60 46.36 18.84 15.55
N GLU E 61 47.41 19.36 14.90
CA GLU E 61 47.28 19.82 13.53
C GLU E 61 47.28 18.66 12.54
N ASN E 62 47.64 17.47 13.00
CA ASN E 62 47.84 16.31 12.14
C ASN E 62 46.62 15.42 12.05
N LEU E 63 45.62 15.62 12.90
CA LEU E 63 44.37 14.87 12.89
C LEU E 63 43.20 15.84 13.03
N ARG E 64 43.21 16.84 12.15
CA ARG E 64 42.20 17.89 12.08
C ARG E 64 40.81 17.29 11.84
N GLY E 65 39.79 17.96 12.38
CA GLY E 65 38.42 17.62 12.10
C GLY E 65 37.81 16.57 13.00
N PHE E 66 38.62 15.80 13.71
CA PHE E 66 38.13 14.78 14.63
C PHE E 66 38.07 15.35 16.04
N SER E 67 37.83 14.45 16.99
CA SER E 67 37.92 14.78 18.41
C SER E 67 39.00 13.93 19.05
N LEU E 68 39.43 14.32 20.25
CA LEU E 68 40.17 13.40 21.06
C LEU E 68 39.19 12.37 21.61
N LYS E 69 39.69 11.16 21.84
CA LYS E 69 38.83 10.02 22.12
C LYS E 69 38.11 10.18 23.45
N LEU E 70 36.93 9.58 23.54
CA LEU E 70 36.06 9.79 24.68
C LEU E 70 36.43 8.85 25.81
N SER E 71 36.43 9.38 27.03
CA SER E 71 36.69 8.55 28.20
C SER E 71 35.49 7.63 28.44
N ALA E 72 35.72 6.54 29.17
CA ALA E 72 34.80 5.41 29.17
C ALA E 72 33.67 5.54 30.18
N GLU E 73 34.00 5.55 31.47
CA GLU E 73 32.94 5.37 32.47
C GLU E 73 33.04 6.33 33.64
N ASN E 74 33.15 7.63 33.38
CA ASN E 74 33.11 8.59 34.47
C ASN E 74 31.72 8.60 35.13
N ASP E 75 31.72 8.87 36.44
CA ASP E 75 30.54 8.73 37.26
C ASP E 75 29.76 10.04 37.29
N PHE E 76 28.72 10.08 38.12
CA PHE E 76 27.95 11.31 38.27
C PHE E 76 28.73 12.38 39.02
N SER E 77 29.52 11.98 40.00
CA SER E 77 30.16 12.95 40.87
C SER E 77 31.50 13.44 40.35
N SER E 78 32.46 12.54 40.14
CA SER E 78 33.85 12.91 39.91
C SER E 78 34.19 13.03 38.43
N ASP E 79 33.23 13.45 37.61
CA ASP E 79 33.45 13.58 36.18
C ASP E 79 34.02 14.96 35.86
N SER E 80 35.07 14.96 35.05
CA SER E 80 35.61 16.19 34.48
C SER E 80 36.33 15.82 33.19
N PRO E 81 35.69 16.00 32.04
CA PRO E 81 36.37 15.74 30.78
C PRO E 81 37.40 16.82 30.50
N GLU E 82 38.39 16.47 29.68
CA GLU E 82 39.43 17.42 29.33
C GLU E 82 38.82 18.64 28.65
N ARG E 83 39.04 18.75 27.34
CA ARG E 83 38.50 19.85 26.56
C ARG E 83 38.53 19.49 25.09
N LYS E 84 39.42 18.58 24.74
CA LYS E 84 39.57 18.13 23.36
C LYS E 84 38.63 16.96 23.05
N MET E 85 37.57 16.82 23.84
CA MET E 85 36.62 15.73 23.60
C MET E 85 35.18 16.21 23.64
N LEU E 86 34.95 17.51 23.44
CA LEU E 86 33.60 18.07 23.40
C LEU E 86 33.44 18.96 22.19
N PRO E 87 32.50 18.69 21.30
CA PRO E 87 32.28 19.58 20.16
C PRO E 87 31.60 20.87 20.60
N CYS E 88 31.62 21.85 19.70
CA CYS E 88 31.07 23.16 19.98
C CYS E 88 30.30 23.66 18.76
N TYR E 89 29.72 24.84 18.89
CA TYR E 89 29.00 25.44 17.78
C TYR E 89 29.97 26.26 16.93
N SER E 90 29.44 26.91 15.91
CA SER E 90 30.25 27.68 14.97
C SER E 90 29.42 28.84 14.46
N THR E 91 30.02 30.02 14.44
CA THR E 91 29.30 31.24 14.07
C THR E 91 29.93 31.90 12.86
N ALA E 92 29.38 33.05 12.48
CA ALA E 92 29.89 33.87 11.40
C ALA E 92 29.35 35.28 11.55
N ARG E 93 29.93 36.21 10.79
CA ARG E 93 29.42 37.57 10.72
C ARG E 93 29.80 38.15 9.36
N ILE E 94 28.81 38.63 8.63
CA ILE E 94 29.04 39.16 7.27
C ILE E 94 28.71 40.64 7.29
N PRO E 95 29.67 41.52 7.02
CA PRO E 95 29.43 42.96 7.18
C PRO E 95 28.69 43.60 6.02
N LEU E 96 27.37 43.52 6.03
CA LEU E 96 26.56 44.27 5.09
C LEU E 96 26.76 45.78 5.29
N PRO E 97 26.68 46.57 4.22
CA PRO E 97 26.89 48.01 4.36
C PRO E 97 25.61 48.72 4.72
N ASN E 98 25.71 50.00 5.07
CA ASN E 98 24.56 50.84 5.38
C ASN E 98 23.78 51.09 4.09
N LEU E 99 22.53 51.52 4.23
CA LEU E 99 21.74 51.88 3.06
C LEU E 99 21.16 53.27 3.19
N ASN E 100 20.81 53.67 4.41
CA ASN E 100 20.17 54.96 4.65
C ASN E 100 21.27 56.01 4.71
N GLU E 101 21.18 57.00 3.83
CA GLU E 101 22.12 58.11 3.82
C GLU E 101 21.43 59.46 3.63
N ASP E 102 20.21 59.61 4.12
CA ASP E 102 19.43 60.83 3.96
C ASP E 102 18.92 61.34 5.31
N LEU E 103 17.97 62.27 5.23
CA LEU E 103 17.49 63.07 6.36
C LEU E 103 16.53 62.27 7.23
N THR E 104 15.71 62.96 8.05
CA THR E 104 14.94 62.49 9.20
C THR E 104 14.17 61.20 8.97
N CYS E 105 13.94 60.47 10.08
CA CYS E 105 13.83 59.02 10.13
C CYS E 105 12.78 58.46 9.17
N GLY E 106 11.50 58.73 9.43
CA GLY E 106 10.46 58.57 8.42
C GLY E 106 10.34 57.15 7.91
N ASN E 107 10.87 56.96 6.71
CA ASN E 107 11.07 55.66 6.09
C ASN E 107 12.55 55.32 6.10
N LEU E 108 12.87 54.11 6.51
CA LEU E 108 14.25 53.65 6.50
C LEU E 108 14.33 52.45 5.56
N LEU E 109 15.49 51.80 5.52
CA LEU E 109 15.69 50.61 4.71
C LEU E 109 16.59 49.66 5.47
N MET E 110 16.30 48.37 5.37
CA MET E 110 17.17 47.34 5.95
C MET E 110 17.24 46.17 4.98
N TRP E 111 18.19 45.28 5.23
CA TRP E 111 18.28 44.07 4.45
C TRP E 111 17.21 43.08 4.90
N GLU E 112 17.11 41.97 4.20
CA GLU E 112 16.17 40.91 4.58
C GLU E 112 16.70 39.61 4.00
N ALA E 113 16.75 38.54 4.79
CA ALA E 113 17.17 37.27 4.23
C ALA E 113 15.96 36.45 3.78
N VAL E 114 15.69 36.43 2.48
CA VAL E 114 14.48 35.80 1.99
C VAL E 114 14.67 34.30 1.84
N THR E 115 15.68 33.86 1.11
CA THR E 115 15.78 32.47 0.68
C THR E 115 17.11 31.87 1.09
N VAL E 116 17.06 30.83 1.90
CA VAL E 116 18.25 30.07 2.27
C VAL E 116 18.42 28.96 1.26
N GLN E 117 19.63 28.41 1.19
CA GLN E 117 19.92 27.17 0.47
C GLN E 117 21.23 26.65 1.05
N THR E 118 21.22 25.41 1.54
CA THR E 118 22.41 24.80 2.13
C THR E 118 22.76 23.54 1.38
N GLU E 119 23.88 22.94 1.81
CA GLU E 119 24.42 21.68 1.31
C GLU E 119 25.61 21.30 2.20
N VAL E 120 25.81 20.01 2.39
CA VAL E 120 26.90 19.51 3.22
C VAL E 120 28.06 19.07 2.32
N ILE E 121 29.28 19.47 2.67
CA ILE E 121 30.46 19.19 1.83
C ILE E 121 31.34 18.21 2.59
N GLY E 122 32.02 17.33 1.85
CA GLY E 122 32.86 16.31 2.42
C GLY E 122 32.17 14.98 2.56
N ILE E 123 31.02 14.81 1.89
CA ILE E 123 30.11 13.71 2.19
C ILE E 123 30.59 12.38 1.65
N THR E 124 31.36 12.36 0.56
CA THR E 124 31.85 11.11 0.02
C THR E 124 33.10 10.63 0.73
N SER E 125 33.63 11.41 1.67
CA SER E 125 34.86 11.06 2.35
C SER E 125 34.69 9.89 3.30
N MET E 126 33.46 9.55 3.65
CA MET E 126 33.21 8.40 4.51
C MET E 126 33.34 7.08 3.76
N LEU E 127 33.46 7.12 2.44
CA LEU E 127 33.61 5.90 1.65
C LEU E 127 34.99 5.27 1.79
N ASN E 128 35.91 5.89 2.51
CA ASN E 128 37.21 5.31 2.80
C ASN E 128 37.04 4.09 3.68
N LEU E 129 37.63 2.97 3.26
CA LEU E 129 37.70 1.77 4.09
C LEU E 129 39.12 1.26 4.23
N HIS E 130 40.07 1.83 3.51
CA HIS E 130 41.47 1.45 3.60
C HIS E 130 42.22 2.25 4.65
N ALA E 131 41.50 3.02 5.47
CA ALA E 131 42.12 3.80 6.55
C ALA E 131 42.33 2.95 7.79
N GLY E 132 42.60 3.61 8.92
CA GLY E 132 42.86 2.91 10.16
C GLY E 132 41.63 2.58 10.98
N SER E 133 40.51 2.28 10.32
CA SER E 133 39.36 1.77 11.06
C SER E 133 39.58 0.30 11.41
N GLN E 134 38.76 -0.19 12.33
CA GLN E 134 38.90 -1.58 12.76
C GLN E 134 38.38 -2.50 11.68
N LYS E 135 39.01 -3.67 11.57
CA LYS E 135 38.58 -4.70 10.65
C LYS E 135 37.18 -5.18 11.03
N VAL E 136 36.29 -5.27 10.03
CA VAL E 136 34.88 -5.51 10.32
C VAL E 136 34.62 -6.97 10.70
N HIS E 137 35.31 -7.90 10.08
CA HIS E 137 35.18 -9.32 10.42
C HIS E 137 36.52 -9.98 10.18
N GLU E 138 36.50 -11.30 9.95
CA GLU E 138 37.69 -12.14 10.04
C GLU E 138 38.76 -11.74 9.03
N HIS E 139 38.38 -11.42 7.79
CA HIS E 139 39.38 -10.96 6.81
C HIS E 139 38.86 -9.82 5.95
N GLY E 140 37.77 -9.18 6.34
CA GLY E 140 37.10 -8.22 5.50
C GLY E 140 37.77 -6.86 5.48
N GLY E 141 37.01 -5.88 5.02
CA GLY E 141 37.51 -4.53 4.88
C GLY E 141 37.38 -3.71 6.15
N GLY E 142 36.73 -2.55 6.04
CA GLY E 142 36.70 -1.58 7.12
C GLY E 142 35.30 -1.24 7.58
N LYS E 143 35.22 -0.69 8.79
CA LYS E 143 33.95 -0.21 9.31
C LYS E 143 33.84 1.28 9.09
N PRO E 144 32.83 1.76 8.35
CA PRO E 144 32.66 3.20 8.18
C PRO E 144 32.09 3.84 9.44
N ILE E 145 31.81 5.14 9.30
CA ILE E 145 31.43 5.94 10.45
C ILE E 145 29.92 5.83 10.66
N GLN E 146 29.52 5.37 11.85
CA GLN E 146 28.10 5.32 12.17
C GLN E 146 27.90 5.58 13.66
N GLY E 147 26.70 5.98 14.00
CA GLY E 147 26.34 6.37 15.34
C GLY E 147 25.38 7.53 15.30
N SER E 148 25.25 8.22 16.43
CA SER E 148 24.36 9.37 16.51
C SER E 148 24.91 10.53 15.69
N ASN E 149 24.04 11.45 15.31
CA ASN E 149 24.38 12.54 14.42
C ASN E 149 23.37 13.68 14.55
N PHE E 150 23.77 14.84 14.05
CA PHE E 150 23.08 16.09 14.36
C PHE E 150 23.31 17.06 13.20
N HIS E 151 22.25 17.71 12.73
CA HIS E 151 22.36 18.62 11.60
C HIS E 151 21.48 19.83 11.83
N PHE E 152 22.08 21.02 11.71
CA PHE E 152 21.47 22.23 12.20
C PHE E 152 22.18 23.47 11.66
N PHE E 153 21.39 24.43 11.18
CA PHE E 153 21.93 25.72 10.81
C PHE E 153 20.97 26.80 11.29
N ALA E 154 21.30 28.06 10.99
CA ALA E 154 20.49 29.19 11.38
C ALA E 154 20.88 30.41 10.57
N VAL E 155 19.89 31.15 10.09
CA VAL E 155 20.09 32.37 9.32
C VAL E 155 19.27 33.47 9.97
N GLY E 156 19.96 34.46 10.54
CA GLY E 156 19.24 35.52 11.22
C GLY E 156 20.03 36.82 11.25
N GLY E 157 19.33 37.89 11.61
CA GLY E 157 19.88 39.23 11.72
C GLY E 157 20.37 39.61 13.09
N ASP E 158 20.24 38.73 14.06
CA ASP E 158 20.67 38.90 15.43
C ASP E 158 21.37 37.61 15.83
N PRO E 159 22.15 37.61 16.92
CA PRO E 159 22.83 36.37 17.32
C PRO E 159 21.84 35.30 17.75
N LEU E 160 22.28 34.05 17.61
CA LEU E 160 21.42 32.89 17.83
C LEU E 160 21.33 32.62 19.31
N GLU E 161 20.20 32.95 19.92
CA GLU E 161 20.07 32.87 21.37
C GLU E 161 19.93 31.43 21.79
N MET E 162 20.17 31.14 23.07
CA MET E 162 20.06 29.75 23.49
C MET E 162 19.58 29.56 24.93
N GLN E 163 19.73 28.34 25.42
CA GLN E 163 19.12 27.88 26.65
C GLN E 163 20.02 26.83 27.29
N GLY E 164 20.23 26.93 28.59
CA GLY E 164 21.17 26.04 29.24
C GLY E 164 20.51 24.83 29.87
N VAL E 165 20.54 23.69 29.19
CA VAL E 165 19.94 22.46 29.67
C VAL E 165 20.97 21.35 29.59
N LEU E 166 21.35 20.81 30.72
CA LEU E 166 22.36 19.76 30.72
C LEU E 166 22.02 18.72 31.77
N MET E 167 22.43 17.49 31.52
CA MET E 167 22.34 16.48 32.55
C MET E 167 23.68 16.36 33.27
N ASN E 168 23.64 15.79 34.48
CA ASN E 168 24.80 15.50 35.33
C ASN E 168 25.58 16.78 35.65
N TYR E 169 24.93 17.63 36.45
CA TYR E 169 25.41 18.95 36.82
C TYR E 169 26.74 18.95 37.58
N ARG E 170 27.18 17.80 38.10
CA ARG E 170 28.43 17.72 38.84
C ARG E 170 29.64 17.45 37.94
N THR E 171 29.52 17.68 36.64
CA THR E 171 30.70 17.65 35.78
C THR E 171 31.45 18.97 35.87
N LYS E 172 32.74 18.93 35.61
CA LYS E 172 33.58 20.11 35.58
C LYS E 172 34.04 20.33 34.14
N TYR E 173 33.99 21.51 33.73
CA TYR E 173 34.42 21.84 32.38
C TYR E 173 35.76 22.58 32.41
N PRO E 174 36.60 22.40 31.40
CA PRO E 174 37.87 23.13 31.36
C PRO E 174 37.65 24.61 31.07
N ASP E 175 38.72 25.38 31.28
CA ASP E 175 38.64 26.82 31.40
C ASP E 175 38.41 27.55 30.09
N GLY E 176 38.43 26.86 28.95
CA GLY E 176 38.13 27.53 27.69
C GLY E 176 36.64 27.66 27.44
N THR E 177 35.83 26.86 28.11
CA THR E 177 34.43 26.71 27.75
C THR E 177 33.61 27.89 28.28
N ILE E 178 32.34 27.89 27.91
CA ILE E 178 31.33 28.77 28.52
C ILE E 178 30.06 27.93 28.70
N THR E 179 29.86 27.45 29.89
CA THR E 179 28.89 26.54 30.47
C THR E 179 28.06 27.27 31.51
N PRO E 180 26.81 26.86 31.77
CA PRO E 180 25.94 27.72 32.59
C PRO E 180 26.31 27.69 34.06
N LYS E 181 26.39 28.89 34.63
CA LYS E 181 26.85 29.06 36.00
C LYS E 181 25.72 28.69 36.96
N ASN E 182 26.08 28.51 38.23
CA ASN E 182 25.23 28.04 39.32
C ASN E 182 24.52 26.73 38.99
N PRO E 183 25.22 25.60 38.98
CA PRO E 183 24.52 24.34 38.69
C PRO E 183 23.74 23.82 39.89
N THR E 184 22.50 23.43 39.64
CA THR E 184 21.62 22.83 40.63
C THR E 184 21.09 21.52 40.08
N ALA E 185 20.09 20.97 40.76
CA ALA E 185 19.36 19.85 40.22
C ALA E 185 18.41 20.27 39.11
N GLN E 186 17.84 21.47 39.20
CA GLN E 186 16.83 21.92 38.25
C GLN E 186 17.42 22.32 36.90
N SER E 187 18.75 22.32 36.74
CA SER E 187 19.34 22.55 35.43
C SER E 187 19.17 21.35 34.50
N GLN E 188 18.75 20.20 35.02
CA GLN E 188 18.51 19.00 34.23
C GLN E 188 17.15 18.99 33.57
N VAL E 189 16.44 20.12 33.58
CA VAL E 189 15.14 20.27 32.95
C VAL E 189 15.10 21.72 32.48
N MET E 190 14.02 22.14 31.80
CA MET E 190 13.86 23.52 31.37
C MET E 190 13.89 24.48 32.56
N ASN E 191 14.96 25.27 32.62
CA ASN E 191 15.26 26.12 33.77
C ASN E 191 15.60 27.50 33.26
N THR E 192 14.76 28.48 33.61
CA THR E 192 14.75 29.78 32.95
C THR E 192 16.00 30.60 33.27
N ASP E 193 16.75 30.21 34.28
CA ASP E 193 17.86 31.01 34.79
C ASP E 193 19.19 30.70 34.12
N HIS E 194 19.20 30.32 32.84
CA HIS E 194 20.46 29.97 32.18
C HIS E 194 20.53 30.55 30.77
N LYS E 195 19.94 31.72 30.57
CA LYS E 195 19.93 32.37 29.26
C LYS E 195 21.32 32.85 28.89
N ALA E 196 21.60 32.87 27.58
CA ALA E 196 22.90 33.31 27.08
C ALA E 196 22.79 33.67 25.61
N TYR E 197 23.80 34.37 25.12
CA TYR E 197 23.98 34.66 23.71
C TYR E 197 25.16 33.87 23.16
N LEU E 198 25.12 33.68 21.84
CA LEU E 198 26.13 32.91 21.12
C LEU E 198 26.94 33.89 20.28
N ASP E 199 28.12 34.27 20.77
CA ASP E 199 29.00 35.17 20.04
C ASP E 199 30.47 34.78 20.15
N LYS E 200 30.77 33.49 20.27
CA LYS E 200 32.17 33.08 20.29
C LYS E 200 32.31 31.68 19.73
N ASN E 201 33.09 31.56 18.65
CA ASN E 201 33.38 30.28 18.02
C ASN E 201 34.15 29.36 18.94
N ASN E 202 33.76 28.08 18.92
CA ASN E 202 34.43 26.97 19.59
C ASN E 202 34.57 27.21 21.10
N ALA E 203 33.52 27.75 21.71
CA ALA E 203 33.50 27.99 23.15
C ALA E 203 32.28 27.41 23.83
N TYR E 204 31.14 27.42 23.16
CA TYR E 204 29.86 26.94 23.66
C TYR E 204 29.67 25.48 23.30
N PRO E 205 29.85 24.55 24.23
CA PRO E 205 29.86 23.13 23.86
C PRO E 205 28.46 22.59 23.64
N VAL E 206 28.35 21.66 22.69
CA VAL E 206 27.05 21.27 22.17
C VAL E 206 26.26 20.38 23.11
N GLU E 207 26.89 19.74 24.09
CA GLU E 207 26.13 18.86 24.95
C GLU E 207 25.41 19.59 26.07
N CYS E 208 25.41 20.92 26.07
CA CYS E 208 24.84 21.69 27.16
C CYS E 208 23.99 22.86 26.72
N TRP E 209 23.72 23.03 25.43
CA TRP E 209 22.97 24.18 24.96
C TRP E 209 22.17 23.79 23.73
N VAL E 210 20.90 24.15 23.70
CA VAL E 210 20.03 24.02 22.52
C VAL E 210 19.53 25.45 22.27
N PRO E 211 18.91 25.77 21.14
CA PRO E 211 18.32 27.11 21.02
C PRO E 211 17.12 27.29 21.92
N ASP E 212 16.98 28.48 22.48
CA ASP E 212 15.88 28.79 23.37
C ASP E 212 14.71 29.47 22.67
N PRO E 213 13.60 28.75 22.50
CA PRO E 213 12.41 29.32 21.85
C PRO E 213 11.78 30.41 22.70
N SER E 214 12.29 31.64 22.57
CA SER E 214 11.77 32.76 23.36
C SER E 214 10.53 33.38 22.70
N ARG E 215 10.71 34.21 21.69
CA ARG E 215 9.55 34.82 21.05
C ARG E 215 9.84 35.41 19.68
N ASN E 216 10.08 36.72 19.65
CA ASN E 216 10.36 37.42 18.39
C ASN E 216 11.46 36.75 17.59
N GLU E 217 12.63 36.61 18.22
CA GLU E 217 13.84 35.97 17.64
C GLU E 217 14.58 36.64 16.45
N ASN E 218 13.84 37.14 15.46
CA ASN E 218 14.43 37.79 14.29
C ASN E 218 15.50 36.96 13.61
N THR E 219 15.20 35.68 13.41
CA THR E 219 16.11 34.72 12.79
C THR E 219 15.27 33.53 12.38
N ARG E 220 15.89 32.36 12.31
CA ARG E 220 15.15 31.16 11.97
C ARG E 220 16.16 30.07 12.18
N TYR E 221 15.74 28.96 12.75
CA TYR E 221 16.65 27.84 12.86
C TYR E 221 15.96 26.56 12.44
N PHE E 222 16.68 25.74 11.70
CA PHE E 222 16.19 24.48 11.12
C PHE E 222 17.13 23.39 11.59
N GLY E 223 16.63 22.46 12.40
CA GLY E 223 17.50 21.43 12.90
C GLY E 223 16.81 20.12 13.23
N THR E 224 17.58 19.03 13.22
CA THR E 224 17.03 17.72 13.56
C THR E 224 18.13 16.88 14.20
N PHE E 225 17.71 15.83 14.89
CA PHE E 225 18.62 14.99 15.66
C PHE E 225 18.18 13.55 15.54
N THR E 226 19.16 12.65 15.52
CA THR E 226 18.88 11.21 15.41
C THR E 226 19.73 10.50 16.46
N GLY E 227 19.12 10.20 17.59
CA GLY E 227 19.80 9.39 18.57
C GLY E 227 19.82 7.93 18.19
N GLY E 228 20.87 7.25 18.61
CA GLY E 228 20.95 5.83 18.38
C GLY E 228 22.36 5.31 18.51
N GLU E 229 22.46 4.02 18.82
CA GLU E 229 23.76 3.36 18.91
C GLU E 229 24.41 3.21 17.54
N ASN E 230 23.73 2.54 16.62
CA ASN E 230 24.31 2.17 15.34
C ASN E 230 23.35 2.48 14.20
N VAL E 231 22.78 3.67 14.23
CA VAL E 231 21.87 4.10 13.16
C VAL E 231 22.72 4.50 11.96
N PRO E 232 22.20 4.44 10.74
CA PRO E 232 22.99 4.83 9.58
C PRO E 232 22.88 6.31 9.32
N PRO E 233 23.97 6.99 9.02
CA PRO E 233 23.89 8.40 8.66
C PRO E 233 23.38 8.57 7.23
N VAL E 234 22.39 9.44 7.07
CA VAL E 234 21.76 9.70 5.78
C VAL E 234 22.11 11.13 5.39
N LEU E 235 22.61 11.31 4.17
CA LEU E 235 23.04 12.62 3.73
C LEU E 235 22.50 12.88 2.33
N HIS E 236 22.10 14.12 2.06
CA HIS E 236 21.59 14.47 0.74
C HIS E 236 22.44 15.55 0.10
N VAL E 237 22.47 15.52 -1.23
CA VAL E 237 23.21 16.49 -2.04
C VAL E 237 22.43 16.78 -3.32
N THR E 238 21.92 18.01 -3.45
CA THR E 238 21.06 18.41 -4.56
C THR E 238 20.98 19.92 -4.58
N ASN E 239 21.28 20.54 -5.72
CA ASN E 239 21.15 21.98 -5.83
C ASN E 239 19.88 22.40 -6.57
N THR E 240 18.80 21.65 -6.43
CA THR E 240 17.50 22.15 -6.88
C THR E 240 16.54 22.44 -5.75
N ALA E 241 16.45 21.55 -4.76
CA ALA E 241 15.52 21.71 -3.66
C ALA E 241 16.00 22.81 -2.72
N THR E 242 15.18 23.82 -2.54
CA THR E 242 15.51 24.98 -1.72
C THR E 242 14.56 25.05 -0.53
N THR E 243 14.69 26.12 0.26
CA THR E 243 13.90 26.29 1.47
C THR E 243 13.57 27.76 1.60
N VAL E 244 12.35 28.08 2.00
CA VAL E 244 11.91 29.47 2.11
C VAL E 244 11.93 29.87 3.57
N LEU E 245 12.35 31.10 3.86
CA LEU E 245 12.55 31.58 5.23
C LEU E 245 11.51 32.59 5.69
N LEU E 246 10.29 32.53 5.19
CA LEU E 246 9.31 33.50 5.64
C LEU E 246 8.38 32.90 6.70
N ASP E 247 7.46 33.72 7.18
CA ASP E 247 6.54 33.39 8.27
C ASP E 247 5.15 33.90 7.95
N GLU E 248 4.32 34.00 9.00
CA GLU E 248 2.91 34.41 8.95
C GLU E 248 2.63 35.62 8.08
N GLN E 249 3.44 36.67 8.18
CA GLN E 249 3.26 37.83 7.32
C GLN E 249 4.27 37.89 6.19
N GLY E 250 5.19 36.94 6.12
CA GLY E 250 6.12 36.88 5.03
C GLY E 250 7.30 37.82 5.14
N VAL E 251 7.72 38.17 6.35
CA VAL E 251 8.92 38.95 6.54
C VAL E 251 10.03 38.03 7.01
N GLY E 252 11.24 38.29 6.55
CA GLY E 252 12.34 37.42 6.83
C GLY E 252 13.04 37.79 8.11
N PRO E 253 14.23 37.27 8.32
CA PRO E 253 15.09 37.83 9.37
C PRO E 253 15.58 39.20 8.95
N LEU E 254 15.04 40.26 9.55
CA LEU E 254 15.55 41.59 9.26
C LEU E 254 16.90 41.76 9.94
N CYS E 255 17.76 42.53 9.31
CA CYS E 255 19.04 42.91 9.90
C CYS E 255 18.85 44.27 10.55
N LYS E 256 18.48 44.28 11.84
CA LYS E 256 18.37 45.55 12.55
C LYS E 256 19.76 46.15 12.76
N ALA E 257 20.64 45.41 13.42
CA ALA E 257 22.05 45.69 13.31
C ALA E 257 22.50 45.36 11.89
N ASP E 258 23.21 46.29 11.25
CA ASP E 258 23.63 46.09 9.87
C ASP E 258 24.77 45.08 9.85
N SER E 259 24.39 43.81 9.91
CA SER E 259 25.25 42.66 9.82
C SER E 259 24.34 41.46 9.58
N LEU E 260 24.90 40.35 9.16
CA LEU E 260 24.12 39.12 9.00
C LEU E 260 24.80 38.03 9.80
N TYR E 261 24.01 37.35 10.63
CA TYR E 261 24.54 36.37 11.57
C TYR E 261 24.20 34.96 11.10
N VAL E 262 25.24 34.20 10.78
CA VAL E 262 25.11 32.82 10.33
C VAL E 262 25.76 31.95 11.37
N SER E 263 25.04 30.93 11.83
CA SER E 263 25.63 29.96 12.74
C SER E 263 25.07 28.59 12.44
N ALA E 264 25.93 27.60 12.55
CA ALA E 264 25.59 26.23 12.19
C ALA E 264 26.57 25.30 12.87
N ALA E 265 26.13 24.08 13.13
CA ALA E 265 27.00 23.09 13.75
C ALA E 265 26.66 21.74 13.14
N ASP E 266 27.67 20.96 12.80
CA ASP E 266 27.48 19.72 12.07
C ASP E 266 28.23 18.59 12.76
N ILE E 267 27.52 17.50 13.02
CA ILE E 267 28.08 16.27 13.58
C ILE E 267 27.51 15.12 12.77
N CYS E 268 28.38 14.29 12.21
CA CYS E 268 27.90 13.21 11.36
C CYS E 268 28.47 11.85 11.73
N GLY E 269 28.76 11.60 12.99
CA GLY E 269 28.97 10.24 13.43
C GLY E 269 30.17 10.10 14.35
N LEU E 270 30.48 8.85 14.64
CA LEU E 270 31.59 8.47 15.51
C LEU E 270 32.43 7.43 14.78
N PHE E 271 33.61 7.84 14.32
CA PHE E 271 34.55 6.94 13.67
C PHE E 271 35.11 5.98 14.70
N THR E 272 35.38 4.75 14.29
CA THR E 272 36.03 3.77 15.17
C THR E 272 37.43 3.48 14.66
N ASN E 273 38.42 3.62 15.54
CA ASN E 273 39.81 3.29 15.24
C ASN E 273 40.03 1.78 15.32
N SER E 274 41.28 1.37 15.11
CA SER E 274 41.62 -0.02 15.28
C SER E 274 41.72 -0.40 16.75
N SER E 275 42.01 0.56 17.62
CA SER E 275 42.12 0.31 19.05
C SER E 275 40.77 0.25 19.75
N GLY E 276 39.66 0.41 19.03
CA GLY E 276 38.36 0.46 19.63
C GLY E 276 37.96 1.82 20.16
N THR E 277 38.74 2.87 19.85
CA THR E 277 38.57 4.18 20.45
C THR E 277 37.69 5.03 19.56
N GLN E 278 36.50 5.36 20.04
CA GLN E 278 35.60 6.23 19.29
C GLN E 278 36.10 7.66 19.27
N GLN E 279 35.68 8.41 18.26
CA GLN E 279 36.02 9.81 18.11
C GLN E 279 35.01 10.48 17.18
N TRP E 280 34.64 11.71 17.52
CA TRP E 280 33.65 12.49 16.81
C TRP E 280 34.17 12.92 15.44
N ARG E 281 33.26 13.23 14.52
CA ARG E 281 33.61 13.90 13.27
C ARG E 281 32.46 14.78 12.78
N GLY E 282 32.76 16.05 12.54
CA GLY E 282 31.88 16.94 11.83
C GLY E 282 32.46 17.32 10.48
N LEU E 283 31.60 17.93 9.66
CA LEU E 283 31.96 18.38 8.32
C LEU E 283 31.52 19.82 8.14
N ALA E 284 31.81 20.40 6.98
CA ALA E 284 31.54 21.81 6.77
C ALA E 284 30.07 22.04 6.44
N ARG E 285 29.76 23.29 6.06
CA ARG E 285 28.39 23.64 5.68
C ARG E 285 28.42 24.80 4.71
N TYR E 286 27.79 24.60 3.56
CA TYR E 286 27.61 25.65 2.57
C TYR E 286 26.43 26.53 2.96
N PHE E 287 26.41 27.75 2.43
CA PHE E 287 25.24 28.61 2.52
C PHE E 287 25.08 29.38 1.23
N LYS E 288 23.85 29.82 0.96
CA LYS E 288 23.60 30.69 -0.19
C LYS E 288 22.32 31.48 0.11
N ILE E 289 22.48 32.70 0.60
CA ILE E 289 21.36 33.49 1.07
C ILE E 289 21.10 34.63 0.12
N ARG E 290 19.90 34.66 -0.44
CA ARG E 290 19.48 35.74 -1.30
C ARG E 290 18.98 36.84 -0.37
N LEU E 291 19.08 38.09 -0.79
CA LEU E 291 18.64 39.21 0.03
C LEU E 291 17.66 40.06 -0.79
N ARG E 292 17.13 41.11 -0.16
CA ARG E 292 16.40 42.18 -0.85
C ARG E 292 16.32 43.41 0.04
N LYS E 293 15.49 44.38 -0.32
CA LYS E 293 15.37 45.64 0.42
C LYS E 293 13.91 45.90 0.79
N ARG E 294 13.63 45.93 2.09
CA ARG E 294 12.28 46.21 2.60
C ARG E 294 12.21 47.61 3.16
N SER E 295 11.00 48.03 3.53
CA SER E 295 10.78 49.28 4.23
C SER E 295 10.45 48.98 5.68
N VAL E 296 10.99 49.78 6.60
CA VAL E 296 10.61 49.72 8.00
C VAL E 296 10.14 51.10 8.41
N LYS E 297 9.82 51.24 9.70
CA LYS E 297 9.53 52.53 10.29
C LYS E 297 10.16 52.57 11.68
N ASN E 298 10.63 53.73 12.07
CA ASN E 298 11.38 53.89 13.31
C ASN E 298 10.46 53.71 14.51
N PRO E 299 10.69 52.72 15.37
CA PRO E 299 9.75 52.47 16.47
C PRO E 299 10.03 53.30 17.70
N TYR E 300 11.24 53.75 17.87
CA TYR E 300 11.58 54.46 19.10
C TYR E 300 11.19 55.93 18.97
N PRO E 301 10.96 56.63 20.07
CA PRO E 301 10.80 58.08 19.99
C PRO E 301 12.16 58.76 19.95
N ILE E 302 12.18 59.96 19.35
CA ILE E 302 13.43 60.66 19.09
C ILE E 302 14.16 61.09 20.35
N SER E 303 13.45 61.30 21.45
CA SER E 303 14.11 61.66 22.69
C SER E 303 14.81 60.48 23.31
N PHE E 304 14.19 59.31 23.30
CA PHE E 304 14.74 58.14 23.98
C PHE E 304 16.00 57.61 23.33
N LEU E 305 16.14 57.82 22.02
CA LEU E 305 17.39 57.50 21.35
C LEU E 305 18.54 58.31 21.90
N LEU E 306 18.41 59.63 21.86
CA LEU E 306 19.53 60.50 22.20
C LEU E 306 19.78 60.52 23.70
N SER E 307 18.77 60.22 24.49
CA SER E 307 18.92 60.24 25.94
C SER E 307 19.53 58.96 26.48
N ASP E 308 19.66 57.91 25.67
CA ASP E 308 20.26 56.67 26.14
C ASP E 308 21.62 56.40 25.54
N LEU E 309 21.86 56.83 24.30
CA LEU E 309 23.15 56.65 23.66
C LEU E 309 24.27 57.35 24.43
N ILE E 310 23.97 58.52 24.98
CA ILE E 310 24.98 59.28 25.73
C ILE E 310 25.24 58.62 27.07
N ASN E 311 24.23 57.98 27.65
CA ASN E 311 24.45 57.24 28.88
C ASN E 311 25.31 56.00 28.65
N ARG E 312 25.23 55.40 27.46
CA ARG E 312 25.97 54.16 27.23
C ARG E 312 27.44 54.44 26.92
N ARG E 313 27.76 55.62 26.38
CA ARG E 313 29.16 55.98 26.21
C ARG E 313 29.79 56.39 27.53
N THR E 314 29.05 57.14 28.34
CA THR E 314 29.59 57.65 29.59
C THR E 314 29.62 56.54 30.63
N GLN E 315 30.74 56.43 31.35
CA GLN E 315 30.77 55.52 32.49
C GLN E 315 29.96 56.11 33.65
N ARG E 316 29.26 55.24 34.36
CA ARG E 316 28.30 55.67 35.37
C ARG E 316 28.99 55.83 36.72
N VAL E 317 28.92 57.05 37.26
CA VAL E 317 29.72 57.42 38.42
C VAL E 317 29.00 56.97 39.69
N ASP E 318 29.70 56.18 40.51
CA ASP E 318 29.17 55.67 41.77
C ASP E 318 29.17 56.85 42.75
N GLY E 319 28.10 57.63 42.69
CA GLY E 319 27.94 58.78 43.55
C GLY E 319 27.41 58.41 44.91
N GLN E 320 27.14 59.43 45.69
CA GLN E 320 26.48 59.21 46.96
C GLN E 320 24.97 59.19 46.76
N PRO E 321 24.26 58.26 47.41
CA PRO E 321 22.95 57.82 46.91
C PRO E 321 21.81 58.83 47.00
N MET E 322 21.29 59.22 45.84
CA MET E 322 20.10 60.05 45.75
C MET E 322 18.85 59.25 45.46
N TYR E 323 18.76 58.02 45.97
CA TYR E 323 17.55 57.23 45.84
C TYR E 323 17.41 56.41 47.12
N GLY E 324 16.30 55.68 47.21
CA GLY E 324 16.15 54.73 48.30
C GLY E 324 15.85 55.36 49.64
N MET E 325 16.14 54.64 50.72
CA MET E 325 15.80 55.12 52.05
C MET E 325 16.96 55.88 52.67
N GLU E 326 18.16 55.72 52.13
CA GLU E 326 19.31 56.50 52.59
C GLU E 326 19.54 57.74 51.73
N SER E 327 18.49 58.23 51.07
CA SER E 327 18.59 59.41 50.22
C SER E 327 18.86 60.67 51.03
N GLN E 328 19.36 61.69 50.33
CA GLN E 328 19.79 62.92 50.97
C GLN E 328 19.10 64.16 50.41
N VAL E 329 18.02 63.99 49.66
CA VAL E 329 17.25 65.14 49.19
C VAL E 329 16.45 65.69 50.36
N GLU E 330 16.57 66.99 50.60
CA GLU E 330 15.81 67.56 51.72
C GLU E 330 14.35 67.77 51.38
N GLU E 331 14.04 68.62 50.39
CA GLU E 331 12.67 68.84 49.97
C GLU E 331 12.68 69.40 48.55
N VAL E 332 11.76 68.92 47.73
CA VAL E 332 11.62 69.35 46.35
C VAL E 332 10.34 70.16 46.22
N ARG E 333 10.43 71.33 45.60
CA ARG E 333 9.25 72.16 45.39
C ARG E 333 9.06 72.32 43.90
N VAL E 334 7.81 72.34 43.43
CA VAL E 334 7.55 72.48 42.00
C VAL E 334 6.44 73.47 41.67
N PHE E 335 6.79 74.74 41.52
CA PHE E 335 5.80 75.76 41.18
C PHE E 335 5.86 76.06 39.69
N ASP E 336 4.73 76.49 39.13
CA ASP E 336 4.69 76.79 37.69
C ASP E 336 3.55 77.72 37.28
N GLY E 337 2.53 77.86 38.12
CA GLY E 337 1.39 78.70 37.78
C GLY E 337 1.32 80.06 38.43
N THR E 338 0.56 80.95 37.81
CA THR E 338 0.36 82.31 38.32
C THR E 338 -0.82 82.28 39.28
N GLU E 339 -0.52 82.31 40.56
CA GLU E 339 -1.46 82.12 41.64
C GLU E 339 -1.25 83.20 42.70
N ARG E 340 -2.35 83.75 43.23
CA ARG E 340 -2.18 84.94 44.05
C ARG E 340 -1.72 84.56 45.46
N LEU E 341 -1.34 85.61 46.20
CA LEU E 341 -0.80 85.49 47.56
C LEU E 341 -1.33 84.33 48.39
N PRO E 342 -0.44 83.75 49.20
CA PRO E 342 -0.68 82.65 50.13
C PRO E 342 -0.76 83.17 51.55
N GLY E 343 -1.45 82.44 52.42
CA GLY E 343 -1.58 82.86 53.81
C GLY E 343 -0.29 82.74 54.59
N ASP E 344 0.55 81.79 54.19
CA ASP E 344 1.82 81.56 54.84
C ASP E 344 2.74 80.80 53.90
N PRO E 345 4.04 81.12 53.91
CA PRO E 345 5.01 80.47 53.03
C PRO E 345 5.57 79.17 53.60
N ASP E 346 4.69 78.20 53.91
CA ASP E 346 5.14 76.92 54.44
C ASP E 346 4.13 75.80 54.27
N MET E 347 2.88 76.16 53.99
CA MET E 347 1.83 75.17 53.81
C MET E 347 2.17 74.17 52.70
N ILE E 348 1.85 72.90 52.94
CA ILE E 348 2.14 71.84 51.97
C ILE E 348 0.91 71.48 51.14
N ARG E 349 1.15 71.06 49.90
CA ARG E 349 0.08 70.67 48.99
C ARG E 349 0.39 69.35 48.31
N TYR E 350 -0.60 68.80 47.59
CA TYR E 350 -0.41 67.55 46.87
C TYR E 350 -1.66 67.30 46.02
N ILE E 351 -1.70 66.12 45.41
CA ILE E 351 -2.86 65.67 44.64
C ILE E 351 -3.22 64.27 45.12
N ASP E 352 -4.50 64.03 45.42
CA ASP E 352 -4.92 62.69 45.80
C ASP E 352 -5.08 61.78 44.58
N LYS E 353 -6.02 62.09 43.70
CA LYS E 353 -6.09 61.46 42.39
C LYS E 353 -6.30 62.47 41.27
N GLN E 354 -7.03 63.56 41.53
CA GLN E 354 -7.38 64.50 40.48
C GLN E 354 -7.34 65.97 40.86
N GLY E 355 -7.45 66.34 42.14
CA GLY E 355 -7.54 67.72 42.53
C GLY E 355 -6.48 68.10 43.55
N GLN E 356 -6.41 69.40 43.86
CA GLN E 356 -5.40 69.92 44.76
C GLN E 356 -5.97 70.02 46.17
N LEU E 357 -5.40 69.27 47.09
CA LEU E 357 -5.82 69.33 48.49
C LEU E 357 -4.81 70.14 49.28
N GLN E 358 -5.22 71.34 49.67
CA GLN E 358 -4.36 72.29 50.37
C GLN E 358 -4.25 71.86 51.83
N THR E 359 -3.22 71.09 52.15
CA THR E 359 -3.10 70.47 53.46
C THR E 359 -2.09 71.22 54.31
N LYS E 360 -2.53 71.65 55.48
CA LYS E 360 -1.65 72.34 56.39
C LYS E 360 -0.82 71.34 57.18
N MET E 361 0.47 71.65 57.35
CA MET E 361 1.35 70.87 58.20
C MET E 361 0.92 71.02 59.65
N LYS F 16 -62.11 -20.24 -85.95
CA LYS F 16 -61.29 -19.23 -85.32
C LYS F 16 -59.87 -19.73 -85.10
N LYS F 17 -58.99 -18.79 -84.76
CA LYS F 17 -57.56 -18.95 -84.59
C LYS F 17 -57.22 -19.49 -83.20
N PRO F 18 -56.09 -20.15 -83.05
CA PRO F 18 -55.61 -20.53 -81.71
C PRO F 18 -55.00 -19.33 -81.01
N LYS F 19 -54.48 -19.58 -79.81
CA LYS F 19 -54.03 -18.51 -78.94
C LYS F 19 -52.50 -18.40 -78.96
N GLU F 20 -52.02 -17.27 -78.49
CA GLU F 20 -50.58 -16.98 -78.50
C GLU F 20 -49.88 -17.82 -77.42
N PRO F 21 -48.72 -18.39 -77.72
CA PRO F 21 -48.09 -19.33 -76.79
C PRO F 21 -47.57 -18.67 -75.52
N VAL F 22 -47.11 -19.51 -74.60
CA VAL F 22 -46.87 -19.11 -73.21
C VAL F 22 -45.37 -19.05 -72.96
N GLN F 23 -44.94 -18.11 -72.11
CA GLN F 23 -43.54 -17.87 -71.79
C GLN F 23 -42.95 -19.05 -71.01
N VAL F 24 -41.64 -19.25 -71.14
CA VAL F 24 -40.87 -20.28 -70.43
C VAL F 24 -39.52 -19.70 -70.04
N PRO F 25 -38.75 -20.33 -69.14
CA PRO F 25 -37.37 -19.89 -68.93
C PRO F 25 -36.48 -20.24 -70.11
N LYS F 26 -35.78 -19.24 -70.61
CA LYS F 26 -34.92 -19.36 -71.79
C LYS F 26 -33.65 -20.12 -71.45
N LEU F 27 -33.39 -21.21 -72.18
CA LEU F 27 -32.15 -21.94 -72.00
C LEU F 27 -30.98 -21.12 -72.56
N LEU F 28 -29.78 -21.35 -72.04
CA LEU F 28 -28.59 -20.66 -72.54
C LEU F 28 -27.46 -21.62 -72.89
N ILE F 29 -27.29 -22.71 -72.14
CA ILE F 29 -26.21 -23.67 -72.39
C ILE F 29 -26.52 -24.97 -71.66
N LYS F 30 -26.17 -26.09 -72.28
CA LYS F 30 -26.22 -27.40 -71.65
C LYS F 30 -24.90 -28.13 -71.87
N GLY F 31 -24.18 -28.42 -70.80
CA GLY F 31 -22.93 -29.11 -70.97
C GLY F 31 -22.42 -29.83 -69.74
N GLY F 32 -21.11 -29.99 -69.62
CA GLY F 32 -20.55 -30.72 -68.50
C GLY F 32 -20.27 -29.84 -67.29
N VAL F 33 -19.22 -30.18 -66.52
CA VAL F 33 -18.90 -29.40 -65.34
C VAL F 33 -18.27 -28.07 -65.71
N GLU F 34 -17.82 -27.93 -66.96
CA GLU F 34 -17.07 -26.81 -67.48
C GLU F 34 -17.96 -25.67 -67.96
N VAL F 35 -19.14 -25.55 -67.37
CA VAL F 35 -20.14 -24.60 -67.84
C VAL F 35 -20.37 -23.45 -66.86
N LEU F 36 -20.17 -23.68 -65.56
CA LEU F 36 -20.61 -22.74 -64.52
C LEU F 36 -19.89 -21.40 -64.56
N GLU F 37 -18.83 -21.27 -65.35
CA GLU F 37 -18.17 -19.99 -65.53
C GLU F 37 -18.69 -19.23 -66.75
N VAL F 38 -19.95 -19.43 -67.13
CA VAL F 38 -20.58 -18.53 -68.09
C VAL F 38 -21.10 -17.31 -67.36
N LYS F 39 -20.64 -16.14 -67.79
CA LYS F 39 -21.02 -14.90 -67.13
C LYS F 39 -22.43 -14.50 -67.55
N THR F 40 -23.38 -14.62 -66.62
CA THR F 40 -24.78 -14.33 -66.85
C THR F 40 -25.14 -13.01 -66.18
N GLY F 41 -26.44 -12.68 -66.20
CA GLY F 41 -26.95 -11.52 -65.52
C GLY F 41 -27.09 -11.74 -64.01
N VAL F 42 -27.92 -10.90 -63.40
CA VAL F 42 -28.10 -10.94 -61.95
C VAL F 42 -29.19 -11.93 -61.58
N ASP F 43 -30.21 -12.06 -62.43
CA ASP F 43 -31.46 -12.73 -62.07
C ASP F 43 -31.49 -14.19 -62.49
N ALA F 44 -30.41 -14.73 -63.02
CA ALA F 44 -30.48 -16.05 -63.64
C ALA F 44 -29.98 -17.13 -62.71
N ILE F 45 -30.47 -18.34 -62.95
CA ILE F 45 -30.30 -19.47 -62.05
C ILE F 45 -29.47 -20.52 -62.76
N THR F 46 -29.18 -21.62 -62.07
CA THR F 46 -28.60 -22.82 -62.67
C THR F 46 -29.44 -24.01 -62.28
N GLU F 47 -29.08 -25.19 -62.79
CA GLU F 47 -29.75 -26.46 -62.45
C GLU F 47 -28.73 -27.58 -62.51
N VAL F 48 -28.14 -27.94 -61.38
CA VAL F 48 -26.95 -28.80 -61.37
C VAL F 48 -27.33 -30.20 -60.93
N GLU F 49 -26.96 -31.20 -61.72
CA GLU F 49 -27.24 -32.60 -61.42
C GLU F 49 -25.95 -33.30 -61.04
N CYS F 50 -26.01 -34.19 -60.05
CA CYS F 50 -24.84 -34.95 -59.63
C CYS F 50 -25.30 -36.22 -58.92
N PHE F 51 -24.38 -37.16 -58.75
CA PHE F 51 -24.66 -38.34 -57.94
C PHE F 51 -23.41 -38.78 -57.22
N LEU F 52 -23.59 -39.63 -56.23
CA LEU F 52 -22.53 -40.03 -55.30
C LEU F 52 -22.52 -41.54 -55.22
N ASN F 53 -21.33 -42.12 -55.23
CA ASN F 53 -21.30 -43.56 -55.00
C ASN F 53 -21.59 -43.87 -53.55
N PRO F 54 -22.15 -45.03 -53.26
CA PRO F 54 -22.12 -45.54 -51.89
C PRO F 54 -20.78 -46.20 -51.62
N GLU F 55 -20.45 -46.37 -50.35
CA GLU F 55 -19.26 -47.13 -49.97
C GLU F 55 -19.60 -48.09 -48.85
N MET F 56 -19.86 -49.33 -49.23
CA MET F 56 -20.11 -50.39 -48.27
C MET F 56 -18.84 -51.08 -47.83
N GLY F 57 -17.69 -50.71 -48.37
CA GLY F 57 -16.43 -51.27 -47.92
C GLY F 57 -15.47 -51.67 -49.02
N ASP F 58 -16.00 -52.10 -50.17
CA ASP F 58 -15.27 -52.61 -51.34
C ASP F 58 -14.30 -53.73 -50.96
N PRO F 59 -14.79 -54.94 -50.67
CA PRO F 59 -13.87 -55.99 -50.20
C PRO F 59 -12.99 -56.56 -51.29
N ASP F 60 -13.36 -56.43 -52.56
CA ASP F 60 -12.62 -56.99 -53.69
C ASP F 60 -12.75 -56.09 -54.91
N GLU F 61 -11.91 -56.36 -55.89
CA GLU F 61 -11.96 -55.64 -57.15
C GLU F 61 -12.77 -56.36 -58.23
N ASN F 62 -13.49 -57.42 -57.87
CA ASN F 62 -14.50 -58.00 -58.74
C ASN F 62 -15.90 -57.85 -58.14
N LEU F 63 -16.01 -57.28 -56.94
CA LEU F 63 -17.29 -57.25 -56.22
C LEU F 63 -17.48 -55.87 -55.62
N ARG F 64 -17.23 -54.83 -56.43
CA ARG F 64 -17.19 -53.46 -55.95
C ARG F 64 -18.60 -52.97 -55.66
N GLY F 65 -18.91 -52.78 -54.37
CA GLY F 65 -20.18 -52.20 -54.01
C GLY F 65 -20.81 -52.85 -52.78
N PHE F 66 -20.23 -53.95 -52.33
CA PHE F 66 -20.76 -54.69 -51.19
C PHE F 66 -19.87 -54.48 -49.98
N SER F 67 -20.16 -55.21 -48.91
CA SER F 67 -19.37 -55.22 -47.70
C SER F 67 -18.72 -56.59 -47.52
N LEU F 68 -17.79 -56.65 -46.56
CA LEU F 68 -17.28 -57.94 -46.17
C LEU F 68 -18.28 -58.59 -45.22
N LYS F 69 -18.27 -59.92 -45.18
CA LYS F 69 -19.23 -60.66 -44.36
C LYS F 69 -18.98 -60.46 -42.87
N LEU F 70 -19.98 -60.81 -42.07
CA LEU F 70 -19.98 -60.47 -40.65
C LEU F 70 -19.80 -61.72 -39.80
N SER F 71 -19.14 -61.56 -38.66
CA SER F 71 -18.90 -62.69 -37.76
C SER F 71 -20.18 -63.08 -37.05
N ALA F 72 -20.07 -63.38 -35.76
CA ALA F 72 -21.22 -63.77 -34.95
C ALA F 72 -21.49 -62.74 -33.86
N GLU F 73 -21.88 -63.21 -32.68
CA GLU F 73 -22.16 -62.33 -31.55
C GLU F 73 -20.87 -61.98 -30.81
N ASN F 74 -19.93 -62.92 -30.82
CA ASN F 74 -18.63 -62.76 -30.17
C ASN F 74 -18.70 -62.33 -28.70
N ASP F 75 -17.76 -61.49 -28.31
CA ASP F 75 -17.68 -60.99 -26.93
C ASP F 75 -17.74 -59.48 -26.94
N PHE F 76 -18.29 -58.91 -25.87
CA PHE F 76 -18.44 -57.47 -25.77
C PHE F 76 -17.14 -56.79 -25.34
N SER F 77 -16.26 -57.53 -24.67
CA SER F 77 -14.91 -57.04 -24.42
C SER F 77 -13.88 -57.66 -25.35
N SER F 78 -14.31 -58.26 -26.46
CA SER F 78 -13.41 -58.85 -27.44
C SER F 78 -13.87 -58.54 -28.85
N ASP F 79 -14.30 -57.31 -29.09
CA ASP F 79 -14.81 -56.90 -30.40
C ASP F 79 -13.71 -56.20 -31.16
N SER F 80 -13.33 -56.77 -32.30
CA SER F 80 -12.25 -56.23 -33.13
C SER F 80 -12.65 -56.36 -34.59
N PRO F 81 -13.34 -55.37 -35.13
CA PRO F 81 -13.69 -55.41 -36.56
C PRO F 81 -12.50 -55.05 -37.42
N GLU F 82 -12.68 -55.29 -38.71
CA GLU F 82 -11.79 -54.77 -39.74
C GLU F 82 -12.39 -53.50 -40.32
N ARG F 83 -11.65 -52.88 -41.23
CA ARG F 83 -12.13 -51.67 -41.89
C ARG F 83 -13.25 -51.99 -42.86
N LYS F 84 -13.33 -53.23 -43.31
CA LYS F 84 -14.17 -53.58 -44.45
C LYS F 84 -15.64 -53.69 -44.09
N MET F 85 -15.96 -54.21 -42.90
CA MET F 85 -17.33 -54.46 -42.51
C MET F 85 -17.99 -53.27 -41.81
N LEU F 86 -17.49 -52.06 -42.04
CA LEU F 86 -18.08 -50.87 -41.45
C LEU F 86 -18.48 -49.90 -42.56
N PRO F 87 -19.76 -49.76 -42.86
CA PRO F 87 -20.18 -48.86 -43.93
C PRO F 87 -19.97 -47.41 -43.52
N CYS F 88 -19.53 -46.60 -44.47
CA CYS F 88 -19.11 -45.24 -44.19
C CYS F 88 -19.96 -44.24 -44.97
N TYR F 89 -19.93 -42.99 -44.50
CA TYR F 89 -20.58 -41.90 -45.20
C TYR F 89 -19.87 -41.61 -46.50
N SER F 90 -20.54 -40.86 -47.37
CA SER F 90 -19.97 -40.43 -48.62
C SER F 90 -20.12 -38.92 -48.74
N THR F 91 -19.14 -38.28 -49.37
CA THR F 91 -19.17 -36.84 -49.53
C THR F 91 -18.38 -36.43 -50.75
N ALA F 92 -18.62 -35.19 -51.18
CA ALA F 92 -17.95 -34.60 -52.34
C ALA F 92 -18.15 -33.10 -52.25
N ARG F 93 -17.14 -32.35 -52.69
CA ARG F 93 -17.19 -30.90 -52.66
C ARG F 93 -17.32 -30.36 -54.07
N ILE F 94 -18.53 -29.97 -54.45
CA ILE F 94 -18.79 -29.46 -55.79
C ILE F 94 -18.42 -27.98 -55.81
N PRO F 95 -17.45 -27.57 -56.62
CA PRO F 95 -16.98 -26.19 -56.56
C PRO F 95 -17.92 -25.24 -57.31
N LEU F 96 -18.00 -24.04 -56.84
CA LEU F 96 -18.74 -22.94 -57.41
C LEU F 96 -17.80 -21.81 -57.79
N PRO F 97 -18.06 -21.14 -58.89
CA PRO F 97 -17.19 -20.03 -59.27
C PRO F 97 -17.64 -18.72 -58.65
N ASN F 98 -16.72 -17.76 -58.62
CA ASN F 98 -16.96 -16.42 -58.12
C ASN F 98 -18.06 -15.72 -58.90
N LEU F 99 -18.71 -14.75 -58.26
CA LEU F 99 -19.77 -13.99 -58.90
C LEU F 99 -19.51 -12.50 -58.86
N ASN F 100 -18.36 -12.08 -58.34
CA ASN F 100 -17.99 -10.67 -58.32
C ASN F 100 -16.82 -10.50 -59.28
N GLU F 101 -17.16 -10.15 -60.50
CA GLU F 101 -16.22 -9.92 -61.58
C GLU F 101 -16.64 -8.63 -62.25
N ASP F 102 -17.87 -8.20 -61.95
CA ASP F 102 -18.53 -7.15 -62.70
C ASP F 102 -19.20 -6.09 -61.84
N LEU F 103 -19.50 -6.38 -60.58
CA LEU F 103 -20.44 -5.59 -59.80
C LEU F 103 -19.69 -4.49 -59.04
N THR F 104 -20.43 -3.48 -58.59
CA THR F 104 -19.82 -2.33 -57.93
C THR F 104 -19.75 -2.58 -56.43
N CYS F 105 -19.44 -1.54 -55.66
CA CYS F 105 -19.27 -1.63 -54.22
C CYS F 105 -20.60 -1.53 -53.51
N GLY F 106 -20.65 -2.06 -52.30
CA GLY F 106 -21.86 -2.04 -51.50
C GLY F 106 -22.84 -3.11 -51.88
N ASN F 107 -22.37 -4.20 -52.48
CA ASN F 107 -23.23 -5.27 -52.95
C ASN F 107 -22.42 -6.55 -53.01
N LEU F 108 -22.58 -7.42 -52.03
CA LEU F 108 -21.95 -8.73 -52.05
C LEU F 108 -23.03 -9.73 -52.38
N LEU F 109 -22.67 -10.83 -53.03
CA LEU F 109 -23.68 -11.64 -53.70
C LEU F 109 -23.21 -13.08 -53.79
N MET F 110 -23.85 -13.97 -53.05
CA MET F 110 -23.41 -15.36 -52.96
C MET F 110 -24.49 -16.28 -53.53
N TRP F 111 -24.14 -17.56 -53.63
CA TRP F 111 -25.08 -18.56 -54.12
C TRP F 111 -26.09 -18.93 -53.04
N GLU F 112 -27.09 -19.71 -53.43
CA GLU F 112 -28.13 -20.17 -52.51
C GLU F 112 -28.79 -21.42 -53.08
N ALA F 113 -28.67 -22.53 -52.38
CA ALA F 113 -29.42 -23.73 -52.77
C ALA F 113 -30.87 -23.57 -52.33
N VAL F 114 -31.81 -23.85 -53.23
CA VAL F 114 -33.23 -23.63 -52.95
C VAL F 114 -34.00 -24.94 -52.91
N THR F 115 -33.94 -25.74 -53.96
CA THR F 115 -34.79 -26.92 -54.06
C THR F 115 -33.95 -28.14 -54.36
N VAL F 116 -33.85 -29.05 -53.41
CA VAL F 116 -33.21 -30.33 -53.64
C VAL F 116 -34.28 -31.27 -54.16
N GLN F 117 -33.87 -32.35 -54.82
CA GLN F 117 -34.78 -33.36 -55.34
C GLN F 117 -34.00 -34.66 -55.46
N THR F 118 -34.19 -35.57 -54.53
CA THR F 118 -33.42 -36.81 -54.51
C THR F 118 -34.18 -37.93 -55.19
N GLU F 119 -33.45 -39.01 -55.46
CA GLU F 119 -33.91 -40.20 -56.17
C GLU F 119 -32.80 -41.24 -56.10
N VAL F 120 -33.18 -42.50 -56.05
CA VAL F 120 -32.23 -43.60 -55.88
C VAL F 120 -32.01 -44.26 -57.24
N ILE F 121 -30.76 -44.64 -57.52
CA ILE F 121 -30.40 -45.32 -58.75
C ILE F 121 -30.39 -46.83 -58.53
N GLY F 122 -31.08 -47.55 -59.39
CA GLY F 122 -30.91 -48.98 -59.48
C GLY F 122 -31.70 -49.82 -58.52
N ILE F 123 -32.88 -49.37 -58.11
CA ILE F 123 -33.72 -50.18 -57.24
C ILE F 123 -34.22 -51.44 -57.91
N THR F 124 -34.32 -51.45 -59.23
CA THR F 124 -34.76 -52.63 -59.96
C THR F 124 -33.73 -53.73 -59.99
N SER F 125 -32.49 -53.45 -59.56
CA SER F 125 -31.49 -54.48 -59.40
C SER F 125 -31.83 -55.48 -58.30
N MET F 126 -32.70 -55.13 -57.36
CA MET F 126 -33.06 -56.05 -56.30
C MET F 126 -34.03 -57.13 -56.76
N LEU F 127 -34.45 -57.12 -58.02
CA LEU F 127 -35.25 -58.20 -58.57
C LEU F 127 -34.42 -59.40 -58.98
N ASN F 128 -33.12 -59.40 -58.67
CA ASN F 128 -32.23 -60.52 -58.95
C ASN F 128 -32.53 -61.62 -57.94
N LEU F 129 -32.90 -62.79 -58.46
CA LEU F 129 -33.10 -63.99 -57.65
C LEU F 129 -32.45 -65.22 -58.24
N HIS F 130 -31.66 -65.08 -59.30
CA HIS F 130 -30.90 -66.17 -59.88
C HIS F 130 -29.45 -66.17 -59.42
N ALA F 131 -29.05 -65.16 -58.65
CA ALA F 131 -27.66 -64.99 -58.25
C ALA F 131 -27.36 -65.87 -57.03
N GLY F 132 -26.22 -65.65 -56.39
CA GLY F 132 -25.82 -66.49 -55.28
C GLY F 132 -26.47 -66.15 -53.96
N SER F 133 -27.79 -66.14 -53.93
CA SER F 133 -28.54 -65.93 -52.70
C SER F 133 -28.66 -67.25 -51.95
N GLN F 134 -29.51 -67.27 -50.92
CA GLN F 134 -29.76 -68.50 -50.19
C GLN F 134 -31.13 -69.05 -50.59
N LYS F 135 -31.16 -70.35 -50.85
CA LYS F 135 -32.38 -71.00 -51.32
C LYS F 135 -33.37 -71.18 -50.18
N VAL F 136 -34.54 -70.57 -50.31
CA VAL F 136 -35.43 -70.43 -49.14
C VAL F 136 -36.17 -71.73 -48.84
N HIS F 137 -36.62 -72.46 -49.86
CA HIS F 137 -37.14 -73.80 -49.68
C HIS F 137 -36.77 -74.60 -50.92
N GLU F 138 -37.32 -75.82 -51.03
CA GLU F 138 -36.64 -76.90 -51.75
C GLU F 138 -36.61 -76.67 -53.25
N HIS F 139 -37.69 -76.14 -53.83
CA HIS F 139 -37.73 -75.80 -55.26
C HIS F 139 -38.38 -74.43 -55.41
N GLY F 140 -37.56 -73.39 -55.36
CA GLY F 140 -38.06 -72.03 -55.46
C GLY F 140 -36.93 -71.03 -55.53
N GLY F 141 -37.30 -69.76 -55.39
CA GLY F 141 -36.38 -68.66 -55.56
C GLY F 141 -35.41 -68.52 -54.40
N GLY F 142 -34.50 -67.58 -54.57
CA GLY F 142 -33.57 -67.26 -53.51
C GLY F 142 -34.15 -66.23 -52.56
N LYS F 143 -33.45 -66.02 -51.45
CA LYS F 143 -33.86 -65.01 -50.50
C LYS F 143 -33.61 -63.64 -51.08
N PRO F 144 -34.55 -62.70 -50.99
CA PRO F 144 -34.30 -61.35 -51.45
C PRO F 144 -33.54 -60.54 -50.40
N ILE F 145 -33.37 -59.27 -50.69
CA ILE F 145 -32.69 -58.35 -49.77
C ILE F 145 -33.71 -57.81 -48.77
N GLN F 146 -33.56 -58.23 -47.51
CA GLN F 146 -34.47 -57.82 -46.45
C GLN F 146 -33.66 -57.49 -45.22
N GLY F 147 -34.21 -56.65 -44.36
CA GLY F 147 -33.56 -56.34 -43.10
C GLY F 147 -33.46 -54.85 -42.89
N SER F 148 -32.60 -54.47 -41.94
CA SER F 148 -32.53 -53.10 -41.44
C SER F 148 -31.86 -52.20 -42.47
N ASN F 149 -32.55 -51.15 -42.88
CA ASN F 149 -32.02 -50.19 -43.82
C ASN F 149 -31.83 -48.82 -43.16
N PHE F 150 -31.28 -47.89 -43.95
CA PHE F 150 -31.03 -46.53 -43.49
C PHE F 150 -30.85 -45.64 -44.72
N HIS F 151 -31.60 -44.55 -44.79
CA HIS F 151 -31.56 -43.66 -45.95
C HIS F 151 -31.44 -42.22 -45.46
N PHE F 152 -30.51 -41.47 -46.07
CA PHE F 152 -30.08 -40.19 -45.53
C PHE F 152 -29.30 -39.39 -46.56
N PHE F 153 -29.59 -38.10 -46.65
CA PHE F 153 -28.79 -37.21 -47.48
C PHE F 153 -28.68 -35.86 -46.78
N ALA F 154 -27.90 -34.95 -47.37
CA ALA F 154 -27.65 -33.65 -46.76
C ALA F 154 -27.13 -32.66 -47.79
N VAL F 155 -27.67 -31.45 -47.74
CA VAL F 155 -27.31 -30.36 -48.65
C VAL F 155 -27.00 -29.14 -47.81
N GLY F 156 -25.83 -28.55 -48.01
CA GLY F 156 -25.53 -27.33 -47.28
C GLY F 156 -24.28 -26.65 -47.78
N GLY F 157 -24.21 -25.35 -47.51
CA GLY F 157 -23.07 -24.54 -47.87
C GLY F 157 -21.83 -24.75 -47.03
N ASP F 158 -21.93 -25.54 -45.98
CA ASP F 158 -20.86 -25.84 -45.06
C ASP F 158 -20.78 -27.35 -44.88
N PRO F 159 -19.68 -27.89 -44.36
CA PRO F 159 -19.64 -29.32 -44.06
C PRO F 159 -20.59 -29.66 -42.93
N LEU F 160 -20.89 -30.96 -42.81
CA LEU F 160 -21.98 -31.39 -41.95
C LEU F 160 -21.44 -31.77 -40.57
N GLU F 161 -21.77 -30.96 -39.57
CA GLU F 161 -21.12 -31.04 -38.28
C GLU F 161 -21.72 -32.18 -37.47
N MET F 162 -20.86 -33.08 -36.99
CA MET F 162 -21.27 -34.40 -36.53
C MET F 162 -21.32 -34.49 -35.00
N GLN F 163 -21.50 -35.73 -34.53
CA GLN F 163 -21.71 -36.04 -33.12
C GLN F 163 -21.25 -37.46 -32.84
N GLY F 164 -20.40 -37.62 -31.83
CA GLY F 164 -19.82 -38.92 -31.55
C GLY F 164 -20.61 -39.76 -30.59
N VAL F 165 -21.35 -40.74 -31.11
CA VAL F 165 -22.13 -41.68 -30.30
C VAL F 165 -21.74 -43.08 -30.72
N LEU F 166 -21.46 -43.94 -29.75
CA LEU F 166 -21.23 -45.35 -30.01
C LEU F 166 -21.57 -46.12 -28.75
N MET F 167 -22.00 -47.37 -28.93
CA MET F 167 -22.18 -48.22 -27.75
C MET F 167 -21.05 -49.21 -27.64
N ASN F 168 -20.92 -49.77 -26.43
CA ASN F 168 -19.97 -50.83 -26.08
C ASN F 168 -18.53 -50.39 -26.38
N TYR F 169 -18.07 -49.43 -25.57
CA TYR F 169 -16.90 -48.60 -25.87
C TYR F 169 -15.57 -49.35 -25.85
N ARG F 170 -15.54 -50.68 -25.72
CA ARG F 170 -14.31 -51.44 -25.78
C ARG F 170 -14.13 -52.13 -27.13
N THR F 171 -14.53 -51.47 -28.22
CA THR F 171 -14.26 -51.98 -29.56
C THR F 171 -13.00 -51.34 -30.12
N LYS F 172 -12.10 -52.16 -30.65
CA LYS F 172 -10.84 -51.69 -31.20
C LYS F 172 -10.95 -51.65 -32.72
N TYR F 173 -10.67 -50.51 -33.30
CA TYR F 173 -10.82 -50.25 -34.71
C TYR F 173 -9.47 -50.25 -35.43
N PRO F 174 -9.46 -50.54 -36.73
CA PRO F 174 -8.22 -50.40 -37.49
C PRO F 174 -7.92 -48.97 -37.89
N ASP F 175 -6.86 -48.80 -38.70
CA ASP F 175 -6.13 -47.54 -38.77
C ASP F 175 -6.90 -46.42 -39.46
N GLY F 176 -7.44 -46.66 -40.66
CA GLY F 176 -8.03 -45.56 -41.42
C GLY F 176 -9.36 -45.11 -40.88
N THR F 177 -9.96 -45.90 -40.00
CA THR F 177 -11.26 -45.62 -39.43
C THR F 177 -11.15 -44.48 -38.43
N ILE F 178 -11.62 -43.30 -38.81
CA ILE F 178 -11.54 -42.12 -37.95
C ILE F 178 -12.73 -42.18 -37.01
N THR F 179 -12.53 -42.85 -35.92
CA THR F 179 -13.49 -43.08 -34.86
C THR F 179 -13.35 -41.99 -33.80
N PRO F 180 -14.40 -41.70 -33.03
CA PRO F 180 -14.28 -40.67 -31.99
C PRO F 180 -13.37 -41.14 -30.87
N LYS F 181 -12.41 -40.30 -30.53
CA LYS F 181 -11.33 -40.66 -29.62
C LYS F 181 -11.80 -40.60 -28.17
N ASN F 182 -10.97 -41.16 -27.29
CA ASN F 182 -11.14 -41.23 -25.84
C ASN F 182 -12.50 -41.80 -25.46
N PRO F 183 -12.72 -43.10 -25.59
CA PRO F 183 -14.00 -43.66 -25.16
C PRO F 183 -14.11 -43.67 -23.65
N THR F 184 -15.29 -43.30 -23.16
CA THR F 184 -15.62 -43.38 -21.74
C THR F 184 -16.80 -44.33 -21.59
N ALA F 185 -17.27 -44.46 -20.35
CA ALA F 185 -18.53 -45.16 -20.13
C ALA F 185 -19.72 -44.25 -20.33
N GLN F 186 -19.50 -43.00 -20.71
CA GLN F 186 -20.58 -42.07 -20.98
C GLN F 186 -20.79 -41.80 -22.45
N SER F 187 -20.13 -42.53 -23.34
CA SER F 187 -20.36 -42.37 -24.76
C SER F 187 -21.58 -43.15 -25.26
N GLN F 188 -22.22 -43.92 -24.39
CA GLN F 188 -23.42 -44.65 -24.77
C GLN F 188 -24.68 -43.82 -24.61
N VAL F 189 -24.54 -42.56 -24.22
CA VAL F 189 -25.64 -41.61 -24.16
C VAL F 189 -25.05 -40.34 -24.78
N MET F 190 -25.81 -39.24 -24.81
CA MET F 190 -25.32 -37.96 -25.30
C MET F 190 -24.09 -37.50 -24.51
N ASN F 191 -22.93 -37.52 -25.16
CA ASN F 191 -21.71 -36.99 -24.59
C ASN F 191 -21.32 -35.78 -25.42
N THR F 192 -20.65 -34.81 -24.78
CA THR F 192 -20.38 -33.55 -25.45
C THR F 192 -18.97 -33.52 -26.05
N ASP F 193 -18.04 -34.29 -25.50
CA ASP F 193 -16.64 -34.22 -25.86
C ASP F 193 -16.26 -35.05 -27.08
N HIS F 194 -17.17 -35.29 -28.02
CA HIS F 194 -16.80 -36.08 -29.17
C HIS F 194 -17.17 -35.42 -30.49
N LYS F 195 -16.85 -34.15 -30.67
CA LYS F 195 -17.18 -33.47 -31.92
C LYS F 195 -16.13 -33.77 -32.98
N ALA F 196 -16.52 -33.62 -34.25
CA ALA F 196 -15.60 -33.66 -35.38
C ALA F 196 -16.26 -33.03 -36.59
N TYR F 197 -15.64 -33.24 -37.75
CA TYR F 197 -16.19 -32.83 -39.03
C TYR F 197 -16.12 -33.99 -40.02
N LEU F 198 -17.23 -34.21 -40.69
CA LEU F 198 -17.30 -35.09 -41.87
C LEU F 198 -16.48 -34.41 -42.97
N ASP F 199 -15.31 -34.98 -43.27
CA ASP F 199 -14.39 -34.32 -44.18
C ASP F 199 -13.66 -35.26 -45.13
N LYS F 200 -14.01 -36.55 -45.14
CA LYS F 200 -13.26 -37.48 -45.97
C LYS F 200 -14.17 -38.66 -46.35
N ASN F 201 -14.09 -39.07 -47.61
CA ASN F 201 -14.85 -40.22 -48.07
C ASN F 201 -14.24 -41.50 -47.54
N ASN F 202 -15.11 -42.51 -47.37
CA ASN F 202 -14.75 -43.87 -46.90
C ASN F 202 -14.04 -43.82 -45.55
N ALA F 203 -14.42 -42.86 -44.71
CA ALA F 203 -13.64 -42.56 -43.53
C ALA F 203 -14.42 -42.75 -42.23
N TYR F 204 -15.59 -42.13 -42.10
CA TYR F 204 -16.37 -42.21 -40.88
C TYR F 204 -17.38 -43.34 -40.95
N PRO F 205 -17.21 -44.41 -40.19
CA PRO F 205 -18.20 -45.49 -40.21
C PRO F 205 -19.51 -45.03 -39.58
N VAL F 206 -20.61 -45.32 -40.26
CA VAL F 206 -21.89 -44.70 -39.95
C VAL F 206 -22.49 -45.18 -38.64
N GLU F 207 -21.94 -46.23 -38.03
CA GLU F 207 -22.42 -46.64 -36.73
C GLU F 207 -21.76 -45.88 -35.60
N CYS F 208 -20.93 -44.88 -35.90
CA CYS F 208 -20.23 -44.12 -34.88
C CYS F 208 -20.51 -42.63 -34.91
N TRP F 209 -21.28 -42.14 -35.87
CA TRP F 209 -21.50 -40.70 -36.03
C TRP F 209 -22.91 -40.46 -36.52
N VAL F 210 -23.63 -39.57 -35.86
CA VAL F 210 -24.95 -39.11 -36.28
C VAL F 210 -24.88 -37.60 -36.31
N PRO F 211 -25.80 -36.87 -36.95
CA PRO F 211 -25.72 -35.41 -36.91
C PRO F 211 -26.18 -34.85 -35.57
N ASP F 212 -25.42 -33.88 -35.06
CA ASP F 212 -25.81 -33.14 -33.88
C ASP F 212 -26.77 -32.02 -34.31
N PRO F 213 -28.00 -31.98 -33.82
CA PRO F 213 -28.94 -30.94 -34.24
C PRO F 213 -28.63 -29.53 -33.73
N SER F 214 -27.64 -29.35 -32.88
CA SER F 214 -27.34 -28.02 -32.34
C SER F 214 -26.18 -27.34 -33.05
N ARG F 215 -25.75 -27.87 -34.19
CA ARG F 215 -24.60 -27.33 -34.91
C ARG F 215 -24.83 -27.10 -36.40
N ASN F 216 -25.86 -27.72 -36.98
CA ASN F 216 -26.01 -27.72 -38.43
C ASN F 216 -26.99 -26.62 -38.81
N GLU F 217 -26.65 -25.39 -38.43
CA GLU F 217 -27.56 -24.28 -38.71
C GLU F 217 -27.43 -23.75 -40.12
N ASN F 218 -26.58 -24.35 -40.95
CA ASN F 218 -26.38 -23.87 -42.31
C ASN F 218 -26.62 -24.98 -43.32
N THR F 219 -27.11 -26.14 -42.88
CA THR F 219 -27.40 -27.26 -43.76
C THR F 219 -28.85 -27.70 -43.58
N ARG F 220 -29.20 -28.77 -44.27
CA ARG F 220 -30.52 -29.38 -44.25
C ARG F 220 -30.28 -30.87 -44.43
N TYR F 221 -31.04 -31.70 -43.75
CA TYR F 221 -30.89 -33.14 -43.90
C TYR F 221 -32.18 -33.84 -43.53
N PHE F 222 -32.38 -35.04 -44.08
CA PHE F 222 -33.58 -35.80 -43.82
C PHE F 222 -33.25 -37.28 -43.68
N GLY F 223 -33.21 -37.77 -42.46
CA GLY F 223 -32.90 -39.16 -42.20
C GLY F 223 -33.99 -39.89 -41.45
N THR F 224 -34.19 -41.16 -41.81
CA THR F 224 -35.21 -41.98 -41.17
C THR F 224 -34.88 -43.46 -41.33
N PHE F 225 -34.33 -44.05 -40.28
CA PHE F 225 -33.94 -45.46 -40.32
C PHE F 225 -34.98 -46.36 -39.64
N THR F 226 -35.28 -47.49 -40.29
CA THR F 226 -36.24 -48.45 -39.75
C THR F 226 -35.58 -49.81 -39.65
N GLY F 227 -35.01 -50.11 -38.48
CA GLY F 227 -34.35 -51.38 -38.26
C GLY F 227 -35.27 -52.53 -37.96
N GLY F 228 -34.82 -53.73 -38.27
CA GLY F 228 -35.57 -54.95 -38.03
C GLY F 228 -34.82 -56.18 -38.51
N GLU F 229 -35.28 -57.32 -38.00
CA GLU F 229 -34.76 -58.60 -38.45
C GLU F 229 -35.16 -58.87 -39.90
N ASN F 230 -36.44 -58.71 -40.21
CA ASN F 230 -36.94 -58.93 -41.56
C ASN F 230 -38.10 -57.98 -41.82
N VAL F 231 -37.78 -56.84 -42.40
CA VAL F 231 -38.79 -55.87 -42.85
C VAL F 231 -38.57 -55.69 -44.35
N PRO F 232 -39.55 -55.26 -45.11
CA PRO F 232 -39.33 -55.03 -46.54
C PRO F 232 -38.78 -53.65 -46.81
N PRO F 233 -37.76 -53.54 -47.66
CA PRO F 233 -37.25 -52.21 -48.03
C PRO F 233 -38.17 -51.49 -48.99
N VAL F 234 -38.91 -50.51 -48.50
CA VAL F 234 -39.88 -49.79 -49.31
C VAL F 234 -39.13 -48.72 -50.09
N LEU F 235 -39.07 -48.88 -51.41
CA LEU F 235 -38.29 -48.01 -52.25
C LEU F 235 -39.23 -47.35 -53.25
N HIS F 236 -39.27 -46.02 -53.24
CA HIS F 236 -40.05 -45.35 -54.27
C HIS F 236 -39.15 -44.81 -55.35
N VAL F 237 -39.73 -44.55 -56.51
CA VAL F 237 -39.02 -43.88 -57.59
C VAL F 237 -39.99 -42.94 -58.28
N THR F 238 -39.59 -41.67 -58.41
CA THR F 238 -40.46 -40.66 -58.98
C THR F 238 -39.56 -39.60 -59.60
N ASN F 239 -40.01 -38.99 -60.69
CA ASN F 239 -39.43 -37.74 -61.14
C ASN F 239 -40.45 -36.62 -61.22
N THR F 240 -41.33 -36.51 -60.22
CA THR F 240 -42.09 -35.30 -59.94
C THR F 240 -42.02 -34.86 -58.48
N ALA F 241 -41.18 -35.49 -57.66
CA ALA F 241 -41.06 -35.13 -56.25
C ALA F 241 -40.31 -33.81 -56.08
N THR F 242 -40.53 -33.17 -54.94
CA THR F 242 -39.96 -31.85 -54.67
C THR F 242 -39.74 -31.75 -53.17
N THR F 243 -38.60 -31.23 -52.74
CA THR F 243 -38.31 -31.07 -51.33
C THR F 243 -37.72 -29.69 -51.08
N VAL F 244 -38.52 -28.78 -50.53
CA VAL F 244 -38.17 -27.38 -50.40
C VAL F 244 -37.12 -27.24 -49.29
N LEU F 245 -36.15 -26.34 -49.49
CA LEU F 245 -35.11 -26.13 -48.49
C LEU F 245 -35.02 -24.69 -47.98
N LEU F 246 -36.13 -23.96 -47.92
CA LEU F 246 -36.09 -22.67 -47.27
C LEU F 246 -36.32 -22.82 -45.76
N ASP F 247 -35.97 -21.76 -45.02
CA ASP F 247 -36.15 -21.73 -43.57
C ASP F 247 -37.49 -21.08 -43.23
N GLU F 248 -37.65 -20.70 -41.96
CA GLU F 248 -38.83 -19.93 -41.58
C GLU F 248 -38.75 -18.51 -42.11
N GLN F 249 -37.55 -18.02 -42.41
CA GLN F 249 -37.37 -16.63 -42.81
C GLN F 249 -37.39 -16.43 -44.32
N GLY F 250 -36.98 -17.41 -45.10
CA GLY F 250 -36.98 -17.29 -46.54
C GLY F 250 -35.64 -17.37 -47.22
N VAL F 251 -34.62 -17.90 -46.56
CA VAL F 251 -33.30 -18.08 -47.17
C VAL F 251 -32.84 -19.51 -46.90
N GLY F 252 -31.97 -19.99 -47.79
CA GLY F 252 -31.53 -21.36 -47.70
C GLY F 252 -30.13 -21.47 -47.16
N PRO F 253 -29.43 -22.53 -47.53
CA PRO F 253 -28.02 -22.66 -47.13
C PRO F 253 -27.12 -21.75 -47.94
N LEU F 254 -26.65 -20.66 -47.35
CA LEU F 254 -25.71 -19.80 -48.03
C LEU F 254 -24.35 -20.45 -48.06
N CYS F 255 -23.54 -20.07 -49.03
CA CYS F 255 -22.22 -20.65 -49.21
C CYS F 255 -21.18 -19.65 -48.68
N LYS F 256 -20.56 -20.00 -47.55
CA LYS F 256 -19.53 -19.16 -46.95
C LYS F 256 -18.35 -19.02 -47.90
N ALA F 257 -17.65 -20.13 -48.13
CA ALA F 257 -16.74 -20.19 -49.26
C ALA F 257 -17.54 -20.54 -50.51
N ASP F 258 -16.98 -20.26 -51.67
CA ASP F 258 -17.63 -20.64 -52.92
C ASP F 258 -17.45 -22.15 -53.08
N SER F 259 -18.33 -22.89 -52.40
CA SER F 259 -18.31 -24.34 -52.36
C SER F 259 -19.70 -24.80 -51.97
N LEU F 260 -20.10 -25.96 -52.45
CA LEU F 260 -21.38 -26.56 -52.11
C LEU F 260 -21.15 -27.98 -51.61
N TYR F 261 -21.34 -28.20 -50.32
CA TYR F 261 -21.06 -29.49 -49.71
C TYR F 261 -22.29 -30.36 -49.78
N VAL F 262 -22.26 -31.35 -50.66
CA VAL F 262 -23.33 -32.35 -50.78
C VAL F 262 -22.77 -33.66 -50.29
N SER F 263 -23.44 -34.27 -49.31
CA SER F 263 -23.00 -35.53 -48.75
C SER F 263 -24.22 -36.38 -48.42
N ALA F 264 -24.06 -37.69 -48.59
CA ALA F 264 -25.19 -38.58 -48.47
C ALA F 264 -24.71 -39.97 -48.10
N ALA F 265 -25.66 -40.80 -47.64
CA ALA F 265 -25.33 -42.17 -47.22
C ALA F 265 -26.60 -43.00 -47.31
N ASP F 266 -26.53 -44.14 -48.01
CA ASP F 266 -27.67 -45.01 -48.23
C ASP F 266 -27.28 -46.46 -47.98
N ILE F 267 -27.92 -47.08 -46.99
CA ILE F 267 -27.79 -48.52 -46.78
C ILE F 267 -29.17 -49.13 -46.93
N CYS F 268 -29.31 -50.07 -47.87
CA CYS F 268 -30.62 -50.53 -48.32
C CYS F 268 -30.82 -52.02 -48.10
N GLY F 269 -30.51 -52.50 -46.92
CA GLY F 269 -30.91 -53.84 -46.54
C GLY F 269 -29.73 -54.79 -46.53
N LEU F 270 -30.05 -56.07 -46.44
CA LEU F 270 -29.04 -57.11 -46.33
C LEU F 270 -29.23 -58.12 -47.45
N PHE F 271 -28.29 -58.12 -48.40
CA PHE F 271 -28.13 -59.24 -49.30
C PHE F 271 -27.60 -60.43 -48.51
N THR F 272 -27.98 -61.63 -48.91
CA THR F 272 -27.58 -62.84 -48.20
C THR F 272 -26.88 -63.77 -49.17
N ASN F 273 -25.77 -64.36 -48.73
CA ASN F 273 -24.98 -65.24 -49.56
C ASN F 273 -25.60 -66.63 -49.61
N SER F 274 -24.83 -67.60 -50.11
CA SER F 274 -25.37 -68.94 -50.29
C SER F 274 -25.20 -69.78 -49.04
N SER F 275 -24.11 -69.58 -48.29
CA SER F 275 -23.89 -70.37 -47.09
C SER F 275 -24.38 -69.68 -45.82
N GLY F 276 -25.07 -68.56 -45.93
CA GLY F 276 -25.67 -67.91 -44.78
C GLY F 276 -24.95 -66.68 -44.29
N THR F 277 -23.79 -66.37 -44.86
CA THR F 277 -23.03 -65.20 -44.44
C THR F 277 -23.67 -63.93 -45.00
N GLN F 278 -24.31 -63.15 -44.15
CA GLN F 278 -24.94 -61.92 -44.60
C GLN F 278 -23.90 -60.84 -44.83
N GLN F 279 -24.24 -59.88 -45.69
CA GLN F 279 -23.37 -58.74 -45.92
C GLN F 279 -24.21 -57.56 -46.36
N TRP F 280 -23.64 -56.37 -46.18
CA TRP F 280 -24.37 -55.12 -46.36
C TRP F 280 -24.39 -54.74 -47.84
N ARG F 281 -25.29 -53.81 -48.18
CA ARG F 281 -25.42 -53.36 -49.56
C ARG F 281 -26.07 -51.99 -49.57
N GLY F 282 -25.57 -51.11 -50.44
CA GLY F 282 -26.15 -49.81 -50.68
C GLY F 282 -26.10 -49.47 -52.15
N LEU F 283 -26.76 -48.37 -52.51
CA LEU F 283 -26.82 -47.93 -53.88
C LEU F 283 -26.53 -46.44 -53.99
N ALA F 284 -26.51 -45.94 -55.22
CA ALA F 284 -26.19 -44.55 -55.47
C ALA F 284 -27.33 -43.64 -55.05
N ARG F 285 -27.06 -42.35 -55.08
CA ARG F 285 -28.09 -41.36 -54.81
C ARG F 285 -27.95 -40.21 -55.78
N TYR F 286 -28.99 -40.01 -56.58
CA TYR F 286 -29.10 -38.86 -57.47
C TYR F 286 -29.31 -37.60 -56.64
N PHE F 287 -28.91 -36.47 -57.21
CA PHE F 287 -29.25 -35.18 -56.65
C PHE F 287 -29.63 -34.21 -57.74
N LYS F 288 -30.28 -33.13 -57.34
CA LYS F 288 -30.60 -32.01 -58.22
C LYS F 288 -30.66 -30.80 -57.31
N ILE F 289 -29.99 -29.73 -57.69
CA ILE F 289 -30.00 -28.50 -56.91
C ILE F 289 -30.36 -27.36 -57.84
N ARG F 290 -31.26 -26.49 -57.40
CA ARG F 290 -31.70 -25.35 -58.19
C ARG F 290 -31.14 -24.10 -57.52
N LEU F 291 -29.91 -23.74 -57.83
CA LEU F 291 -29.22 -22.60 -57.27
C LEU F 291 -29.83 -21.31 -57.77
N ARG F 292 -29.48 -20.20 -57.11
CA ARG F 292 -29.79 -18.88 -57.63
C ARG F 292 -28.84 -17.87 -56.99
N LYS F 293 -29.02 -16.61 -57.35
CA LYS F 293 -28.13 -15.55 -56.90
C LYS F 293 -28.81 -14.75 -55.80
N ARG F 294 -28.26 -14.85 -54.59
CA ARG F 294 -28.81 -14.23 -53.39
C ARG F 294 -27.98 -13.05 -52.95
N SER F 295 -28.65 -11.95 -52.61
CA SER F 295 -27.97 -10.76 -52.09
C SER F 295 -27.72 -10.90 -50.61
N VAL F 296 -26.57 -10.40 -50.13
CA VAL F 296 -26.26 -10.28 -48.72
C VAL F 296 -25.62 -8.93 -48.46
N LYS F 297 -25.20 -8.72 -47.22
CA LYS F 297 -24.41 -7.56 -46.83
C LYS F 297 -23.05 -8.06 -46.36
N ASN F 298 -22.02 -7.25 -46.60
CA ASN F 298 -20.63 -7.60 -46.33
C ASN F 298 -20.41 -7.79 -44.84
N PRO F 299 -20.02 -8.99 -44.40
CA PRO F 299 -19.86 -9.23 -42.97
C PRO F 299 -18.57 -8.69 -42.39
N TYR F 300 -17.50 -8.61 -43.16
CA TYR F 300 -16.17 -8.22 -42.67
C TYR F 300 -15.74 -6.98 -43.44
N PRO F 301 -15.81 -5.79 -42.84
CA PRO F 301 -15.19 -4.62 -43.48
C PRO F 301 -13.68 -4.73 -43.40
N ILE F 302 -12.96 -3.89 -44.15
CA ILE F 302 -11.53 -4.06 -44.33
C ILE F 302 -10.72 -3.78 -43.07
N SER F 303 -11.36 -3.25 -42.02
CA SER F 303 -10.71 -3.15 -40.71
C SER F 303 -10.34 -4.52 -40.17
N PHE F 304 -11.31 -5.42 -40.07
CA PHE F 304 -11.04 -6.78 -39.62
C PHE F 304 -10.13 -7.51 -40.59
N LEU F 305 -10.22 -7.19 -41.87
CA LEU F 305 -9.29 -7.71 -42.86
C LEU F 305 -7.88 -7.21 -42.63
N LEU F 306 -7.74 -6.04 -42.01
CA LEU F 306 -6.42 -5.47 -41.78
C LEU F 306 -5.78 -6.03 -40.52
N SER F 307 -6.60 -6.34 -39.50
CA SER F 307 -6.07 -6.79 -38.23
C SER F 307 -5.46 -8.18 -38.27
N ASP F 308 -5.71 -8.95 -39.33
CA ASP F 308 -5.18 -10.30 -39.41
C ASP F 308 -3.68 -10.32 -39.67
N LEU F 309 -3.16 -9.34 -40.41
CA LEU F 309 -1.72 -9.27 -40.71
C LEU F 309 -0.91 -9.06 -39.45
N ILE F 310 -1.38 -8.18 -38.57
CA ILE F 310 -0.69 -7.92 -37.31
C ILE F 310 -0.69 -9.15 -36.45
N ASN F 311 -1.77 -9.94 -36.52
CA ASN F 311 -1.88 -11.10 -35.65
C ASN F 311 -0.99 -12.23 -36.10
N ARG F 312 -0.59 -12.24 -37.37
CA ARG F 312 0.40 -13.21 -37.82
C ARG F 312 1.82 -12.75 -37.59
N ARG F 313 2.02 -11.61 -36.92
CA ARG F 313 3.34 -11.05 -36.72
C ARG F 313 3.64 -10.66 -35.28
N THR F 314 2.97 -11.26 -34.31
CA THR F 314 3.25 -11.04 -32.90
C THR F 314 3.80 -12.34 -32.32
N GLN F 315 4.57 -12.23 -31.23
CA GLN F 315 5.18 -13.39 -30.62
C GLN F 315 4.13 -14.29 -29.97
N ARG F 316 4.39 -15.60 -29.94
CA ARG F 316 3.45 -16.58 -29.42
C ARG F 316 3.73 -16.83 -27.94
N VAL F 317 2.82 -16.39 -27.10
CA VAL F 317 2.96 -16.61 -25.67
C VAL F 317 2.22 -17.88 -25.27
N ASP F 318 2.82 -18.63 -24.36
CA ASP F 318 2.20 -19.83 -23.78
C ASP F 318 2.33 -19.69 -22.28
N GLY F 319 1.36 -19.01 -21.68
CA GLY F 319 1.45 -18.74 -20.26
C GLY F 319 0.39 -19.44 -19.46
N GLN F 320 -0.32 -18.68 -18.70
CA GLN F 320 -1.32 -19.36 -17.90
C GLN F 320 -2.68 -19.29 -18.57
N PRO F 321 -3.46 -20.37 -18.49
CA PRO F 321 -4.63 -20.53 -19.37
C PRO F 321 -5.80 -19.61 -19.06
N MET F 322 -5.83 -18.43 -19.67
CA MET F 322 -6.91 -17.48 -19.45
C MET F 322 -8.14 -17.76 -20.32
N TYR F 323 -8.30 -18.99 -20.81
CA TYR F 323 -9.54 -19.44 -21.45
C TYR F 323 -9.66 -20.94 -21.29
N GLY F 324 -10.90 -21.42 -21.29
CA GLY F 324 -11.14 -22.85 -21.26
C GLY F 324 -11.73 -23.35 -19.96
N MET F 325 -11.51 -24.64 -19.66
CA MET F 325 -12.05 -25.25 -18.46
C MET F 325 -11.43 -24.68 -17.19
N GLU F 326 -10.11 -24.59 -17.14
CA GLU F 326 -9.42 -24.07 -15.97
C GLU F 326 -9.02 -22.60 -16.13
N SER F 327 -9.87 -21.81 -16.77
CA SER F 327 -9.66 -20.37 -16.91
C SER F 327 -9.71 -19.68 -15.54
N GLN F 328 -9.14 -18.48 -15.48
CA GLN F 328 -8.94 -17.81 -14.20
C GLN F 328 -9.63 -16.47 -14.09
N VAL F 329 -10.19 -15.95 -15.18
CA VAL F 329 -10.88 -14.66 -15.11
C VAL F 329 -12.23 -14.88 -14.43
N GLU F 330 -12.53 -14.06 -13.41
CA GLU F 330 -13.70 -14.34 -12.59
C GLU F 330 -14.86 -13.39 -12.84
N GLU F 331 -14.65 -12.09 -12.69
CA GLU F 331 -15.77 -11.16 -12.63
C GLU F 331 -15.63 -10.15 -13.75
N VAL F 332 -16.46 -10.32 -14.78
CA VAL F 332 -16.37 -9.51 -15.99
C VAL F 332 -17.63 -8.68 -16.08
N ARG F 333 -17.57 -7.45 -15.58
CA ARG F 333 -18.71 -6.56 -15.74
C ARG F 333 -18.66 -5.97 -17.14
N VAL F 334 -19.83 -5.56 -17.64
CA VAL F 334 -19.98 -4.83 -18.90
C VAL F 334 -21.00 -3.74 -18.61
N PHE F 335 -20.80 -2.55 -19.15
CA PHE F 335 -21.72 -1.45 -18.95
C PHE F 335 -22.00 -0.79 -20.29
N ASP F 336 -23.17 -0.18 -20.44
CA ASP F 336 -23.32 0.73 -21.56
C ASP F 336 -23.94 2.07 -21.20
N GLY F 337 -24.92 2.07 -20.30
CA GLY F 337 -25.76 3.24 -20.19
C GLY F 337 -25.86 3.82 -18.80
N THR F 338 -27.06 4.16 -18.38
CA THR F 338 -27.32 4.77 -17.09
C THR F 338 -28.46 4.05 -16.40
N GLU F 339 -28.54 4.20 -15.09
CA GLU F 339 -29.55 3.53 -14.28
C GLU F 339 -29.65 4.23 -12.94
N ARG F 340 -30.86 4.24 -12.37
CA ARG F 340 -31.03 4.65 -10.98
C ARG F 340 -30.27 3.69 -10.07
N LEU F 341 -29.75 4.23 -8.97
CA LEU F 341 -28.82 3.55 -8.08
C LEU F 341 -29.42 2.30 -7.44
N PRO F 342 -28.87 1.12 -7.74
CA PRO F 342 -29.49 -0.11 -7.23
C PRO F 342 -29.07 -0.40 -5.80
N GLY F 343 -30.06 -0.53 -4.93
CA GLY F 343 -29.82 -0.79 -3.52
C GLY F 343 -29.48 -2.22 -3.17
N ASP F 344 -29.10 -3.03 -4.14
CA ASP F 344 -28.67 -4.41 -3.92
C ASP F 344 -27.51 -4.59 -4.89
N PRO F 345 -26.28 -4.24 -4.47
CA PRO F 345 -25.18 -4.06 -5.43
C PRO F 345 -24.75 -5.33 -6.12
N ASP F 346 -24.63 -6.43 -5.41
CA ASP F 346 -24.41 -7.73 -6.02
C ASP F 346 -25.74 -8.14 -6.65
N MET F 347 -25.98 -7.66 -7.87
CA MET F 347 -27.28 -7.77 -8.52
C MET F 347 -27.50 -9.20 -8.99
N ILE F 348 -27.96 -10.02 -8.06
CA ILE F 348 -28.33 -11.40 -8.36
C ILE F 348 -29.66 -11.38 -9.10
N ARG F 349 -29.89 -12.36 -9.97
CA ARG F 349 -31.07 -12.35 -10.83
C ARG F 349 -31.98 -13.55 -10.59
N TYR F 350 -31.43 -14.75 -10.47
CA TYR F 350 -32.28 -15.90 -10.28
C TYR F 350 -32.71 -15.99 -8.83
N ILE F 351 -34.02 -15.87 -8.58
CA ILE F 351 -34.53 -15.78 -7.22
C ILE F 351 -34.36 -17.10 -6.47
N ASP F 352 -34.33 -18.22 -7.20
CA ASP F 352 -33.89 -19.48 -6.60
C ASP F 352 -33.14 -20.23 -7.69
N LYS F 353 -31.85 -19.98 -7.79
CA LYS F 353 -31.06 -20.69 -8.77
C LYS F 353 -30.77 -22.12 -8.31
N GLN F 354 -30.53 -22.29 -7.01
CA GLN F 354 -30.20 -23.61 -6.48
C GLN F 354 -31.39 -24.54 -6.41
N GLY F 355 -32.52 -24.07 -5.90
CA GLY F 355 -33.61 -24.96 -5.53
C GLY F 355 -33.77 -25.13 -4.04
N GLN F 356 -33.20 -24.24 -3.23
CA GLN F 356 -33.36 -24.29 -1.78
C GLN F 356 -34.76 -23.86 -1.38
N LEU F 357 -35.04 -23.99 -0.08
CA LEU F 357 -36.22 -23.42 0.61
C LEU F 357 -37.55 -23.79 -0.04
N GLN F 358 -37.66 -25.02 -0.54
CA GLN F 358 -38.89 -25.43 -1.20
C GLN F 358 -39.60 -26.53 -0.43
N THR F 359 -40.73 -26.96 -0.98
CA THR F 359 -41.61 -27.87 -0.28
C THR F 359 -41.18 -29.31 -0.50
N LYS F 360 -41.03 -30.06 0.58
CA LYS F 360 -40.84 -31.50 0.46
C LYS F 360 -42.17 -32.21 0.40
N GLN G 1 -8.63 -18.04 42.69
CA GLN G 1 -8.35 -17.78 44.09
C GLN G 1 -9.56 -17.20 44.81
N VAL G 2 -10.59 -16.86 44.04
CA VAL G 2 -11.83 -16.34 44.59
C VAL G 2 -12.56 -17.46 45.33
N GLN G 3 -12.93 -17.18 46.58
CA GLN G 3 -13.62 -18.11 47.46
C GLN G 3 -15.06 -17.66 47.63
N LEU G 4 -15.99 -18.61 47.61
CA LEU G 4 -17.40 -18.31 47.82
C LEU G 4 -17.95 -19.09 49.01
N GLN G 5 -19.15 -18.69 49.42
CA GLN G 5 -19.87 -19.36 50.50
C GLN G 5 -21.35 -19.01 50.40
N GLU G 6 -22.15 -19.67 51.23
CA GLU G 6 -23.57 -19.42 51.34
C GLU G 6 -23.99 -19.42 52.81
N SER G 7 -25.12 -18.77 53.08
CA SER G 7 -25.63 -18.68 54.45
C SER G 7 -27.11 -18.33 54.40
N GLY G 8 -27.79 -18.56 55.53
CA GLY G 8 -29.19 -18.26 55.67
C GLY G 8 -29.91 -19.22 56.60
N PRO G 9 -31.24 -19.33 56.44
CA PRO G 9 -32.04 -20.19 57.34
C PRO G 9 -31.87 -21.67 57.05
N GLY G 10 -32.62 -22.49 57.79
CA GLY G 10 -32.65 -23.92 57.55
C GLY G 10 -34.05 -24.50 57.52
N LEU G 11 -35.04 -23.70 57.91
CA LEU G 11 -36.42 -24.15 57.98
C LEU G 11 -37.34 -22.95 57.81
N VAL G 12 -38.24 -23.03 56.82
CA VAL G 12 -39.19 -21.97 56.52
C VAL G 12 -40.60 -22.54 56.60
N LYS G 13 -41.45 -21.88 57.39
CA LYS G 13 -42.85 -22.26 57.52
C LYS G 13 -43.61 -21.98 56.22
N PRO G 14 -44.82 -22.53 56.04
CA PRO G 14 -45.60 -22.19 54.85
C PRO G 14 -45.99 -20.72 54.77
N SER G 15 -46.05 -20.22 53.54
CA SER G 15 -46.41 -18.84 53.19
C SER G 15 -45.53 -17.81 53.90
N GLN G 16 -44.23 -18.04 53.92
CA GLN G 16 -43.30 -17.09 54.53
C GLN G 16 -42.37 -16.50 53.47
N THR G 17 -41.47 -15.64 53.92
CA THR G 17 -40.54 -14.93 53.05
C THR G 17 -39.14 -15.49 53.26
N LEU G 18 -38.52 -15.92 52.16
CA LEU G 18 -37.21 -16.55 52.22
C LEU G 18 -36.15 -15.56 51.77
N SER G 19 -34.97 -15.64 52.39
CA SER G 19 -33.86 -14.75 52.12
C SER G 19 -32.57 -15.54 52.21
N LEU G 20 -31.67 -15.38 51.25
CA LEU G 20 -30.41 -16.08 51.30
C LEU G 20 -29.26 -15.16 50.92
N THR G 21 -28.08 -15.48 51.46
CA THR G 21 -26.85 -14.73 51.22
C THR G 21 -25.83 -15.65 50.58
N CYS G 22 -25.36 -15.26 49.40
CA CYS G 22 -24.30 -15.97 48.68
C CYS G 22 -22.99 -15.25 48.99
N THR G 23 -22.26 -15.76 49.98
CA THR G 23 -21.11 -15.05 50.52
C THR G 23 -19.92 -15.18 49.58
N VAL G 24 -19.29 -14.04 49.28
CA VAL G 24 -18.15 -13.94 48.37
C VAL G 24 -16.97 -13.36 49.13
N SER G 25 -15.80 -13.99 49.02
CA SER G 25 -14.62 -13.51 49.71
C SER G 25 -13.40 -13.64 48.80
N GLY G 26 -12.71 -12.52 48.57
CA GLY G 26 -11.54 -12.52 47.72
C GLY G 26 -11.77 -12.08 46.29
N GLY G 27 -12.43 -10.94 46.11
CA GLY G 27 -12.70 -10.40 44.79
C GLY G 27 -13.81 -9.39 44.91
N SER G 28 -13.92 -8.52 43.91
CA SER G 28 -14.93 -7.48 43.93
C SER G 28 -16.25 -8.04 43.42
N ILE G 29 -17.33 -7.77 44.18
CA ILE G 29 -18.66 -8.06 43.67
C ILE G 29 -19.01 -7.08 42.57
N SER G 30 -18.43 -5.89 42.58
CA SER G 30 -18.45 -5.02 41.42
C SER G 30 -17.32 -5.48 40.50
N GLY G 31 -17.57 -6.54 39.74
CA GLY G 31 -16.63 -7.06 38.78
C GLY G 31 -17.20 -7.00 37.38
N GLY G 32 -16.45 -6.38 36.45
CA GLY G 32 -16.93 -5.87 35.18
C GLY G 32 -17.79 -6.75 34.30
N GLY G 33 -17.24 -7.86 33.81
CA GLY G 33 -18.00 -8.75 32.95
C GLY G 33 -18.54 -9.94 33.70
N TYR G 34 -19.02 -9.72 34.92
CA TYR G 34 -19.48 -10.80 35.79
C TYR G 34 -20.95 -10.65 36.10
N TYR G 35 -21.69 -11.75 35.97
CA TYR G 35 -23.04 -11.88 36.51
C TYR G 35 -22.95 -12.60 37.87
N TRP G 36 -24.09 -12.80 38.51
CA TRP G 36 -24.12 -13.54 39.77
C TRP G 36 -25.44 -14.30 39.82
N SER G 37 -25.41 -15.60 39.57
CA SER G 37 -26.62 -16.38 39.31
C SER G 37 -27.04 -17.19 40.52
N TRP G 38 -28.23 -17.80 40.41
CA TRP G 38 -28.77 -18.74 41.38
C TRP G 38 -29.24 -19.99 40.64
N ILE G 39 -28.91 -21.16 41.19
CA ILE G 39 -29.34 -22.43 40.62
C ILE G 39 -29.91 -23.29 41.73
N ARG G 40 -31.17 -23.70 41.57
CA ARG G 40 -31.76 -24.70 42.44
C ARG G 40 -31.77 -26.04 41.75
N GLN G 41 -31.78 -27.10 42.57
CA GLN G 41 -31.81 -28.47 42.07
C GLN G 41 -32.72 -29.26 42.98
N HIS G 42 -33.93 -29.55 42.51
CA HIS G 42 -34.91 -30.19 43.38
C HIS G 42 -34.59 -31.69 43.51
N PRO G 43 -34.77 -32.27 44.69
CA PRO G 43 -34.51 -33.71 44.86
C PRO G 43 -35.49 -34.53 44.06
N GLY G 44 -34.97 -35.28 43.09
CA GLY G 44 -35.78 -36.05 42.17
C GLY G 44 -35.90 -35.45 40.80
N LYS G 45 -35.35 -34.25 40.58
CA LYS G 45 -35.36 -33.61 39.28
C LYS G 45 -33.95 -33.14 38.95
N GLY G 46 -33.83 -32.40 37.85
CA GLY G 46 -32.58 -31.78 37.48
C GLY G 46 -32.42 -30.43 38.17
N LEU G 47 -31.72 -29.53 37.50
CA LEU G 47 -31.56 -28.18 37.99
C LEU G 47 -32.32 -27.19 37.11
N GLU G 48 -32.57 -26.01 37.67
CA GLU G 48 -33.37 -24.99 37.04
C GLU G 48 -32.73 -23.63 37.31
N PHE G 49 -32.80 -22.75 36.32
CA PHE G 49 -32.31 -21.40 36.48
C PHE G 49 -33.34 -20.54 37.21
N ILE G 50 -32.86 -19.61 38.03
CA ILE G 50 -33.72 -18.68 38.76
C ILE G 50 -33.43 -17.23 38.37
N GLY G 51 -32.21 -16.76 38.59
CA GLY G 51 -31.92 -15.36 38.31
C GLY G 51 -30.50 -14.90 38.48
N TYR G 52 -30.04 -14.00 37.61
CA TYR G 52 -28.73 -13.38 37.75
C TYR G 52 -28.89 -11.87 37.87
N ILE G 53 -27.78 -11.22 38.25
CA ILE G 53 -27.77 -9.79 38.55
C ILE G 53 -26.50 -9.16 37.99
N TYR G 54 -26.65 -7.94 37.46
CA TYR G 54 -25.54 -7.14 36.98
C TYR G 54 -25.55 -5.83 37.76
N TYR G 55 -24.40 -5.44 38.31
CA TYR G 55 -24.35 -4.40 39.35
C TYR G 55 -24.47 -2.98 38.79
N ASN G 56 -24.80 -2.82 37.52
CA ASN G 56 -25.25 -1.54 37.01
C ASN G 56 -26.66 -1.70 36.46
N ARG G 57 -27.51 -2.30 37.29
CA ARG G 57 -28.96 -2.43 37.10
C ARG G 57 -29.28 -3.34 35.90
N GLY G 58 -28.69 -4.53 35.94
CA GLY G 58 -29.09 -5.59 35.04
C GLY G 58 -29.65 -6.76 35.80
N THR G 59 -30.95 -7.01 35.63
CA THR G 59 -31.64 -8.11 36.27
C THR G 59 -32.23 -9.01 35.20
N TYR G 60 -32.34 -10.29 35.52
CA TYR G 60 -33.12 -11.22 34.70
C TYR G 60 -33.57 -12.38 35.57
N TYR G 61 -34.83 -12.74 35.45
CA TYR G 61 -35.46 -13.79 36.24
C TYR G 61 -36.04 -14.86 35.32
N ASN G 62 -36.27 -16.03 35.88
CA ASN G 62 -36.96 -17.09 35.14
C ASN G 62 -38.43 -16.76 35.10
N PRO G 63 -39.05 -16.65 33.92
CA PRO G 63 -40.46 -16.26 33.84
C PRO G 63 -41.44 -17.27 34.41
N ALA G 64 -41.01 -18.50 34.71
CA ALA G 64 -41.88 -19.44 35.39
C ALA G 64 -42.14 -19.02 36.83
N LEU G 65 -41.17 -18.38 37.48
CA LEU G 65 -41.35 -17.90 38.84
C LEU G 65 -41.90 -16.48 38.91
N LYS G 66 -42.32 -15.93 37.77
CA LYS G 66 -43.36 -14.91 37.68
C LYS G 66 -43.02 -13.62 38.42
N SER G 67 -41.74 -13.24 38.38
CA SER G 67 -41.26 -11.94 38.85
C SER G 67 -41.56 -11.71 40.34
N ARG G 68 -41.53 -12.79 41.12
CA ARG G 68 -41.73 -12.72 42.56
C ARG G 68 -40.42 -12.63 43.33
N LEU G 69 -39.42 -11.98 42.76
CA LEU G 69 -38.06 -12.03 43.25
C LEU G 69 -37.48 -10.63 43.28
N THR G 70 -36.62 -10.36 44.27
CA THR G 70 -35.72 -9.23 44.24
C THR G 70 -34.32 -9.73 44.61
N ILE G 71 -33.32 -9.24 43.90
CA ILE G 71 -31.92 -9.57 44.17
C ILE G 71 -31.17 -8.27 44.46
N SER G 72 -30.65 -8.16 45.69
CA SER G 72 -30.03 -6.95 46.17
C SER G 72 -28.55 -7.20 46.43
N VAL G 73 -27.76 -6.13 46.34
CA VAL G 73 -26.31 -6.19 46.48
C VAL G 73 -25.88 -5.22 47.57
N ASP G 74 -25.04 -5.69 48.50
CA ASP G 74 -24.44 -4.84 49.52
C ASP G 74 -22.93 -4.92 49.39
N THR G 75 -22.31 -3.80 49.05
CA THR G 75 -20.91 -3.77 48.66
C THR G 75 -19.95 -3.90 49.84
N SER G 76 -20.41 -3.65 51.07
CA SER G 76 -19.51 -3.62 52.21
C SER G 76 -19.02 -5.02 52.56
N LYS G 77 -19.94 -5.95 52.79
CA LYS G 77 -19.57 -7.32 53.08
C LYS G 77 -19.31 -8.14 51.82
N ASN G 78 -19.25 -7.49 50.65
CA ASN G 78 -18.87 -8.07 49.36
C ASN G 78 -19.89 -9.12 48.89
N ASP G 79 -21.14 -9.02 49.36
CA ASP G 79 -22.12 -10.08 49.16
C ASP G 79 -23.43 -9.53 48.63
N PHE G 80 -24.16 -10.39 47.92
CA PHE G 80 -25.47 -10.09 47.37
C PHE G 80 -26.50 -11.03 47.98
N SER G 81 -27.75 -10.92 47.51
CA SER G 81 -28.87 -11.55 48.19
C SER G 81 -29.88 -12.07 47.17
N LEU G 82 -31.06 -12.41 47.69
CA LEU G 82 -32.17 -13.05 46.98
C LEU G 82 -33.38 -13.03 47.90
N LYS G 83 -34.56 -12.79 47.34
CA LYS G 83 -35.79 -12.74 48.12
C LYS G 83 -36.89 -13.54 47.44
N LEU G 84 -37.44 -14.51 48.16
CA LEU G 84 -38.67 -15.19 47.77
C LEU G 84 -39.86 -14.54 48.44
N SER G 85 -41.03 -14.65 47.82
CA SER G 85 -42.29 -14.22 48.40
C SER G 85 -43.30 -15.34 48.27
N SER G 86 -43.95 -15.69 49.39
CA SER G 86 -45.01 -16.70 49.47
C SER G 86 -44.53 -18.07 48.98
N VAL G 87 -43.59 -18.62 49.75
CA VAL G 87 -43.06 -19.94 49.45
C VAL G 87 -44.11 -21.02 49.72
N SER G 88 -43.88 -22.21 49.18
CA SER G 88 -44.77 -23.34 49.40
C SER G 88 -43.92 -24.55 49.78
N ALA G 89 -44.56 -25.71 49.85
CA ALA G 89 -43.85 -26.94 50.21
C ALA G 89 -42.96 -27.44 49.08
N ALA G 90 -43.19 -27.00 47.84
CA ALA G 90 -42.40 -27.48 46.72
C ALA G 90 -41.01 -26.89 46.69
N ASP G 91 -40.75 -25.83 47.46
CA ASP G 91 -39.48 -25.12 47.43
C ASP G 91 -38.36 -25.85 48.17
N THR G 92 -38.62 -27.02 48.75
CA THR G 92 -37.62 -27.78 49.49
C THR G 92 -36.61 -28.36 48.52
N ALA G 93 -35.45 -27.72 48.42
CA ALA G 93 -34.43 -28.10 47.45
C ALA G 93 -33.09 -27.51 47.86
N VAL G 94 -32.03 -28.20 47.48
CA VAL G 94 -30.67 -27.71 47.71
C VAL G 94 -30.41 -26.56 46.75
N TYR G 95 -29.84 -25.47 47.27
CA TYR G 95 -29.70 -24.24 46.51
C TYR G 95 -28.23 -23.89 46.29
N TYR G 96 -27.91 -23.49 45.06
CA TYR G 96 -26.56 -23.15 44.62
C TYR G 96 -26.54 -21.74 44.03
N CYS G 97 -25.41 -21.05 44.13
CA CYS G 97 -25.22 -19.75 43.51
C CYS G 97 -23.88 -19.70 42.78
N ALA G 98 -23.85 -19.04 41.62
CA ALA G 98 -22.67 -19.07 40.76
C ALA G 98 -22.58 -17.77 39.96
N ARG G 99 -21.67 -17.77 38.98
CA ARG G 99 -21.25 -16.58 38.25
C ARG G 99 -21.23 -16.85 36.75
N CYS G 100 -21.61 -15.85 35.95
CA CYS G 100 -21.50 -15.90 34.50
C CYS G 100 -20.50 -14.86 34.01
N VAL G 101 -19.70 -15.25 33.01
CA VAL G 101 -18.72 -14.37 32.38
C VAL G 101 -19.16 -14.13 30.95
N LEU G 102 -19.00 -12.88 30.50
CA LEU G 102 -19.41 -12.47 29.16
C LEU G 102 -18.33 -12.52 28.07
N GLY G 103 -17.08 -12.28 28.41
CA GLY G 103 -16.01 -12.27 27.41
C GLY G 103 -15.17 -13.53 27.35
N GLY G 104 -15.16 -14.32 28.41
CA GLY G 104 -14.21 -15.43 28.49
C GLY G 104 -14.82 -16.75 28.10
N TYR G 105 -15.20 -17.54 29.10
CA TYR G 105 -15.76 -18.87 28.84
C TYR G 105 -17.18 -18.79 28.28
N GLY G 106 -18.08 -18.13 29.01
CA GLY G 106 -19.39 -17.83 28.48
C GLY G 106 -20.58 -18.38 29.25
N SER G 107 -20.33 -18.95 30.42
CA SER G 107 -21.37 -19.68 31.15
C SER G 107 -20.97 -19.79 32.62
N ASP G 108 -21.58 -20.77 33.32
CA ASP G 108 -21.27 -21.07 34.72
C ASP G 108 -20.13 -22.05 34.86
N ALA G 109 -19.21 -22.02 33.89
CA ALA G 109 -18.12 -23.00 33.88
C ALA G 109 -16.71 -22.46 33.95
N PHE G 110 -16.15 -22.51 35.16
CA PHE G 110 -14.80 -22.08 35.47
C PHE G 110 -14.47 -22.56 36.88
N ASP G 111 -15.17 -23.62 37.33
CA ASP G 111 -15.04 -24.18 38.67
C ASP G 111 -15.20 -23.03 39.64
N ARG G 112 -16.31 -22.30 39.54
CA ARG G 112 -16.53 -21.15 40.40
C ARG G 112 -17.99 -20.92 40.79
N TRP G 113 -18.39 -21.49 41.93
CA TRP G 113 -19.74 -21.35 42.45
C TRP G 113 -19.79 -21.70 43.94
N GLY G 114 -20.91 -21.39 44.59
CA GLY G 114 -21.08 -21.67 46.02
C GLY G 114 -21.01 -23.15 46.34
N GLN G 115 -20.52 -23.49 47.53
CA GLN G 115 -20.39 -24.89 47.90
C GLN G 115 -21.71 -25.55 48.20
N GLY G 116 -22.79 -24.81 48.42
CA GLY G 116 -24.10 -25.37 48.58
C GLY G 116 -24.69 -25.19 49.97
N THR G 117 -26.02 -25.16 49.99
CA THR G 117 -26.79 -25.11 51.22
C THR G 117 -28.16 -25.72 50.94
N THR G 118 -28.83 -26.16 52.00
CA THR G 118 -30.10 -26.86 51.87
C THR G 118 -31.22 -26.08 52.55
N VAL G 119 -32.40 -26.14 51.97
CA VAL G 119 -33.60 -25.48 52.49
C VAL G 119 -34.70 -26.54 52.62
N THR G 120 -35.33 -26.60 53.78
CA THR G 120 -36.40 -27.54 54.05
C THR G 120 -37.66 -26.80 54.46
N VAL G 121 -38.76 -27.07 53.76
CA VAL G 121 -40.07 -26.49 54.04
C VAL G 121 -41.07 -27.64 54.20
N SER G 122 -41.82 -27.63 55.29
CA SER G 122 -42.87 -28.60 55.54
C SER G 122 -43.98 -27.92 56.34
N SER G 123 -44.85 -28.73 56.92
CA SER G 123 -45.93 -28.21 57.74
C SER G 123 -45.47 -27.66 59.07
N GLU H 1 -40.16 -19.64 24.79
CA GLU H 1 -38.94 -20.05 25.45
C GLU H 1 -38.13 -21.00 24.56
N ILE H 2 -37.07 -21.56 25.13
CA ILE H 2 -36.20 -22.51 24.46
C ILE H 2 -36.09 -23.73 25.35
N VAL H 3 -36.27 -24.92 24.78
CA VAL H 3 -36.24 -26.16 25.55
C VAL H 3 -35.20 -27.08 24.93
N LEU H 4 -34.24 -27.51 25.75
CA LEU H 4 -33.23 -28.46 25.34
C LEU H 4 -33.74 -29.87 25.60
N THR H 5 -34.21 -30.53 24.56
CA THR H 5 -34.65 -31.92 24.66
C THR H 5 -33.42 -32.82 24.61
N GLN H 6 -33.26 -33.67 25.62
CA GLN H 6 -32.05 -34.46 25.77
C GLN H 6 -32.41 -35.94 25.74
N SER H 7 -31.65 -36.71 24.98
CA SER H 7 -31.87 -38.14 24.86
C SER H 7 -30.56 -38.87 24.52
N PRO H 8 -30.29 -39.97 25.23
CA PRO H 8 -31.28 -40.89 25.77
C PRO H 8 -31.63 -40.57 27.22
N VAL H 9 -32.30 -41.50 27.89
CA VAL H 9 -32.71 -41.30 29.28
C VAL H 9 -31.67 -41.75 30.29
N THR H 10 -31.35 -43.05 30.27
CA THR H 10 -30.39 -43.62 31.20
C THR H 10 -29.60 -44.69 30.47
N LEU H 11 -28.42 -44.32 29.96
CA LEU H 11 -27.57 -45.29 29.27
C LEU H 11 -26.96 -46.27 30.26
N SER H 12 -27.08 -47.55 29.96
CA SER H 12 -26.44 -48.62 30.73
C SER H 12 -25.13 -48.95 30.05
N LEU H 13 -24.03 -48.41 30.58
CA LEU H 13 -22.74 -48.50 29.91
C LEU H 13 -21.68 -48.97 30.90
N SER H 14 -20.80 -49.86 30.43
CA SER H 14 -19.65 -50.48 31.08
C SER H 14 -18.43 -49.55 31.00
N PRO H 15 -17.47 -49.68 31.91
CA PRO H 15 -16.28 -48.81 31.86
C PRO H 15 -15.38 -49.16 30.68
N GLY H 16 -14.99 -48.13 29.92
CA GLY H 16 -14.07 -48.26 28.81
C GLY H 16 -14.68 -48.02 27.45
N GLU H 17 -16.01 -47.93 27.35
CA GLU H 17 -16.67 -47.82 26.06
C GLU H 17 -16.66 -46.39 25.56
N ARG H 18 -17.27 -46.18 24.39
CA ARG H 18 -17.45 -44.85 23.83
C ARG H 18 -18.87 -44.37 24.07
N ALA H 19 -18.99 -43.26 24.79
CA ALA H 19 -20.28 -42.66 25.10
C ALA H 19 -20.48 -41.43 24.22
N ILE H 20 -21.73 -41.22 23.81
CA ILE H 20 -22.13 -40.03 23.04
C ILE H 20 -23.43 -39.53 23.63
N LEU H 21 -23.48 -38.24 23.96
CA LEU H 21 -24.72 -37.58 24.35
C LEU H 21 -25.15 -36.61 23.26
N SER H 22 -26.43 -36.26 23.28
CA SER H 22 -27.03 -35.42 22.25
C SER H 22 -28.04 -34.51 22.91
N CYS H 23 -27.73 -33.22 22.97
CA CYS H 23 -28.62 -32.22 23.52
C CYS H 23 -29.15 -31.43 22.32
N ARG H 24 -30.18 -31.97 21.68
CA ARG H 24 -30.75 -31.38 20.48
C ARG H 24 -31.77 -30.33 20.88
N ALA H 25 -31.65 -29.14 20.31
CA ALA H 25 -32.41 -28.01 20.80
C ALA H 25 -33.69 -27.82 19.99
N SER H 26 -34.63 -27.08 20.58
CA SER H 26 -35.85 -26.73 19.86
C SER H 26 -35.57 -25.71 18.77
N GLN H 27 -34.55 -24.88 18.94
CA GLN H 27 -34.13 -23.98 17.89
C GLN H 27 -32.64 -23.73 18.05
N SER H 28 -32.00 -23.33 16.96
CA SER H 28 -30.55 -23.22 16.93
C SER H 28 -30.07 -21.99 17.70
N VAL H 29 -29.09 -22.20 18.58
CA VAL H 29 -28.36 -21.11 19.21
C VAL H 29 -26.88 -21.25 18.85
N SER H 30 -26.45 -22.49 18.66
CA SER H 30 -25.31 -22.90 17.84
C SER H 30 -23.92 -22.54 18.38
N SER H 31 -23.82 -21.70 19.41
CA SER H 31 -22.49 -21.46 19.96
C SER H 31 -22.48 -21.30 21.48
N HIS H 32 -23.64 -21.02 22.06
CA HIS H 32 -23.73 -20.70 23.47
C HIS H 32 -24.21 -21.92 24.25
N LEU H 33 -23.45 -23.01 24.10
CA LEU H 33 -23.73 -24.27 24.75
C LEU H 33 -22.71 -24.50 25.85
N ALA H 34 -23.10 -25.27 26.86
CA ALA H 34 -22.15 -25.73 27.86
C ALA H 34 -22.44 -27.21 28.15
N TRP H 35 -21.65 -27.77 29.06
CA TRP H 35 -21.84 -29.13 29.54
C TRP H 35 -21.37 -29.19 30.98
N TYR H 36 -22.30 -29.43 31.90
CA TYR H 36 -21.99 -29.42 33.32
C TYR H 36 -21.94 -30.85 33.84
N GLN H 37 -20.80 -31.23 34.39
CA GLN H 37 -20.66 -32.49 35.10
C GLN H 37 -20.98 -32.26 36.57
N GLN H 38 -21.87 -33.08 37.11
CA GLN H 38 -22.16 -33.05 38.53
C GLN H 38 -22.30 -34.48 39.03
N LYS H 39 -21.51 -34.83 40.02
CA LYS H 39 -21.76 -36.06 40.74
C LYS H 39 -22.87 -35.86 41.75
N PRO H 40 -23.58 -36.93 42.11
CA PRO H 40 -24.57 -36.81 43.19
C PRO H 40 -23.89 -36.60 44.54
N GLY H 41 -24.38 -35.61 45.28
CA GLY H 41 -23.77 -35.25 46.54
C GLY H 41 -22.60 -34.30 46.43
N GLN H 42 -22.33 -33.76 45.25
CA GLN H 42 -21.24 -32.84 45.02
C GLN H 42 -21.75 -31.56 44.36
N ALA H 43 -20.80 -30.75 43.90
CA ALA H 43 -21.09 -29.49 43.26
C ALA H 43 -20.94 -29.63 41.74
N PRO H 44 -21.58 -28.76 40.95
CA PRO H 44 -21.40 -28.81 39.50
C PRO H 44 -19.98 -28.45 39.08
N ARG H 45 -19.67 -28.79 37.82
CA ARG H 45 -18.34 -28.59 37.26
C ARG H 45 -18.46 -28.72 35.74
N LEU H 46 -17.66 -27.95 35.01
CA LEU H 46 -17.77 -27.92 33.55
C LEU H 46 -17.09 -29.12 32.90
N LEU H 47 -17.75 -29.68 31.87
CA LEU H 47 -17.04 -30.49 30.89
C LEU H 47 -16.50 -29.63 29.73
N ILE H 48 -17.39 -29.02 28.96
CA ILE H 48 -17.03 -28.35 27.71
C ILE H 48 -17.79 -27.04 27.61
N TYR H 49 -17.06 -25.95 27.39
CA TYR H 49 -17.67 -24.66 27.10
C TYR H 49 -17.55 -24.36 25.62
N ASP H 50 -18.52 -23.61 25.09
CA ASP H 50 -18.63 -23.23 23.67
C ASP H 50 -18.67 -24.43 22.72
N ALA H 51 -19.20 -25.56 23.22
CA ALA H 51 -19.57 -26.75 22.47
C ALA H 51 -18.42 -27.54 21.85
N SER H 52 -17.19 -27.00 21.87
CA SER H 52 -16.03 -27.77 21.48
C SER H 52 -14.79 -27.53 22.32
N SER H 53 -14.74 -26.47 23.13
CA SER H 53 -13.50 -26.08 23.80
C SER H 53 -13.35 -26.86 25.10
N ARG H 54 -12.22 -27.55 25.25
CA ARG H 54 -11.99 -28.33 26.45
C ARG H 54 -11.67 -27.43 27.63
N ALA H 55 -11.92 -27.94 28.83
CA ALA H 55 -11.71 -27.16 30.04
C ALA H 55 -10.36 -27.46 30.66
N ASN H 56 -9.76 -26.44 31.24
CA ASN H 56 -8.45 -26.58 31.85
C ASN H 56 -8.56 -27.35 33.15
N GLY H 57 -7.99 -28.55 33.17
CA GLY H 57 -8.19 -29.51 34.22
C GLY H 57 -8.88 -30.77 33.74
N ILE H 58 -9.81 -30.65 32.80
CA ILE H 58 -10.37 -31.80 32.10
C ILE H 58 -9.31 -32.32 31.15
N PRO H 59 -8.90 -33.59 31.24
CA PRO H 59 -7.97 -34.13 30.26
C PRO H 59 -8.65 -34.34 28.92
N ALA H 60 -7.81 -34.56 27.89
CA ALA H 60 -8.25 -34.52 26.51
C ALA H 60 -9.06 -35.74 26.08
N ARG H 61 -9.39 -36.66 26.97
CA ARG H 61 -10.19 -37.82 26.59
C ARG H 61 -11.64 -37.44 26.28
N PHE H 62 -12.12 -36.31 26.78
CA PHE H 62 -13.41 -35.77 26.37
C PHE H 62 -13.17 -34.74 25.27
N SER H 63 -14.24 -34.42 24.55
CA SER H 63 -14.22 -33.34 23.59
C SER H 63 -15.66 -32.92 23.32
N GLY H 64 -15.80 -31.84 22.56
CA GLY H 64 -17.10 -31.40 22.10
C GLY H 64 -17.08 -31.20 20.60
N SER H 65 -18.22 -31.48 19.98
CA SER H 65 -18.31 -31.42 18.53
C SER H 65 -19.74 -31.11 18.13
N GLY H 66 -19.88 -30.47 16.99
CA GLY H 66 -21.19 -30.17 16.46
C GLY H 66 -21.69 -28.80 16.87
N SER H 67 -22.37 -28.13 15.95
CA SER H 67 -23.02 -26.86 16.24
C SER H 67 -24.22 -26.72 15.31
N GLY H 68 -25.06 -25.74 15.61
CA GLY H 68 -26.35 -25.66 14.95
C GLY H 68 -27.48 -26.06 15.87
N THR H 69 -28.02 -27.27 15.69
CA THR H 69 -29.00 -27.81 16.61
C THR H 69 -28.60 -29.15 17.22
N ASP H 70 -27.89 -30.00 16.48
CA ASP H 70 -27.62 -31.38 16.90
C ASP H 70 -26.22 -31.42 17.51
N PHE H 71 -26.15 -31.40 18.83
CA PHE H 71 -24.92 -31.18 19.55
C PHE H 71 -24.42 -32.51 20.11
N THR H 72 -23.13 -32.56 20.42
CA THR H 72 -22.51 -33.82 20.82
C THR H 72 -21.55 -33.60 21.96
N LEU H 73 -21.75 -34.33 23.05
CA LEU H 73 -20.77 -34.45 24.12
C LEU H 73 -19.97 -35.72 23.88
N THR H 74 -18.83 -35.60 23.20
CA THR H 74 -18.06 -36.75 22.77
C THR H 74 -17.27 -37.28 23.96
N ILE H 75 -17.38 -38.59 24.19
CA ILE H 75 -16.66 -39.26 25.27
C ILE H 75 -15.90 -40.44 24.65
N SER H 76 -14.58 -40.43 24.80
CA SER H 76 -13.77 -41.52 24.25
C SER H 76 -13.87 -42.76 25.13
N SER H 77 -13.46 -42.65 26.39
CA SER H 77 -13.52 -43.78 27.31
C SER H 77 -14.07 -43.29 28.65
N LEU H 78 -15.10 -43.97 29.14
CA LEU H 78 -15.69 -43.61 30.42
C LEU H 78 -14.79 -44.05 31.57
N ALA H 79 -14.79 -43.24 32.62
CA ALA H 79 -14.02 -43.49 33.83
C ALA H 79 -14.93 -43.96 34.95
N PRO H 80 -14.41 -44.74 35.90
CA PRO H 80 -15.21 -45.07 37.09
C PRO H 80 -15.53 -43.87 37.97
N GLU H 81 -14.79 -42.77 37.83
CA GLU H 81 -15.12 -41.50 38.48
C GLU H 81 -15.92 -40.57 37.56
N ASP H 82 -16.66 -41.13 36.59
CA ASP H 82 -17.47 -40.35 35.68
C ASP H 82 -18.90 -40.85 35.52
N PHE H 83 -19.27 -41.95 36.18
CA PHE H 83 -20.63 -42.47 36.11
C PHE H 83 -21.53 -41.61 36.98
N ALA H 84 -21.95 -40.47 36.43
CA ALA H 84 -22.66 -39.47 37.20
C ALA H 84 -23.67 -38.77 36.30
N VAL H 85 -24.16 -37.63 36.75
CA VAL H 85 -25.29 -36.96 36.11
C VAL H 85 -24.76 -35.84 35.23
N TYR H 86 -25.16 -35.84 33.96
CA TYR H 86 -24.66 -34.90 32.96
C TYR H 86 -25.80 -34.05 32.44
N TYR H 87 -25.53 -32.76 32.25
CA TYR H 87 -26.53 -31.78 31.88
C TYR H 87 -26.06 -31.02 30.64
N CYS H 88 -26.95 -30.17 30.12
CA CYS H 88 -26.59 -29.23 29.07
C CYS H 88 -27.29 -27.90 29.32
N GLN H 89 -26.80 -26.84 28.68
CA GLN H 89 -27.39 -25.52 28.88
C GLN H 89 -27.29 -24.63 27.64
N GLN H 90 -28.37 -23.90 27.38
CA GLN H 90 -28.42 -22.99 26.25
C GLN H 90 -28.32 -21.55 26.74
N ARG H 91 -27.53 -20.75 26.05
CA ARG H 91 -27.37 -19.34 26.43
C ARG H 91 -28.37 -18.46 25.72
N SER H 92 -28.15 -17.15 25.76
CA SER H 92 -29.04 -16.20 25.12
C SER H 92 -28.36 -14.86 24.88
N SER H 93 -28.63 -14.26 23.73
CA SER H 93 -28.03 -12.98 23.38
C SER H 93 -29.01 -11.82 23.58
N TRP H 94 -29.93 -11.66 22.63
CA TRP H 94 -30.92 -10.60 22.72
C TRP H 94 -31.83 -10.86 23.92
N PRO H 95 -32.72 -11.84 23.80
CA PRO H 95 -33.64 -12.20 24.88
C PRO H 95 -32.95 -13.07 25.92
N PRO H 96 -33.25 -12.83 27.20
CA PRO H 96 -32.66 -13.58 28.32
C PRO H 96 -33.45 -14.84 28.67
N SER H 97 -32.88 -16.00 28.37
CA SER H 97 -33.53 -17.27 28.65
C SER H 97 -32.55 -18.22 29.36
N LEU H 98 -31.60 -18.72 28.58
CA LEU H 98 -30.55 -19.64 29.06
C LEU H 98 -30.98 -20.68 30.09
N THR H 99 -32.24 -21.10 30.04
CA THR H 99 -32.73 -22.10 30.99
C THR H 99 -31.74 -23.25 31.12
N PHE H 100 -32.26 -24.47 31.07
CA PHE H 100 -31.44 -25.66 31.17
C PHE H 100 -32.20 -26.85 30.64
N GLY H 101 -31.51 -27.99 30.56
CA GLY H 101 -32.05 -29.20 29.98
C GLY H 101 -32.56 -30.17 31.00
N GLY H 102 -32.69 -31.42 30.57
CA GLY H 102 -33.29 -32.45 31.40
C GLY H 102 -32.29 -33.37 32.07
N GLY H 103 -31.31 -33.84 31.34
CA GLY H 103 -30.28 -34.64 31.96
C GLY H 103 -30.27 -36.08 31.48
N THR H 104 -29.08 -36.67 31.46
CA THR H 104 -28.92 -38.09 31.15
C THR H 104 -27.88 -38.66 32.12
N LYS H 105 -28.27 -39.71 32.84
CA LYS H 105 -27.46 -40.28 33.90
C LYS H 105 -26.93 -41.62 33.40
N VAL H 106 -25.61 -41.78 33.42
CA VAL H 106 -25.00 -42.99 32.88
C VAL H 106 -25.02 -44.08 33.94
N GLU H 107 -25.73 -45.16 33.64
CA GLU H 107 -25.77 -46.32 34.51
C GLU H 107 -24.49 -47.13 34.32
N ILE H 108 -23.99 -47.71 35.40
CA ILE H 108 -22.85 -48.63 35.36
C ILE H 108 -23.36 -50.05 35.54
N ARG H 109 -23.17 -50.87 34.52
CA ARG H 109 -23.68 -52.23 34.50
C ARG H 109 -22.95 -53.13 35.49
#